data_8TD8
#
_entry.id   8TD8
#
_cell.length_a   112.148
_cell.length_b   180.892
_cell.length_c   87.989
_cell.angle_alpha   90.00
_cell.angle_beta   106.71
_cell.angle_gamma   90.00
#
_symmetry.space_group_name_H-M   'C 1 2 1'
#
loop_
_entity.id
_entity.type
_entity.pdbx_description
1 polymer 'Pyrroline-5-carboxylate reductase 1, mitochondrial'
2 non-polymer '(2S)-2-hydroxy-3,3-dimethylbutanoic acid'
3 non-polymer '1,4-DIHYDRONICOTINAMIDE ADENINE DINUCLEOTIDE'
4 non-polymer 'SULFATE ION'
5 water water
#
_entity_poly.entity_id   1
_entity_poly.type   'polypeptide(L)'
_entity_poly.pdbx_seq_one_letter_code
;MHHHHHHSSGVDLGTENLYFQSMSVGFIGAGQLAFALAKGFTAAGVLAAHKIMASSPDMDLATVSALRKMGVKLTPHNKE
TVQHSDVLFLAVKPHIIPFILDEIGADIEDRHIVVSCAAGVTISSIEKKLSAFRPAPRVIRCMTNTPVVVREGATVYATG
THAQVEDGRLMEQLLSSVGFCTEVEEDLIDAVTGLSGSGPAYAFTALDALADGGVKMGLPRRLAVRLGAQALLGAAKMLL
HSEQHPGQLKDNVSSPGGATIHALHVLESGGFRSLLINAVEASCIRTRELQSMADQEQVSPAAIKKTILDKVKLDS
;
_entity_poly.pdbx_strand_id   A,B,C,D,E
#
# COMPACT_ATOMS: atom_id res chain seq x y z
N SER A 22 22.74 -32.05 -6.14
CA SER A 22 22.93 -33.12 -5.17
C SER A 22 22.13 -32.88 -3.89
N MET A 23 21.94 -31.62 -3.55
CA MET A 23 21.38 -31.26 -2.26
C MET A 23 19.88 -31.56 -2.24
N SER A 24 19.43 -32.15 -1.14
CA SER A 24 18.01 -32.37 -0.89
C SER A 24 17.51 -31.27 0.03
N VAL A 25 16.38 -30.68 -0.33
CA VAL A 25 15.79 -29.56 0.40
C VAL A 25 14.39 -29.95 0.86
N GLY A 26 14.05 -29.58 2.09
CA GLY A 26 12.73 -29.83 2.61
C GLY A 26 12.08 -28.56 3.11
N PHE A 27 10.76 -28.51 3.00
CA PHE A 27 9.95 -27.45 3.58
C PHE A 27 8.93 -28.08 4.52
N ILE A 28 8.99 -27.73 5.79
CA ILE A 28 7.91 -28.02 6.73
CA ILE A 28 7.90 -28.04 6.70
C ILE A 28 6.91 -26.87 6.59
N GLY A 29 5.76 -27.15 5.99
CA GLY A 29 4.83 -26.10 5.65
C GLY A 29 4.89 -25.86 4.16
N ALA A 30 3.85 -26.24 3.42
CA ALA A 30 3.82 -26.14 1.98
C ALA A 30 2.87 -25.02 1.57
N GLY A 31 3.22 -23.79 1.97
CA GLY A 31 2.39 -22.64 1.70
C GLY A 31 3.00 -21.61 0.76
N GLN A 32 2.67 -20.33 0.99
CA GLN A 32 3.12 -19.25 0.11
C GLN A 32 4.64 -19.18 0.03
N LEU A 33 5.32 -19.24 1.18
CA LEU A 33 6.76 -19.07 1.15
C LEU A 33 7.46 -20.28 0.56
N ALA A 34 7.01 -21.49 0.92
CA ALA A 34 7.57 -22.69 0.31
C ALA A 34 7.44 -22.66 -1.20
N PHE A 35 6.28 -22.22 -1.69
CA PHE A 35 6.13 -22.11 -3.15
C PHE A 35 7.08 -21.08 -3.72
N ALA A 36 7.15 -19.90 -3.10
CA ALA A 36 8.00 -18.84 -3.63
C ALA A 36 9.46 -19.26 -3.68
N LEU A 37 9.98 -19.86 -2.60
CA LEU A 37 11.36 -20.30 -2.60
C LEU A 37 11.58 -21.43 -3.59
N ALA A 38 10.68 -22.42 -3.62
CA ALA A 38 10.86 -23.55 -4.51
C ALA A 38 10.85 -23.09 -5.97
N LYS A 39 9.96 -22.15 -6.30
CA LYS A 39 9.93 -21.61 -7.65
C LYS A 39 11.22 -20.86 -7.97
N GLY A 40 11.70 -20.06 -7.03
CA GLY A 40 12.92 -19.32 -7.26
C GLY A 40 14.13 -20.24 -7.41
N PHE A 41 14.26 -21.23 -6.51
CA PHE A 41 15.40 -22.14 -6.57
C PHE A 41 15.42 -22.91 -7.89
N THR A 42 14.26 -23.38 -8.35
CA THR A 42 14.24 -24.19 -9.56
C THR A 42 14.43 -23.31 -10.80
N ALA A 43 13.88 -22.10 -10.79
CA ALA A 43 14.14 -21.18 -11.91
C ALA A 43 15.61 -20.80 -11.98
N ALA A 44 16.25 -20.64 -10.81
CA ALA A 44 17.67 -20.38 -10.75
C ALA A 44 18.51 -21.55 -11.22
N GLY A 45 17.91 -22.73 -11.38
CA GLY A 45 18.69 -23.89 -11.76
C GLY A 45 19.59 -24.44 -10.66
N VAL A 46 19.39 -24.03 -9.40
CA VAL A 46 20.26 -24.56 -8.36
C VAL A 46 19.74 -25.87 -7.78
N LEU A 47 18.43 -26.12 -7.86
CA LEU A 47 17.83 -27.34 -7.38
C LEU A 47 16.91 -27.90 -8.44
N ALA A 48 16.92 -29.23 -8.58
CA ALA A 48 15.86 -29.90 -9.31
C ALA A 48 14.61 -29.91 -8.45
N ALA A 49 13.45 -29.64 -9.08
CA ALA A 49 12.21 -29.59 -8.32
C ALA A 49 11.97 -30.88 -7.54
N HIS A 50 12.27 -32.03 -8.15
CA HIS A 50 12.03 -33.29 -7.46
C HIS A 50 13.04 -33.57 -6.35
N LYS A 51 14.04 -32.72 -6.14
CA LYS A 51 14.91 -32.85 -4.97
C LYS A 51 14.40 -32.03 -3.80
N ILE A 52 13.26 -31.37 -3.98
CA ILE A 52 12.56 -30.62 -2.93
C ILE A 52 11.38 -31.45 -2.46
N MET A 53 11.18 -31.50 -1.14
CA MET A 53 10.00 -32.12 -0.55
C MET A 53 9.35 -31.11 0.37
N ALA A 54 8.02 -31.05 0.35
CA ALA A 54 7.28 -30.15 1.20
C ALA A 54 6.14 -30.91 1.88
N SER A 55 5.82 -30.51 3.12
CA SER A 55 4.76 -31.18 3.84
C SER A 55 3.77 -30.18 4.41
N SER A 56 2.51 -30.62 4.46
CA SER A 56 1.40 -29.86 5.02
CA SER A 56 1.40 -29.86 5.02
C SER A 56 0.34 -30.85 5.44
N PRO A 57 -0.40 -30.58 6.52
CA PRO A 57 -1.45 -31.53 6.92
C PRO A 57 -2.52 -31.74 5.85
N ASP A 58 -2.83 -30.69 5.07
CA ASP A 58 -3.89 -30.72 4.06
C ASP A 58 -3.24 -30.79 2.68
N MET A 59 -3.24 -31.99 2.09
CA MET A 59 -2.65 -32.20 0.77
C MET A 59 -3.52 -31.67 -0.37
N ASP A 60 -4.67 -31.08 -0.07
CA ASP A 60 -5.57 -30.56 -1.10
C ASP A 60 -5.52 -29.03 -1.19
N LEU A 61 -4.54 -28.41 -0.54
CA LEU A 61 -4.40 -26.96 -0.59
C LEU A 61 -3.91 -26.50 -1.96
N ALA A 62 -4.18 -25.23 -2.27
CA ALA A 62 -3.81 -24.67 -3.56
C ALA A 62 -2.30 -24.56 -3.70
N THR A 63 -1.61 -24.03 -2.68
CA THR A 63 -0.16 -23.95 -2.72
C THR A 63 0.45 -25.32 -2.97
N VAL A 64 -0.17 -26.37 -2.39
CA VAL A 64 0.32 -27.74 -2.59
C VAL A 64 0.14 -28.15 -4.05
N SER A 65 -0.99 -27.79 -4.66
CA SER A 65 -1.22 -28.09 -6.07
C SER A 65 -0.14 -27.46 -6.95
N ALA A 66 0.16 -26.19 -6.69
CA ALA A 66 1.17 -25.50 -7.47
C ALA A 66 2.55 -26.13 -7.28
N LEU A 67 2.88 -26.50 -6.04
CA LEU A 67 4.14 -27.21 -5.80
C LEU A 67 4.17 -28.53 -6.56
N ARG A 68 3.07 -29.29 -6.46
CA ARG A 68 2.97 -30.57 -7.15
C ARG A 68 3.22 -30.40 -8.65
N LYS A 69 2.59 -29.40 -9.26
CA LYS A 69 2.74 -29.18 -10.70
C LYS A 69 4.18 -28.80 -11.07
N MET A 70 4.91 -28.17 -10.16
CA MET A 70 6.33 -27.91 -10.35
C MET A 70 7.18 -29.18 -10.39
N GLY A 71 6.68 -30.27 -9.80
CA GLY A 71 7.49 -31.46 -9.61
C GLY A 71 8.05 -31.65 -8.21
N VAL A 72 7.69 -30.78 -7.26
CA VAL A 72 8.10 -30.94 -5.88
C VAL A 72 7.40 -32.14 -5.27
N LYS A 73 8.10 -32.89 -4.41
CA LYS A 73 7.51 -34.02 -3.69
C LYS A 73 6.65 -33.50 -2.53
N LEU A 74 5.42 -33.99 -2.44
CA LEU A 74 4.50 -33.59 -1.38
C LEU A 74 4.22 -34.78 -0.47
N THR A 75 4.03 -34.50 0.82
CA THR A 75 3.64 -35.54 1.77
C THR A 75 2.95 -34.87 2.94
N PRO A 76 2.00 -35.54 3.58
CA PRO A 76 1.43 -34.99 4.83
C PRO A 76 2.35 -35.15 6.04
N HIS A 77 3.38 -35.98 5.95
CA HIS A 77 4.16 -36.39 7.11
C HIS A 77 5.43 -35.54 7.21
N ASN A 78 5.50 -34.73 8.27
CA ASN A 78 6.69 -33.89 8.46
C ASN A 78 7.95 -34.73 8.66
N LYS A 79 7.83 -35.94 9.23
CA LYS A 79 9.01 -36.76 9.43
C LYS A 79 9.63 -37.16 8.09
N GLU A 80 8.79 -37.40 7.07
CA GLU A 80 9.33 -37.74 5.75
C GLU A 80 10.11 -36.56 5.17
N THR A 81 9.60 -35.35 5.34
CA THR A 81 10.35 -34.18 4.90
C THR A 81 11.70 -34.09 5.61
N VAL A 82 11.72 -34.35 6.92
CA VAL A 82 12.97 -34.29 7.66
C VAL A 82 13.95 -35.34 7.14
N GLN A 83 13.48 -36.58 7.02
CA GLN A 83 14.35 -37.67 6.57
C GLN A 83 14.84 -37.45 5.16
N HIS A 84 14.05 -36.77 4.32
CA HIS A 84 14.50 -36.51 2.95
C HIS A 84 15.58 -35.43 2.91
N SER A 85 15.54 -34.47 3.82
CA SER A 85 16.23 -33.20 3.63
C SER A 85 17.68 -33.23 4.12
N ASP A 86 18.51 -32.42 3.47
CA ASP A 86 19.80 -31.98 3.98
C ASP A 86 19.70 -30.58 4.57
N VAL A 87 19.06 -29.66 3.85
CA VAL A 87 18.70 -28.34 4.34
C VAL A 87 17.21 -28.35 4.58
N LEU A 88 16.79 -27.97 5.79
CA LEU A 88 15.38 -28.10 6.19
C LEU A 88 14.85 -26.71 6.52
N PHE A 89 13.94 -26.21 5.70
CA PHE A 89 13.32 -24.91 5.92
C PHE A 89 12.08 -25.08 6.77
N LEU A 90 11.94 -24.25 7.79
CA LEU A 90 10.74 -24.19 8.61
C LEU A 90 9.88 -23.07 8.06
N ALA A 91 8.79 -23.43 7.41
CA ALA A 91 7.95 -22.49 6.67
C ALA A 91 6.50 -22.61 7.10
N VAL A 92 6.29 -22.77 8.41
CA VAL A 92 4.96 -22.71 8.99
C VAL A 92 4.79 -21.37 9.70
N LYS A 93 3.55 -21.05 10.05
CA LYS A 93 3.27 -19.83 10.80
C LYS A 93 4.03 -19.84 12.12
N PRO A 94 4.40 -18.66 12.63
CA PRO A 94 5.26 -18.63 13.84
C PRO A 94 4.71 -19.40 15.04
N HIS A 95 3.38 -19.37 15.26
CA HIS A 95 2.83 -20.08 16.42
C HIS A 95 2.82 -21.58 16.24
N ILE A 96 3.05 -22.07 15.02
CA ILE A 96 3.17 -23.50 14.77
C ILE A 96 4.58 -24.01 15.02
N ILE A 97 5.60 -23.13 14.99
CA ILE A 97 7.00 -23.58 15.11
C ILE A 97 7.23 -24.46 16.34
N PRO A 98 6.79 -24.09 17.55
CA PRO A 98 7.05 -24.99 18.71
C PRO A 98 6.43 -26.36 18.55
N PHE A 99 5.25 -26.44 17.94
CA PHE A 99 4.60 -27.73 17.80
C PHE A 99 5.39 -28.64 16.86
N ILE A 100 5.87 -28.12 15.73
CA ILE A 100 6.61 -29.02 14.85
C ILE A 100 8.01 -29.28 15.39
N LEU A 101 8.59 -28.39 16.19
CA LEU A 101 9.89 -28.72 16.79
C LEU A 101 9.75 -29.88 17.76
N ASP A 102 8.67 -29.89 18.56
CA ASP A 102 8.42 -31.06 19.40
C ASP A 102 8.15 -32.30 18.56
N GLU A 103 7.54 -32.12 17.39
CA GLU A 103 7.14 -33.28 16.58
C GLU A 103 8.35 -33.95 15.94
N ILE A 104 9.25 -33.17 15.32
CA ILE A 104 10.33 -33.77 14.54
C ILE A 104 11.69 -33.58 15.20
N GLY A 105 11.73 -33.06 16.42
CA GLY A 105 13.02 -32.83 17.08
C GLY A 105 13.86 -34.09 17.18
N ALA A 106 13.24 -35.22 17.48
CA ALA A 106 13.97 -36.48 17.58
C ALA A 106 14.48 -36.94 16.21
N ASP A 107 13.93 -36.41 15.12
CA ASP A 107 14.33 -36.79 13.78
C ASP A 107 15.44 -35.91 13.20
N ILE A 108 15.81 -34.83 13.88
CA ILE A 108 16.91 -33.99 13.41
C ILE A 108 18.23 -34.72 13.62
N GLU A 109 19.00 -34.85 12.55
CA GLU A 109 20.28 -35.55 12.60
C GLU A 109 21.42 -34.54 12.54
N ASP A 110 22.62 -35.02 12.89
CA ASP A 110 23.78 -34.13 12.89
C ASP A 110 24.03 -33.50 11.51
N ARG A 111 23.66 -34.19 10.44
CA ARG A 111 23.86 -33.70 9.07
C ARG A 111 22.92 -32.55 8.69
N HIS A 112 21.86 -32.29 9.46
CA HIS A 112 20.84 -31.32 9.05
C HIS A 112 21.29 -29.89 9.33
N ILE A 113 20.94 -29.00 8.40
CA ILE A 113 20.94 -27.57 8.62
C ILE A 113 19.47 -27.16 8.68
N VAL A 114 19.04 -26.65 9.84
CA VAL A 114 17.66 -26.25 10.06
C VAL A 114 17.56 -24.74 9.85
N VAL A 115 16.78 -24.33 8.86
CA VAL A 115 16.67 -22.92 8.52
C VAL A 115 15.26 -22.47 8.87
N SER A 116 15.13 -21.68 9.93
CA SER A 116 13.82 -21.15 10.28
C SER A 116 13.56 -19.88 9.48
N CYS A 117 12.44 -19.85 8.75
CA CYS A 117 11.99 -18.64 8.07
C CYS A 117 10.93 -17.88 8.85
N ALA A 118 10.51 -18.40 10.00
CA ALA A 118 9.34 -17.85 10.68
C ALA A 118 9.61 -16.45 11.25
N ALA A 119 8.69 -15.53 11.00
CA ALA A 119 8.82 -14.18 11.55
C ALA A 119 8.92 -14.21 13.07
N GLY A 120 9.88 -13.45 13.60
CA GLY A 120 9.95 -13.25 15.03
C GLY A 120 10.60 -14.35 15.85
N VAL A 121 10.54 -15.59 15.38
CA VAL A 121 10.95 -16.72 16.21
C VAL A 121 12.47 -16.74 16.38
N THR A 122 12.93 -16.77 17.62
CA THR A 122 14.35 -16.62 17.90
C THR A 122 15.11 -17.93 17.71
N ILE A 123 16.40 -17.80 17.37
CA ILE A 123 17.29 -18.95 17.34
C ILE A 123 17.31 -19.63 18.70
N SER A 124 17.35 -18.84 19.77
CA SER A 124 17.38 -19.41 21.13
C SER A 124 16.18 -20.31 21.39
N SER A 125 14.99 -19.89 20.98
CA SER A 125 13.80 -20.70 21.22
C SER A 125 13.87 -22.01 20.44
N ILE A 126 14.44 -21.96 19.23
CA ILE A 126 14.55 -23.15 18.40
C ILE A 126 15.58 -24.10 18.95
N GLU A 127 16.75 -23.57 19.32
CA GLU A 127 17.81 -24.44 19.84
C GLU A 127 17.39 -25.05 21.17
N LYS A 128 16.62 -24.34 21.98
CA LYS A 128 16.18 -24.90 23.26
C LYS A 128 15.34 -26.15 23.04
N LYS A 129 14.38 -26.08 22.10
CA LYS A 129 13.57 -27.25 21.76
C LYS A 129 14.43 -28.38 21.20
N LEU A 130 15.24 -28.09 20.17
CA LEU A 130 15.95 -29.16 19.47
C LEU A 130 17.07 -29.76 20.32
N SER A 131 17.70 -28.98 21.19
CA SER A 131 18.81 -29.49 22.00
C SER A 131 18.35 -30.54 23.01
N ALA A 132 17.05 -30.60 23.33
CA ALA A 132 16.55 -31.65 24.21
C ALA A 132 16.65 -33.03 23.58
N PHE A 133 16.83 -33.10 22.26
CA PHE A 133 17.03 -34.34 21.54
C PHE A 133 18.50 -34.54 21.20
N ARG A 134 18.96 -34.03 20.07
CA ARG A 134 20.41 -34.15 19.92
C ARG A 134 21.10 -32.86 20.35
N PRO A 135 22.32 -32.93 20.86
CA PRO A 135 22.88 -31.79 21.60
C PRO A 135 23.34 -30.59 20.77
N ALA A 136 23.60 -30.70 19.47
CA ALA A 136 24.23 -29.62 18.73
C ALA A 136 23.50 -29.29 17.43
N PRO A 137 22.21 -28.94 17.49
CA PRO A 137 21.48 -28.66 16.25
C PRO A 137 22.05 -27.46 15.52
N ARG A 138 22.19 -27.59 14.21
CA ARG A 138 22.73 -26.53 13.36
C ARG A 138 21.56 -25.69 12.87
N VAL A 139 21.39 -24.49 13.44
CA VAL A 139 20.22 -23.66 13.19
C VAL A 139 20.68 -22.35 12.54
N ILE A 140 19.93 -21.94 11.53
CA ILE A 140 20.08 -20.64 10.90
C ILE A 140 18.70 -20.00 10.87
N ARG A 141 18.62 -18.73 11.22
CA ARG A 141 17.36 -18.00 11.11
C ARG A 141 17.45 -17.06 9.91
N CYS A 142 16.38 -16.97 9.13
CA CYS A 142 16.40 -16.02 8.04
C CYS A 142 15.09 -15.25 7.96
N MET A 143 15.15 -14.13 7.25
CA MET A 143 13.98 -13.36 6.87
C MET A 143 14.13 -13.05 5.40
N THR A 144 13.09 -13.33 4.62
CA THR A 144 13.17 -13.15 3.18
C THR A 144 11.88 -12.46 2.77
N ASN A 145 11.50 -12.57 1.50
CA ASN A 145 10.22 -12.00 1.11
C ASN A 145 9.75 -12.67 -0.16
N THR A 146 8.49 -12.41 -0.53
CA THR A 146 7.90 -13.14 -1.64
C THR A 146 8.60 -12.94 -2.99
N PRO A 147 9.25 -11.80 -3.29
CA PRO A 147 9.91 -11.69 -4.59
C PRO A 147 11.04 -12.68 -4.87
N VAL A 148 11.38 -13.58 -3.94
CA VAL A 148 12.24 -14.68 -4.34
C VAL A 148 11.62 -15.46 -5.50
N VAL A 149 10.29 -15.38 -5.65
CA VAL A 149 9.61 -16.11 -6.72
C VAL A 149 10.04 -15.62 -8.10
N VAL A 150 10.48 -14.37 -8.21
CA VAL A 150 11.08 -13.85 -9.44
C VAL A 150 12.59 -13.63 -9.27
N ARG A 151 13.18 -14.29 -8.27
CA ARG A 151 14.62 -14.22 -8.01
C ARG A 151 15.10 -12.81 -7.72
N GLU A 152 14.25 -11.99 -7.11
CA GLU A 152 14.64 -10.66 -6.64
C GLU A 152 14.26 -10.46 -5.18
N GLY A 153 14.41 -11.52 -4.37
CA GLY A 153 14.13 -11.42 -2.95
C GLY A 153 15.17 -10.58 -2.23
N ALA A 154 14.81 -10.21 -1.00
CA ALA A 154 15.69 -9.53 -0.06
C ALA A 154 15.78 -10.43 1.18
N THR A 155 16.95 -11.00 1.42
CA THR A 155 17.11 -12.04 2.45
C THR A 155 18.26 -11.67 3.39
N VAL A 156 18.01 -11.80 4.69
CA VAL A 156 19.08 -11.74 5.69
C VAL A 156 19.08 -13.07 6.44
N TYR A 157 20.22 -13.42 7.02
CA TYR A 157 20.25 -14.62 7.85
C TYR A 157 21.24 -14.41 9.00
N ALA A 158 20.96 -15.10 10.12
CA ALA A 158 21.87 -15.15 11.26
C ALA A 158 22.15 -16.59 11.60
N THR A 159 23.39 -16.89 11.99
CA THR A 159 23.80 -18.25 12.26
C THR A 159 23.63 -18.57 13.74
N GLY A 160 23.24 -19.81 14.02
CA GLY A 160 23.04 -20.25 15.39
C GLY A 160 24.33 -20.68 16.06
N THR A 161 24.16 -21.18 17.28
CA THR A 161 25.29 -21.51 18.15
C THR A 161 26.17 -22.60 17.55
N HIS A 162 25.57 -23.59 16.89
CA HIS A 162 26.32 -24.73 16.37
C HIS A 162 26.45 -24.73 14.87
N ALA A 163 25.94 -23.70 14.20
CA ALA A 163 26.07 -23.60 12.76
C ALA A 163 27.54 -23.42 12.42
N GLN A 164 28.06 -24.29 11.56
CA GLN A 164 29.45 -24.18 11.19
C GLN A 164 29.65 -23.04 10.20
N VAL A 165 30.91 -22.64 10.03
CA VAL A 165 31.22 -21.53 9.13
C VAL A 165 30.72 -21.85 7.72
N GLU A 166 30.93 -23.09 7.27
CA GLU A 166 30.46 -23.45 5.94
C GLU A 166 28.93 -23.52 5.85
N ASP A 167 28.24 -23.71 6.97
CA ASP A 167 26.77 -23.66 6.96
C ASP A 167 26.27 -22.29 6.55
N GLY A 168 26.83 -21.23 7.12
CA GLY A 168 26.45 -19.88 6.73
C GLY A 168 26.83 -19.57 5.30
N ARG A 169 28.01 -20.04 4.86
CA ARG A 169 28.41 -19.83 3.47
C ARG A 169 27.47 -20.55 2.52
N LEU A 170 27.13 -21.80 2.83
CA LEU A 170 26.20 -22.55 2.00
C LEU A 170 24.86 -21.84 1.91
N MET A 171 24.37 -21.34 3.03
CA MET A 171 23.06 -20.72 2.99
CA MET A 171 23.08 -20.65 3.09
C MET A 171 23.10 -19.41 2.22
N GLU A 172 24.20 -18.65 2.29
CA GLU A 172 24.28 -17.43 1.50
C GLU A 172 24.31 -17.74 0.01
N GLN A 173 25.09 -18.74 -0.41
CA GLN A 173 25.11 -19.13 -1.82
C GLN A 173 23.72 -19.52 -2.30
N LEU A 174 23.01 -20.33 -1.51
CA LEU A 174 21.68 -20.78 -1.90
C LEU A 174 20.71 -19.61 -2.01
N LEU A 175 20.63 -18.77 -0.97
CA LEU A 175 19.66 -17.69 -0.98
CA LEU A 175 19.66 -17.69 -0.98
C LEU A 175 20.06 -16.57 -1.93
N SER A 176 21.35 -16.45 -2.26
CA SER A 176 21.76 -15.46 -3.27
C SER A 176 21.26 -15.84 -4.65
N SER A 177 20.88 -17.10 -4.86
CA SER A 177 20.40 -17.47 -6.18
C SER A 177 19.02 -16.91 -6.47
N VAL A 178 18.31 -16.41 -5.46
CA VAL A 178 16.96 -15.90 -5.62
C VAL A 178 16.83 -14.44 -5.18
N GLY A 179 17.95 -13.74 -5.04
CA GLY A 179 17.89 -12.33 -4.69
C GLY A 179 19.10 -11.91 -3.87
N PHE A 180 18.98 -10.74 -3.27
CA PHE A 180 20.01 -10.23 -2.37
C PHE A 180 20.06 -11.07 -1.10
N CYS A 181 21.26 -11.39 -0.63
CA CYS A 181 21.37 -12.13 0.62
C CYS A 181 22.60 -11.67 1.40
N THR A 182 22.43 -11.41 2.70
CA THR A 182 23.58 -11.02 3.51
C THR A 182 23.38 -11.49 4.94
N GLU A 183 24.50 -11.71 5.64
CA GLU A 183 24.46 -12.13 7.02
C GLU A 183 24.26 -10.92 7.93
N VAL A 184 23.45 -11.09 8.98
CA VAL A 184 23.21 -10.05 9.97
C VAL A 184 23.30 -10.67 11.36
N GLU A 185 23.51 -9.79 12.36
CA GLU A 185 23.26 -10.16 13.74
C GLU A 185 21.77 -10.39 13.94
N GLU A 186 21.43 -11.41 14.73
CA GLU A 186 20.03 -11.76 14.88
C GLU A 186 19.18 -10.59 15.36
N ASP A 187 19.75 -9.68 16.16
CA ASP A 187 18.90 -8.63 16.71
C ASP A 187 18.47 -7.60 15.67
N LEU A 188 18.89 -7.72 14.41
CA LEU A 188 18.37 -6.86 13.35
C LEU A 188 17.17 -7.46 12.61
N ILE A 189 16.86 -8.73 12.83
CA ILE A 189 15.97 -9.42 11.89
C ILE A 189 14.52 -8.93 12.02
N ASP A 190 14.07 -8.61 13.24
CA ASP A 190 12.70 -8.11 13.38
C ASP A 190 12.51 -6.79 12.64
N ALA A 191 13.54 -5.93 12.65
CA ALA A 191 13.46 -4.68 11.90
C ALA A 191 13.50 -4.94 10.40
N VAL A 192 14.33 -5.89 9.96
CA VAL A 192 14.32 -6.29 8.55
C VAL A 192 12.93 -6.77 8.16
N THR A 193 12.27 -7.52 9.04
CA THR A 193 10.92 -7.99 8.74
C THR A 193 9.98 -6.83 8.44
N GLY A 194 10.09 -5.74 9.21
CA GLY A 194 9.21 -4.60 8.99
C GLY A 194 9.54 -3.81 7.74
N LEU A 195 10.75 -3.94 7.25
CA LEU A 195 11.18 -3.17 6.08
C LEU A 195 11.02 -4.03 4.83
N SER A 196 11.85 -5.06 4.65
CA SER A 196 11.77 -5.82 3.40
C SER A 196 10.84 -7.02 3.47
N GLY A 197 10.52 -7.52 4.67
CA GLY A 197 9.54 -8.60 4.73
C GLY A 197 8.14 -8.10 4.35
N SER A 198 7.68 -7.04 5.02
CA SER A 198 6.41 -6.39 4.70
C SER A 198 6.52 -5.48 3.47
N GLY A 199 7.74 -5.09 3.09
CA GLY A 199 7.94 -4.12 2.03
C GLY A 199 7.20 -4.35 0.73
N PRO A 200 7.12 -5.59 0.22
CA PRO A 200 6.36 -5.79 -1.01
C PRO A 200 4.91 -5.32 -0.90
N ALA A 201 4.26 -5.52 0.25
CA ALA A 201 2.90 -5.04 0.42
C ALA A 201 2.81 -3.51 0.36
N TYR A 202 3.78 -2.79 0.94
CA TYR A 202 3.79 -1.33 0.79
C TYR A 202 3.86 -0.96 -0.67
N ALA A 203 4.71 -1.67 -1.42
CA ALA A 203 4.90 -1.41 -2.84
C ALA A 203 3.62 -1.72 -3.64
N PHE A 204 2.98 -2.85 -3.36
CA PHE A 204 1.74 -3.18 -4.08
C PHE A 204 0.65 -2.15 -3.82
N THR A 205 0.54 -1.70 -2.55
CA THR A 205 -0.40 -0.63 -2.23
C THR A 205 -0.06 0.62 -3.01
N ALA A 206 1.21 1.02 -3.01
CA ALA A 206 1.61 2.23 -3.73
C ALA A 206 1.34 2.10 -5.22
N LEU A 207 1.59 0.91 -5.78
CA LEU A 207 1.38 0.74 -7.22
C LEU A 207 -0.09 0.76 -7.58
N ASP A 208 -0.93 0.17 -6.74
CA ASP A 208 -2.38 0.27 -6.97
C ASP A 208 -2.83 1.73 -6.95
N ALA A 209 -2.31 2.52 -6.01
CA ALA A 209 -2.72 3.91 -5.89
C ALA A 209 -2.18 4.77 -7.04
N LEU A 210 -0.94 4.51 -7.45
CA LEU A 210 -0.38 5.24 -8.59
C LEU A 210 -1.18 4.96 -9.85
N ALA A 211 -1.62 3.71 -10.02
CA ALA A 211 -2.45 3.36 -11.17
C ALA A 211 -3.80 4.08 -11.11
N ASP A 212 -4.41 4.17 -9.93
CA ASP A 212 -5.62 4.98 -9.77
C ASP A 212 -5.35 6.42 -10.20
N GLY A 213 -4.18 6.94 -9.84
CA GLY A 213 -3.82 8.30 -10.27
C GLY A 213 -3.73 8.42 -11.78
N GLY A 214 -3.02 7.48 -12.41
CA GLY A 214 -2.99 7.44 -13.87
C GLY A 214 -4.38 7.37 -14.49
N VAL A 215 -5.25 6.51 -13.95
CA VAL A 215 -6.61 6.38 -14.47
C VAL A 215 -7.39 7.67 -14.26
N LYS A 216 -7.22 8.31 -13.10
CA LYS A 216 -7.92 9.58 -12.89
C LYS A 216 -7.55 10.59 -13.96
N MET A 217 -6.29 10.58 -14.40
CA MET A 217 -5.78 11.54 -15.37
C MET A 217 -5.97 11.08 -16.82
N GLY A 218 -6.67 9.98 -17.06
CA GLY A 218 -7.08 9.60 -18.40
C GLY A 218 -6.38 8.39 -19.00
N LEU A 219 -5.49 7.71 -18.26
CA LEU A 219 -4.83 6.51 -18.79
C LEU A 219 -5.72 5.27 -18.63
N PRO A 220 -5.71 4.37 -19.60
CA PRO A 220 -6.27 3.03 -19.38
C PRO A 220 -5.58 2.34 -18.21
N ARG A 221 -6.37 1.56 -17.46
CA ARG A 221 -5.85 0.92 -16.26
CA ARG A 221 -5.87 0.88 -16.26
C ARG A 221 -4.65 0.03 -16.57
N ARG A 222 -4.72 -0.77 -17.64
CA ARG A 222 -3.60 -1.68 -17.93
C ARG A 222 -2.31 -0.90 -18.17
N LEU A 223 -2.38 0.19 -18.93
CA LEU A 223 -1.19 1.00 -19.17
C LEU A 223 -0.70 1.65 -17.88
N ALA A 224 -1.62 2.18 -17.07
CA ALA A 224 -1.22 2.81 -15.82
C ALA A 224 -0.51 1.83 -14.91
N VAL A 225 -1.01 0.60 -14.81
CA VAL A 225 -0.37 -0.41 -13.97
C VAL A 225 1.03 -0.71 -14.50
N ARG A 226 1.15 -0.91 -15.82
CA ARG A 226 2.44 -1.23 -16.42
CA ARG A 226 2.43 -1.24 -16.44
C ARG A 226 3.45 -0.11 -16.22
N LEU A 227 3.04 1.13 -16.46
CA LEU A 227 3.96 2.26 -16.33
C LEU A 227 4.37 2.50 -14.87
N GLY A 228 3.39 2.46 -13.95
CA GLY A 228 3.73 2.62 -12.55
C GLY A 228 4.72 1.58 -12.08
N ALA A 229 4.46 0.31 -12.43
CA ALA A 229 5.34 -0.76 -11.97
C ALA A 229 6.72 -0.66 -12.60
N GLN A 230 6.78 -0.31 -13.89
CA GLN A 230 8.08 -0.11 -14.52
C GLN A 230 8.83 1.06 -13.89
N ALA A 231 8.11 2.13 -13.53
CA ALA A 231 8.77 3.29 -12.92
C ALA A 231 9.40 2.91 -11.58
N LEU A 232 8.65 2.18 -10.75
CA LEU A 232 9.16 1.74 -9.46
C LEU A 232 10.37 0.81 -9.62
N LEU A 233 10.30 -0.14 -10.55
CA LEU A 233 11.41 -1.06 -10.77
C LEU A 233 12.64 -0.31 -11.24
N GLY A 234 12.48 0.57 -12.21
CA GLY A 234 13.61 1.32 -12.74
C GLY A 234 14.24 2.21 -11.68
N ALA A 235 13.41 2.87 -10.87
CA ALA A 235 13.95 3.73 -9.83
C ALA A 235 14.72 2.93 -8.79
N ALA A 236 14.15 1.80 -8.34
CA ALA A 236 14.86 0.96 -7.38
C ALA A 236 16.18 0.48 -7.96
N LYS A 237 16.19 0.08 -9.23
CA LYS A 237 17.44 -0.36 -9.84
C LYS A 237 18.45 0.79 -9.91
N MET A 238 17.97 1.99 -10.26
CA MET A 238 18.87 3.15 -10.29
C MET A 238 19.57 3.33 -8.95
N LEU A 239 18.81 3.27 -7.86
CA LEU A 239 19.38 3.49 -6.53
C LEU A 239 20.38 2.40 -6.18
N LEU A 240 20.04 1.15 -6.51
CA LEU A 240 20.95 0.04 -6.20
C LEU A 240 22.24 0.13 -7.00
N HIS A 241 22.20 0.73 -8.19
CA HIS A 241 23.38 0.84 -9.03
C HIS A 241 24.09 2.19 -8.90
N SER A 242 23.58 3.10 -8.08
CA SER A 242 24.14 4.43 -7.94
C SER A 242 24.86 4.57 -6.60
N GLU A 243 25.86 5.43 -6.58
CA GLU A 243 26.53 5.82 -5.34
C GLU A 243 25.88 7.03 -4.69
N GLN A 244 24.87 7.61 -5.33
CA GLN A 244 24.30 8.86 -4.88
C GLN A 244 23.14 8.64 -3.91
N HIS A 245 22.91 9.64 -3.08
CA HIS A 245 21.83 9.61 -2.12
C HIS A 245 20.48 9.67 -2.84
N PRO A 246 19.45 8.97 -2.35
CA PRO A 246 18.12 9.10 -2.98
C PRO A 246 17.65 10.54 -3.12
N GLY A 247 18.07 11.44 -2.23
CA GLY A 247 17.72 12.84 -2.40
C GLY A 247 18.37 13.47 -3.62
N GLN A 248 19.61 13.05 -3.94
CA GLN A 248 20.27 13.57 -5.12
C GLN A 248 19.63 13.03 -6.39
N LEU A 249 19.29 11.74 -6.40
CA LEU A 249 18.56 11.22 -7.56
C LEU A 249 17.23 11.93 -7.73
N LYS A 250 16.57 12.24 -6.62
CA LYS A 250 15.33 13.03 -6.69
C LYS A 250 15.61 14.41 -7.27
N ASP A 251 16.68 15.08 -6.80
CA ASP A 251 17.02 16.40 -7.32
C ASP A 251 17.27 16.37 -8.81
N ASN A 252 17.87 15.28 -9.33
CA ASN A 252 18.08 15.15 -10.76
C ASN A 252 16.76 15.06 -11.53
N VAL A 253 15.70 14.51 -10.92
CA VAL A 253 14.41 14.42 -11.59
C VAL A 253 13.72 15.79 -11.66
N SER A 254 13.77 16.55 -10.56
CA SER A 254 12.89 17.71 -10.38
C SER A 254 13.44 18.93 -11.12
N SER A 255 12.76 19.33 -12.18
CA SER A 255 13.15 20.58 -12.83
C SER A 255 12.56 21.78 -12.10
N PRO A 256 13.26 22.91 -12.09
CA PRO A 256 12.73 24.10 -11.41
C PRO A 256 11.38 24.51 -11.99
N GLY A 257 10.43 24.78 -11.10
CA GLY A 257 9.07 25.12 -11.45
C GLY A 257 8.24 23.99 -12.02
N GLY A 258 8.79 22.79 -12.14
CA GLY A 258 8.23 21.75 -12.99
C GLY A 258 7.23 20.81 -12.34
N ALA A 259 6.84 19.82 -13.13
CA ALA A 259 5.77 18.91 -12.77
C ALA A 259 6.14 18.07 -11.55
N THR A 260 7.36 17.53 -11.53
CA THR A 260 7.76 16.64 -10.44
C THR A 260 7.78 17.37 -9.09
N ILE A 261 8.35 18.58 -9.06
CA ILE A 261 8.47 19.26 -7.77
C ILE A 261 7.09 19.68 -7.27
N HIS A 262 6.16 19.99 -8.18
CA HIS A 262 4.78 20.21 -7.74
C HIS A 262 4.20 18.94 -7.13
N ALA A 263 4.45 17.78 -7.72
CA ALA A 263 3.93 16.53 -7.16
C ALA A 263 4.60 16.16 -5.84
N LEU A 264 5.91 16.39 -5.72
CA LEU A 264 6.57 16.09 -4.45
C LEU A 264 6.02 16.95 -3.33
N HIS A 265 5.65 18.19 -3.64
CA HIS A 265 5.05 19.06 -2.63
C HIS A 265 3.77 18.44 -2.07
N VAL A 266 2.88 17.93 -2.92
CA VAL A 266 1.63 17.40 -2.36
C VAL A 266 1.90 16.12 -1.58
N LEU A 267 2.90 15.31 -1.96
CA LEU A 267 3.30 14.21 -1.09
C LEU A 267 3.74 14.69 0.28
N GLU A 268 4.61 15.71 0.31
CA GLU A 268 5.09 16.24 1.57
C GLU A 268 3.94 16.80 2.40
N SER A 269 2.98 17.48 1.75
CA SER A 269 1.90 18.09 2.55
C SER A 269 1.05 17.03 3.26
N GLY A 270 1.00 15.83 2.71
CA GLY A 270 0.30 14.75 3.39
C GLY A 270 1.15 13.94 4.35
N GLY A 271 2.41 14.31 4.54
CA GLY A 271 3.24 13.53 5.44
C GLY A 271 3.59 12.17 4.89
N PHE A 272 3.75 12.06 3.57
CA PHE A 272 4.04 10.80 2.88
C PHE A 272 5.19 10.04 3.52
N ARG A 273 6.32 10.72 3.73
CA ARG A 273 7.48 10.10 4.38
C ARG A 273 7.09 9.52 5.73
N SER A 274 6.34 10.29 6.55
CA SER A 274 6.03 9.81 7.89
C SER A 274 5.19 8.53 7.86
N LEU A 275 4.36 8.35 6.83
CA LEU A 275 3.52 7.16 6.78
C LEU A 275 4.35 5.91 6.55
N LEU A 276 5.35 6.00 5.67
CA LEU A 276 6.22 4.86 5.43
C LEU A 276 7.07 4.56 6.66
N ILE A 277 7.51 5.59 7.40
CA ILE A 277 8.20 5.31 8.66
C ILE A 277 7.26 4.62 9.63
N ASN A 278 6.03 5.12 9.74
CA ASN A 278 5.01 4.50 10.59
C ASN A 278 4.84 3.03 10.24
N ALA A 279 4.85 2.72 8.94
CA ALA A 279 4.59 1.35 8.48
C ALA A 279 5.69 0.39 8.94
N VAL A 280 6.95 0.73 8.62
CA VAL A 280 8.07 -0.10 9.05
C VAL A 280 8.04 -0.31 10.56
N GLU A 281 7.82 0.77 11.30
CA GLU A 281 7.76 0.69 12.76
C GLU A 281 6.64 -0.23 13.21
N ALA A 282 5.44 -0.08 12.62
CA ALA A 282 4.31 -0.89 13.06
C ALA A 282 4.53 -2.36 12.77
N SER A 283 5.12 -2.68 11.63
CA SER A 283 5.38 -4.08 11.31
C SER A 283 6.44 -4.67 12.21
N CYS A 284 7.53 -3.92 12.44
CA CYS A 284 8.55 -4.34 13.39
C CYS A 284 7.98 -4.54 14.81
N ILE A 285 7.23 -3.56 15.31
CA ILE A 285 6.70 -3.67 16.67
C ILE A 285 5.75 -4.85 16.81
N ARG A 286 4.88 -5.05 15.81
CA ARG A 286 3.97 -6.19 15.86
C ARG A 286 4.75 -7.50 15.85
N THR A 287 5.80 -7.58 15.04
CA THR A 287 6.67 -8.75 15.03
C THR A 287 7.25 -9.02 16.42
N ARG A 288 7.79 -7.99 17.07
CA ARG A 288 8.33 -8.17 18.42
C ARG A 288 7.24 -8.54 19.42
N GLU A 289 6.08 -7.90 19.31
CA GLU A 289 4.97 -8.15 20.25
C GLU A 289 4.47 -9.58 20.15
N LEU A 290 4.36 -10.11 18.93
CA LEU A 290 3.92 -11.49 18.76
C LEU A 290 4.91 -12.47 19.36
N GLN A 291 6.22 -12.23 19.17
CA GLN A 291 7.19 -13.14 19.75
C GLN A 291 7.19 -13.04 21.27
N SER A 292 6.96 -11.85 21.80
CA SER A 292 6.82 -11.71 23.25
C SER A 292 5.67 -12.56 23.77
N MET A 293 4.56 -12.61 23.02
CA MET A 293 3.44 -13.48 23.39
C MET A 293 3.86 -14.94 23.36
N ALA A 294 4.61 -15.33 22.32
CA ALA A 294 5.05 -16.72 22.19
C ALA A 294 5.96 -17.11 23.35
N ASP A 295 6.93 -16.25 23.67
CA ASP A 295 7.87 -16.55 24.75
C ASP A 295 7.16 -16.62 26.10
N GLN A 296 6.17 -15.76 26.32
CA GLN A 296 5.37 -15.85 27.54
C GLN A 296 4.60 -17.17 27.59
N GLU A 297 4.13 -17.66 26.44
CA GLU A 297 3.43 -18.94 26.37
C GLU A 297 4.41 -20.09 26.28
N PHE B 20 21.14 -1.21 -35.97
CA PHE B 20 21.18 -0.04 -36.84
C PHE B 20 22.55 0.61 -36.85
N GLN B 21 23.51 -0.03 -37.53
CA GLN B 21 24.87 0.50 -37.58
C GLN B 21 24.98 1.72 -38.49
N SER B 22 24.12 1.82 -39.51
CA SER B 22 24.12 2.96 -40.40
C SER B 22 23.45 4.20 -39.80
N MET B 23 23.16 4.17 -38.50
CA MET B 23 22.35 5.20 -37.86
C MET B 23 23.23 6.11 -37.00
N SER B 24 23.19 7.41 -37.29
CA SER B 24 23.82 8.42 -36.46
C SER B 24 22.76 9.08 -35.59
N VAL B 25 23.05 9.21 -34.30
CA VAL B 25 22.12 9.75 -33.32
C VAL B 25 22.73 11.01 -32.73
N GLY B 26 21.89 12.04 -32.55
CA GLY B 26 22.36 13.29 -31.98
C GLY B 26 21.42 13.73 -30.88
N PHE B 27 21.98 14.53 -29.96
CA PHE B 27 21.22 15.13 -28.87
C PHE B 27 21.44 16.63 -28.89
N ILE B 28 20.35 17.39 -28.99
N ILE B 28 20.36 17.40 -29.00
CA ILE B 28 20.38 18.82 -28.72
CA ILE B 28 20.44 18.83 -28.74
C ILE B 28 20.14 18.97 -27.23
C ILE B 28 20.14 19.01 -27.26
N GLY B 29 21.15 19.42 -26.50
CA GLY B 29 21.08 19.42 -25.05
C GLY B 29 21.93 18.28 -24.54
N ALA B 30 22.86 18.56 -23.62
CA ALA B 30 23.71 17.49 -23.12
C ALA B 30 23.62 17.39 -21.61
N GLY B 31 22.40 17.25 -21.09
CA GLY B 31 22.16 17.21 -19.66
C GLY B 31 21.81 15.85 -19.13
N GLN B 32 20.91 15.79 -18.14
CA GLN B 32 20.59 14.54 -17.47
C GLN B 32 20.03 13.51 -18.44
N LEU B 33 19.04 13.91 -19.24
CA LEU B 33 18.38 12.92 -20.09
C LEU B 33 19.30 12.47 -21.21
N ALA B 34 20.04 13.39 -21.83
CA ALA B 34 20.97 12.99 -22.88
C ALA B 34 21.99 12.00 -22.35
N PHE B 35 22.53 12.26 -21.16
CA PHE B 35 23.46 11.29 -20.58
C PHE B 35 22.75 9.96 -20.32
N ALA B 36 21.57 10.00 -19.67
CA ALA B 36 20.87 8.77 -19.33
C ALA B 36 20.57 7.93 -20.57
N LEU B 37 20.11 8.56 -21.66
CA LEU B 37 19.81 7.81 -22.87
C LEU B 37 21.08 7.31 -23.54
N ALA B 38 22.10 8.18 -23.68
CA ALA B 38 23.34 7.75 -24.30
C ALA B 38 23.99 6.62 -23.52
N LYS B 39 23.91 6.68 -22.19
CA LYS B 39 24.47 5.61 -21.39
C LYS B 39 23.68 4.32 -21.58
N GLY B 40 22.35 4.44 -21.68
CA GLY B 40 21.52 3.26 -21.88
C GLY B 40 21.72 2.64 -23.25
N PHE B 41 21.69 3.46 -24.31
CA PHE B 41 21.89 2.94 -25.65
C PHE B 41 23.24 2.25 -25.78
N THR B 42 24.29 2.86 -25.23
CA THR B 42 25.62 2.25 -25.40
C THR B 42 25.76 1.01 -24.55
N ALA B 43 25.21 1.01 -23.33
CA ALA B 43 25.24 -0.20 -22.51
C ALA B 43 24.44 -1.32 -23.17
N ALA B 44 23.35 -0.99 -23.86
CA ALA B 44 22.57 -2.00 -24.55
C ALA B 44 23.28 -2.52 -25.79
N GLY B 45 24.33 -1.83 -26.24
CA GLY B 45 25.02 -2.21 -27.45
C GLY B 45 24.33 -1.84 -28.74
N VAL B 46 23.21 -1.10 -28.68
CA VAL B 46 22.52 -0.77 -29.92
C VAL B 46 23.17 0.40 -30.66
N LEU B 47 23.98 1.20 -29.97
CA LEU B 47 24.71 2.30 -30.60
C LEU B 47 26.12 2.33 -30.07
N ALA B 48 27.09 2.56 -30.96
CA ALA B 48 28.44 2.88 -30.54
C ALA B 48 28.48 4.34 -30.09
N ALA B 49 29.21 4.59 -29.01
CA ALA B 49 29.24 5.94 -28.43
C ALA B 49 29.76 6.98 -29.42
N HIS B 50 30.67 6.60 -30.32
CA HIS B 50 31.19 7.56 -31.28
C HIS B 50 30.21 7.87 -32.40
N LYS B 51 29.14 7.09 -32.55
CA LYS B 51 28.07 7.43 -33.47
C LYS B 51 27.05 8.39 -32.85
N ILE B 52 27.30 8.82 -31.61
CA ILE B 52 26.43 9.76 -30.90
C ILE B 52 27.17 11.09 -30.78
N MET B 53 26.47 12.18 -31.07
CA MET B 53 26.97 13.53 -30.86
C MET B 53 25.97 14.29 -29.99
N ALA B 54 26.48 15.13 -29.10
CA ALA B 54 25.62 15.94 -28.25
C ALA B 54 26.15 17.38 -28.19
N SER B 55 25.21 18.33 -28.09
CA SER B 55 25.60 19.73 -28.07
C SER B 55 24.97 20.45 -26.89
N SER B 56 25.72 21.42 -26.35
CA SER B 56 25.34 22.22 -25.22
C SER B 56 26.16 23.50 -25.29
N PRO B 57 25.59 24.64 -24.90
CA PRO B 57 26.38 25.88 -24.82
C PRO B 57 27.38 25.88 -23.66
N ASP B 58 27.32 24.91 -22.76
CA ASP B 58 28.24 24.85 -21.61
C ASP B 58 28.98 23.51 -21.63
N MET B 59 30.18 23.52 -22.21
CA MET B 59 31.00 22.31 -22.26
C MET B 59 31.71 22.00 -20.94
N ASP B 60 31.36 22.70 -19.86
CA ASP B 60 31.97 22.51 -18.54
C ASP B 60 30.94 22.01 -17.53
N LEU B 61 30.05 21.13 -17.99
CA LEU B 61 29.00 20.57 -17.14
C LEU B 61 29.35 19.13 -16.78
N ALA B 62 28.88 18.70 -15.60
CA ALA B 62 29.15 17.35 -15.15
C ALA B 62 28.59 16.31 -16.11
N THR B 63 27.43 16.58 -16.70
CA THR B 63 26.87 15.67 -17.69
C THR B 63 27.73 15.64 -18.96
N VAL B 64 28.30 16.77 -19.35
CA VAL B 64 29.15 16.80 -20.54
C VAL B 64 30.42 16.00 -20.31
N SER B 65 31.03 16.15 -19.14
CA SER B 65 32.24 15.37 -18.82
C SER B 65 31.96 13.87 -18.86
N ALA B 66 30.80 13.47 -18.32
CA ALA B 66 30.43 12.06 -18.34
C ALA B 66 30.26 11.55 -19.77
N LEU B 67 29.55 12.32 -20.61
CA LEU B 67 29.39 11.94 -22.01
C LEU B 67 30.73 11.84 -22.72
N ARG B 68 31.67 12.73 -22.40
CA ARG B 68 32.98 12.68 -23.05
C ARG B 68 33.70 11.38 -22.75
N LYS B 69 33.70 10.96 -21.48
CA LYS B 69 34.37 9.72 -21.10
C LYS B 69 33.71 8.48 -21.70
N MET B 70 32.43 8.57 -22.08
CA MET B 70 31.79 7.47 -22.80
C MET B 70 32.31 7.33 -24.21
N GLY B 71 32.91 8.38 -24.78
CA GLY B 71 33.27 8.41 -26.17
C GLY B 71 32.32 9.20 -27.05
N VAL B 72 31.29 9.82 -26.47
CA VAL B 72 30.32 10.58 -27.25
C VAL B 72 30.95 11.87 -27.76
N LYS B 73 30.70 12.19 -29.02
CA LYS B 73 31.21 13.42 -29.61
C LYS B 73 30.46 14.63 -29.06
N LEU B 74 31.20 15.68 -28.72
CA LEU B 74 30.62 16.86 -28.09
C LEU B 74 30.97 18.11 -28.89
N THR B 75 30.01 19.02 -29.03
CA THR B 75 30.24 20.27 -29.75
C THR B 75 29.37 21.35 -29.13
N PRO B 76 29.84 22.59 -29.10
CA PRO B 76 28.95 23.69 -28.65
C PRO B 76 27.85 24.02 -29.64
N HIS B 77 27.97 23.59 -30.90
CA HIS B 77 27.16 24.12 -31.99
C HIS B 77 26.06 23.13 -32.36
N ASN B 78 24.81 23.54 -32.12
CA ASN B 78 23.67 22.68 -32.45
C ASN B 78 23.63 22.33 -33.94
N LYS B 79 24.07 23.24 -34.81
CA LYS B 79 24.05 22.95 -36.24
C LYS B 79 24.92 21.74 -36.56
N GLU B 80 26.03 21.56 -35.85
CA GLU B 80 26.89 20.41 -36.09
C GLU B 80 26.21 19.11 -35.67
N THR B 81 25.49 19.15 -34.55
CA THR B 81 24.70 17.98 -34.15
C THR B 81 23.69 17.60 -35.24
N VAL B 82 22.98 18.60 -35.79
CA VAL B 82 21.99 18.31 -36.81
C VAL B 82 22.65 17.69 -38.04
N GLN B 83 23.75 18.28 -38.48
CA GLN B 83 24.42 17.76 -39.67
C GLN B 83 24.98 16.37 -39.45
N HIS B 84 25.35 16.02 -38.21
CA HIS B 84 25.88 14.71 -37.91
C HIS B 84 24.81 13.64 -37.86
N SER B 85 23.59 14.01 -37.49
CA SER B 85 22.62 13.06 -36.99
C SER B 85 21.62 12.64 -38.07
N ASP B 86 21.13 11.41 -37.93
CA ASP B 86 19.92 10.94 -38.60
C ASP B 86 18.71 11.03 -37.67
N VAL B 87 18.86 10.53 -36.45
CA VAL B 87 17.85 10.63 -35.42
C VAL B 87 18.29 11.73 -34.45
N LEU B 88 17.47 12.77 -34.31
CA LEU B 88 17.81 13.96 -33.54
C LEU B 88 16.89 14.04 -32.32
N PHE B 89 17.46 13.80 -31.14
CA PHE B 89 16.73 13.95 -29.88
C PHE B 89 16.80 15.39 -29.41
N LEU B 90 15.64 15.97 -29.10
CA LEU B 90 15.61 17.29 -28.47
C LEU B 90 15.54 17.06 -26.97
N ALA B 91 16.65 17.34 -26.29
CA ALA B 91 16.83 17.08 -24.86
C ALA B 91 17.17 18.36 -24.11
N VAL B 92 16.52 19.46 -24.50
CA VAL B 92 16.62 20.72 -23.80
C VAL B 92 15.34 20.91 -22.98
N LYS B 93 15.39 21.83 -22.02
CA LYS B 93 14.18 22.16 -21.27
C LYS B 93 13.06 22.63 -22.19
N PRO B 94 11.81 22.44 -21.81
CA PRO B 94 10.70 22.75 -22.73
C PRO B 94 10.67 24.18 -23.23
N HIS B 95 11.01 25.16 -22.39
CA HIS B 95 10.97 26.54 -22.86
C HIS B 95 12.08 26.86 -23.86
N ILE B 96 13.10 26.01 -23.96
CA ILE B 96 14.18 26.20 -24.93
C ILE B 96 13.81 25.61 -26.29
N ILE B 97 12.84 24.71 -26.34
CA ILE B 97 12.48 24.03 -27.60
C ILE B 97 12.21 25.02 -28.73
N PRO B 98 11.33 26.01 -28.59
CA PRO B 98 11.08 26.90 -29.75
C PRO B 98 12.31 27.65 -30.22
N PHE B 99 13.23 27.96 -29.30
CA PHE B 99 14.45 28.65 -29.72
C PHE B 99 15.34 27.75 -30.55
N ILE B 100 15.49 26.47 -30.17
CA ILE B 100 16.40 25.66 -30.97
C ILE B 100 15.73 25.24 -32.28
N LEU B 101 14.39 25.17 -32.30
CA LEU B 101 13.70 24.89 -33.57
C LEU B 101 13.91 26.03 -34.57
N ASP B 102 13.86 27.27 -34.09
CA ASP B 102 14.18 28.41 -34.95
C ASP B 102 15.65 28.42 -35.34
N GLU B 103 16.53 27.90 -34.47
CA GLU B 103 17.95 27.94 -34.76
C GLU B 103 18.33 26.95 -35.85
N ILE B 104 17.84 25.72 -35.77
CA ILE B 104 18.28 24.70 -36.72
C ILE B 104 17.18 24.28 -37.70
N GLY B 105 16.04 24.97 -37.70
CA GLY B 105 14.97 24.60 -38.63
C GLY B 105 15.43 24.55 -40.08
N ALA B 106 16.23 25.53 -40.49
CA ALA B 106 16.73 25.55 -41.87
C ALA B 106 17.72 24.43 -42.15
N ASP B 107 18.19 23.72 -41.12
CA ASP B 107 19.14 22.64 -41.29
C ASP B 107 18.49 21.26 -41.30
N ILE B 108 17.18 21.19 -41.05
CA ILE B 108 16.49 19.90 -41.10
C ILE B 108 16.45 19.40 -42.54
N GLU B 109 16.79 18.13 -42.71
CA GLU B 109 16.80 17.50 -44.03
C GLU B 109 15.71 16.44 -44.08
N ASP B 110 15.46 15.94 -45.30
CA ASP B 110 14.46 14.90 -45.48
C ASP B 110 14.79 13.65 -44.66
N ARG B 111 16.08 13.38 -44.44
CA ARG B 111 16.48 12.17 -43.75
C ARG B 111 16.22 12.21 -42.24
N HIS B 112 15.95 13.40 -41.68
CA HIS B 112 15.95 13.53 -40.22
C HIS B 112 14.66 13.00 -39.61
N ILE B 113 14.79 12.29 -38.48
CA ILE B 113 13.67 12.02 -37.60
C ILE B 113 13.92 12.84 -36.34
N VAL B 114 13.04 13.79 -36.07
CA VAL B 114 13.16 14.65 -34.90
C VAL B 114 12.36 14.03 -33.77
N VAL B 115 13.02 13.69 -32.67
CA VAL B 115 12.37 13.08 -31.51
C VAL B 115 12.41 14.10 -30.38
N SER B 116 11.27 14.69 -30.06
CA SER B 116 11.20 15.59 -28.92
C SER B 116 10.96 14.79 -27.66
N CYS B 117 11.84 14.96 -26.65
CA CYS B 117 11.64 14.40 -25.33
C CYS B 117 11.08 15.39 -24.34
N ALA B 118 10.82 16.63 -24.77
CA ALA B 118 10.47 17.69 -23.84
C ALA B 118 9.07 17.49 -23.25
N ALA B 119 8.96 17.68 -21.94
CA ALA B 119 7.67 17.57 -21.27
C ALA B 119 6.70 18.61 -21.81
N GLY B 120 5.47 18.16 -22.07
CA GLY B 120 4.41 19.08 -22.42
C GLY B 120 4.37 19.53 -23.86
N VAL B 121 5.52 19.60 -24.54
CA VAL B 121 5.58 20.25 -25.85
C VAL B 121 4.88 19.39 -26.91
N THR B 122 3.91 19.99 -27.60
CA THR B 122 3.07 19.23 -28.51
C THR B 122 3.73 19.01 -29.86
N ILE B 123 3.35 17.91 -30.50
CA ILE B 123 3.79 17.65 -31.87
C ILE B 123 3.37 18.80 -32.78
N SER B 124 2.17 19.34 -32.58
CA SER B 124 1.73 20.39 -33.50
C SER B 124 2.60 21.64 -33.39
N SER B 125 3.04 21.99 -32.17
CA SER B 125 3.87 23.18 -32.02
C SER B 125 5.23 22.98 -32.69
N ILE B 126 5.77 21.76 -32.61
CA ILE B 126 7.05 21.48 -33.23
C ILE B 126 6.93 21.49 -34.75
N GLU B 127 5.91 20.82 -35.27
CA GLU B 127 5.72 20.78 -36.71
C GLU B 127 5.50 22.18 -37.27
N LYS B 128 4.76 23.03 -36.54
CA LYS B 128 4.49 24.36 -37.04
C LYS B 128 5.78 25.17 -37.18
N LYS B 129 6.67 25.07 -36.19
CA LYS B 129 7.96 25.75 -36.24
C LYS B 129 8.82 25.20 -37.39
N LEU B 130 8.94 23.88 -37.50
CA LEU B 130 9.84 23.32 -38.51
C LEU B 130 9.29 23.50 -39.92
N SER B 131 7.96 23.47 -40.07
CA SER B 131 7.36 23.56 -41.39
C SER B 131 7.55 24.92 -42.04
N ALA B 132 7.83 25.96 -41.26
CA ALA B 132 8.15 27.25 -41.85
C ALA B 132 9.42 27.22 -42.69
N PHE B 133 10.28 26.22 -42.47
CA PHE B 133 11.57 26.11 -43.15
C PHE B 133 11.55 25.07 -44.27
N ARG B 134 10.91 23.94 -44.04
CA ARG B 134 10.83 22.87 -45.02
C ARG B 134 9.58 22.07 -44.68
N PRO B 135 8.72 21.79 -45.65
CA PRO B 135 7.50 21.04 -45.34
C PRO B 135 7.82 19.60 -44.95
N ALA B 136 6.84 18.97 -44.32
CA ALA B 136 6.89 17.57 -43.96
C ALA B 136 8.02 17.14 -43.01
N PRO B 137 8.31 17.88 -41.93
CA PRO B 137 9.25 17.34 -40.93
C PRO B 137 8.70 16.06 -40.31
N ARG B 138 9.60 15.09 -40.11
CA ARG B 138 9.27 13.82 -39.48
C ARG B 138 9.48 13.95 -37.97
N VAL B 139 8.39 14.01 -37.21
CA VAL B 139 8.45 14.35 -35.79
C VAL B 139 7.84 13.21 -34.99
N ILE B 140 8.51 12.84 -33.90
CA ILE B 140 7.99 11.89 -32.92
C ILE B 140 8.14 12.54 -31.55
N ARG B 141 7.12 12.41 -30.71
CA ARG B 141 7.17 12.93 -29.36
C ARG B 141 7.22 11.76 -28.39
N CYS B 142 8.12 11.82 -27.42
CA CYS B 142 8.16 10.75 -26.44
C CYS B 142 8.19 11.33 -25.03
N MET B 143 7.83 10.47 -24.08
CA MET B 143 8.06 10.75 -22.67
C MET B 143 8.74 9.53 -22.11
N THR B 144 9.85 9.72 -21.40
CA THR B 144 10.61 8.61 -20.87
C THR B 144 10.92 8.94 -19.41
N ASN B 145 11.97 8.33 -18.86
CA ASN B 145 12.34 8.66 -17.49
C ASN B 145 13.78 8.27 -17.27
N THR B 146 14.35 8.72 -16.15
CA THR B 146 15.79 8.57 -15.97
C THR B 146 16.25 7.11 -15.89
N PRO B 147 15.44 6.14 -15.44
CA PRO B 147 15.95 4.75 -15.39
C PRO B 147 16.34 4.12 -16.72
N VAL B 148 16.17 4.82 -17.86
CA VAL B 148 16.81 4.32 -19.09
C VAL B 148 18.30 4.16 -18.87
N VAL B 149 18.85 4.86 -17.88
CA VAL B 149 20.29 4.79 -17.63
C VAL B 149 20.71 3.41 -17.10
N VAL B 150 19.78 2.66 -16.52
CA VAL B 150 20.01 1.26 -16.15
C VAL B 150 19.16 0.33 -17.02
N ARG B 151 18.72 0.81 -18.19
CA ARG B 151 17.97 0.02 -19.16
C ARG B 151 16.66 -0.52 -18.57
N GLU B 152 16.04 0.24 -17.67
CA GLU B 152 14.73 -0.09 -17.12
C GLU B 152 13.81 1.12 -17.20
N GLY B 153 13.91 1.88 -18.27
CA GLY B 153 13.04 3.02 -18.45
C GLY B 153 11.61 2.62 -18.77
N ALA B 154 10.74 3.62 -18.73
CA ALA B 154 9.33 3.49 -19.11
C ALA B 154 9.05 4.61 -20.11
N THR B 155 8.85 4.24 -21.38
CA THR B 155 8.83 5.21 -22.47
C THR B 155 7.54 5.03 -23.26
N VAL B 156 6.88 6.14 -23.59
CA VAL B 156 5.78 6.13 -24.55
C VAL B 156 6.15 7.12 -25.66
N TYR B 157 5.58 6.89 -26.84
CA TYR B 157 5.83 7.81 -27.95
C TYR B 157 4.57 7.92 -28.80
N ALA B 158 4.46 9.07 -29.46
CA ALA B 158 3.39 9.34 -30.40
C ALA B 158 4.03 9.83 -31.71
N THR B 159 3.51 9.35 -32.84
CA THR B 159 4.07 9.72 -34.13
C THR B 159 3.38 10.95 -34.69
N GLY B 160 4.16 11.79 -35.38
CA GLY B 160 3.65 13.02 -35.94
C GLY B 160 3.00 12.86 -37.30
N THR B 161 2.61 14.00 -37.86
CA THR B 161 1.82 14.03 -39.09
C THR B 161 2.55 13.39 -40.26
N HIS B 162 3.86 13.62 -40.37
CA HIS B 162 4.65 13.19 -41.51
C HIS B 162 5.59 12.05 -41.17
N ALA B 163 5.54 11.54 -39.94
CA ALA B 163 6.36 10.41 -39.59
C ALA B 163 5.92 9.20 -40.41
N GLN B 164 6.87 8.54 -41.05
CA GLN B 164 6.55 7.32 -41.78
C GLN B 164 6.33 6.17 -40.79
N VAL B 165 5.64 5.12 -41.27
CA VAL B 165 5.37 3.96 -40.41
C VAL B 165 6.68 3.37 -39.91
N GLU B 166 7.70 3.30 -40.78
CA GLU B 166 9.00 2.78 -40.37
C GLU B 166 9.63 3.62 -39.28
N ASP B 167 9.29 4.91 -39.20
CA ASP B 167 9.87 5.78 -38.18
C ASP B 167 9.42 5.37 -36.78
N GLY B 168 8.14 5.06 -36.60
CA GLY B 168 7.67 4.62 -35.30
C GLY B 168 8.26 3.29 -34.89
N ARG B 169 8.29 2.32 -35.82
CA ARG B 169 8.90 1.03 -35.54
C ARG B 169 10.38 1.18 -35.21
N LEU B 170 11.09 2.03 -35.95
CA LEU B 170 12.49 2.28 -35.65
C LEU B 170 12.66 2.90 -34.27
N MET B 171 11.81 3.86 -33.92
CA MET B 171 11.96 4.49 -32.61
C MET B 171 11.58 3.53 -31.50
N GLU B 172 10.58 2.67 -31.72
CA GLU B 172 10.24 1.70 -30.70
C GLU B 172 11.37 0.69 -30.50
N GLN B 173 12.04 0.29 -31.58
CA GLN B 173 13.14 -0.64 -31.43
C GLN B 173 14.27 -0.01 -30.63
N LEU B 174 14.60 1.25 -30.91
CA LEU B 174 15.68 1.93 -30.20
C LEU B 174 15.33 2.12 -28.72
N LEU B 175 14.12 2.60 -28.43
CA LEU B 175 13.76 2.88 -27.05
C LEU B 175 13.42 1.64 -26.25
N SER B 176 13.04 0.54 -26.91
CA SER B 176 12.84 -0.72 -26.19
C SER B 176 14.15 -1.31 -25.68
N SER B 177 15.29 -0.89 -26.22
CA SER B 177 16.56 -1.42 -25.74
C SER B 177 16.93 -0.88 -24.37
N VAL B 178 16.27 0.17 -23.88
CA VAL B 178 16.58 0.77 -22.59
C VAL B 178 15.38 0.73 -21.64
N GLY B 179 14.38 -0.09 -21.95
CA GLY B 179 13.25 -0.29 -21.05
C GLY B 179 11.99 -0.61 -21.82
N PHE B 180 10.87 -0.48 -21.10
CA PHE B 180 9.55 -0.65 -21.69
C PHE B 180 9.29 0.50 -22.66
N CYS B 181 8.68 0.19 -23.80
CA CYS B 181 8.34 1.23 -24.76
C CYS B 181 7.07 0.83 -25.49
N THR B 182 6.16 1.78 -25.68
CA THR B 182 4.93 1.51 -26.42
C THR B 182 4.40 2.79 -27.06
N GLU B 183 3.73 2.65 -28.19
CA GLU B 183 3.09 3.79 -28.83
C GLU B 183 1.79 4.14 -28.11
N VAL B 184 1.51 5.46 -28.01
CA VAL B 184 0.27 5.97 -27.45
C VAL B 184 -0.26 7.08 -28.34
N GLU B 185 -1.56 7.38 -28.17
CA GLU B 185 -2.09 8.63 -28.70
C GLU B 185 -1.46 9.80 -27.94
N GLU B 186 -1.20 10.90 -28.65
CA GLU B 186 -0.50 12.00 -28.00
C GLU B 186 -1.25 12.50 -26.78
N ASP B 187 -2.59 12.45 -26.81
CA ASP B 187 -3.30 13.04 -25.68
C ASP B 187 -3.14 12.28 -24.36
N LEU B 188 -2.44 11.14 -24.35
CA LEU B 188 -2.11 10.47 -23.09
C LEU B 188 -0.79 10.92 -22.47
N ILE B 189 0.06 11.64 -23.22
CA ILE B 189 1.46 11.79 -22.78
C ILE B 189 1.57 12.66 -21.53
N ASP B 190 0.73 13.70 -21.40
CA ASP B 190 0.85 14.52 -20.19
C ASP B 190 0.50 13.73 -18.92
N ALA B 191 -0.46 12.81 -19.01
CA ALA B 191 -0.74 11.94 -17.87
C ALA B 191 0.39 10.93 -17.63
N VAL B 192 0.95 10.36 -18.71
CA VAL B 192 2.12 9.49 -18.54
C VAL B 192 3.24 10.24 -17.84
N THR B 193 3.42 11.51 -18.21
CA THR B 193 4.44 12.33 -17.56
C THR B 193 4.25 12.36 -16.05
N GLY B 194 3.00 12.51 -15.61
CA GLY B 194 2.74 12.57 -14.18
C GLY B 194 2.91 11.25 -13.46
N LEU B 195 2.83 10.14 -14.20
CA LEU B 195 2.94 8.80 -13.59
C LEU B 195 4.38 8.31 -13.67
N SER B 196 4.86 8.00 -14.89
CA SER B 196 6.18 7.39 -15.01
C SER B 196 7.30 8.40 -15.26
N GLY B 197 6.99 9.60 -15.76
CA GLY B 197 8.04 10.60 -15.84
C GLY B 197 8.46 11.09 -14.46
N SER B 198 7.51 11.53 -13.66
CA SER B 198 7.76 11.93 -12.27
C SER B 198 7.92 10.73 -11.33
N GLY B 199 7.43 9.57 -11.73
CA GLY B 199 7.45 8.36 -10.89
C GLY B 199 8.72 8.03 -10.14
N PRO B 200 9.89 8.04 -10.80
CA PRO B 200 11.11 7.72 -10.05
C PRO B 200 11.30 8.62 -8.83
N ALA B 201 10.91 9.89 -8.92
CA ALA B 201 11.03 10.77 -7.76
C ALA B 201 10.12 10.34 -6.61
N TYR B 202 8.88 9.91 -6.93
CA TYR B 202 8.04 9.34 -5.87
C TYR B 202 8.75 8.16 -5.22
N ALA B 203 9.37 7.30 -6.03
CA ALA B 203 10.08 6.13 -5.53
C ALA B 203 11.30 6.52 -4.70
N PHE B 204 12.09 7.53 -5.14
CA PHE B 204 13.25 7.92 -4.35
C PHE B 204 12.81 8.47 -3.00
N THR B 205 11.73 9.25 -2.99
CA THR B 205 11.17 9.77 -1.74
C THR B 205 10.73 8.63 -0.84
N ALA B 206 9.99 7.67 -1.39
CA ALA B 206 9.52 6.52 -0.60
C ALA B 206 10.69 5.73 -0.04
N LEU B 207 11.73 5.54 -0.85
CA LEU B 207 12.86 4.73 -0.41
C LEU B 207 13.65 5.42 0.69
N ASP B 208 13.81 6.75 0.58
CA ASP B 208 14.45 7.51 1.66
C ASP B 208 13.67 7.37 2.96
N ALA B 209 12.34 7.47 2.87
CA ALA B 209 11.49 7.33 4.06
C ALA B 209 11.53 5.92 4.61
N LEU B 210 11.44 4.91 3.74
CA LEU B 210 11.51 3.53 4.22
C LEU B 210 12.82 3.27 4.94
N ALA B 211 13.92 3.82 4.43
CA ALA B 211 15.21 3.67 5.07
C ALA B 211 15.22 4.35 6.43
N ASP B 212 14.64 5.56 6.53
CA ASP B 212 14.50 6.21 7.83
C ASP B 212 13.76 5.30 8.80
N GLY B 213 12.71 4.62 8.32
CA GLY B 213 12.00 3.68 9.17
C GLY B 213 12.86 2.51 9.62
N GLY B 214 13.62 1.92 8.68
CA GLY B 214 14.57 0.89 9.06
C GLY B 214 15.55 1.38 10.11
N VAL B 215 16.10 2.58 9.92
CA VAL B 215 17.06 3.14 10.87
C VAL B 215 16.41 3.38 12.23
N LYS B 216 15.17 3.89 12.23
CA LYS B 216 14.48 4.08 13.51
C LYS B 216 14.39 2.77 14.29
N MET B 217 14.17 1.67 13.59
CA MET B 217 14.00 0.38 14.24
C MET B 217 15.31 -0.37 14.43
N GLY B 218 16.45 0.25 14.11
CA GLY B 218 17.74 -0.24 14.54
C GLY B 218 18.67 -0.72 13.43
N LEU B 219 18.27 -0.59 12.16
CA LEU B 219 19.13 -1.01 11.05
C LEU B 219 20.15 0.07 10.72
N PRO B 220 21.37 -0.32 10.35
CA PRO B 220 22.30 0.64 9.73
C PRO B 220 21.70 1.19 8.44
N ARG B 221 22.05 2.45 8.15
CA ARG B 221 21.45 3.15 7.01
CA ARG B 221 21.47 3.15 7.01
C ARG B 221 21.74 2.42 5.70
N ARG B 222 23.01 2.02 5.48
CA ARG B 222 23.36 1.36 4.22
C ARG B 222 22.54 0.09 4.00
N LEU B 223 22.40 -0.74 5.04
CA LEU B 223 21.58 -1.94 4.91
C LEU B 223 20.11 -1.59 4.68
N ALA B 224 19.58 -0.61 5.41
CA ALA B 224 18.18 -0.24 5.23
C ALA B 224 17.91 0.25 3.82
N VAL B 225 18.85 1.02 3.24
CA VAL B 225 18.68 1.49 1.86
C VAL B 225 18.68 0.30 0.90
N ARG B 226 19.63 -0.61 1.08
CA ARG B 226 19.75 -1.78 0.20
C ARG B 226 18.50 -2.63 0.26
N LEU B 227 18.01 -2.93 1.47
CA LEU B 227 16.83 -3.78 1.63
C LEU B 227 15.56 -3.10 1.11
N GLY B 228 15.38 -1.81 1.44
CA GLY B 228 14.22 -1.10 0.93
C GLY B 228 14.19 -1.06 -0.58
N ALA B 229 15.32 -0.73 -1.20
CA ALA B 229 15.38 -0.69 -2.66
C ALA B 229 15.10 -2.04 -3.26
N GLN B 230 15.70 -3.09 -2.69
CA GLN B 230 15.49 -4.45 -3.20
C GLN B 230 14.04 -4.87 -3.05
N ALA B 231 13.40 -4.50 -1.93
CA ALA B 231 12.00 -4.85 -1.75
C ALA B 231 11.13 -4.18 -2.81
N LEU B 232 11.41 -2.91 -3.11
CA LEU B 232 10.63 -2.23 -4.13
C LEU B 232 10.86 -2.85 -5.50
N LEU B 233 12.12 -3.11 -5.83
CA LEU B 233 12.43 -3.73 -7.12
C LEU B 233 11.73 -5.07 -7.26
N GLY B 234 11.86 -5.93 -6.24
CA GLY B 234 11.29 -7.27 -6.34
C GLY B 234 9.78 -7.25 -6.46
N ALA B 235 9.13 -6.38 -5.69
CA ALA B 235 7.67 -6.31 -5.76
C ALA B 235 7.22 -5.82 -7.13
N ALA B 236 7.90 -4.81 -7.67
CA ALA B 236 7.55 -4.32 -9.00
C ALA B 236 7.72 -5.41 -10.03
N LYS B 237 8.82 -6.17 -9.94
CA LYS B 237 9.01 -7.25 -10.90
C LYS B 237 7.95 -8.35 -10.74
N MET B 238 7.58 -8.67 -9.49
CA MET B 238 6.50 -9.62 -9.27
C MET B 238 5.22 -9.20 -9.98
N LEU B 239 4.84 -7.93 -9.83
CA LEU B 239 3.60 -7.47 -10.46
C LEU B 239 3.72 -7.52 -11.97
N LEU B 240 4.88 -7.11 -12.51
CA LEU B 240 5.06 -7.14 -13.96
C LEU B 240 4.97 -8.55 -14.53
N HIS B 241 5.46 -9.55 -13.79
CA HIS B 241 5.47 -10.91 -14.29
C HIS B 241 4.26 -11.73 -13.87
N SER B 242 3.34 -11.16 -13.09
CA SER B 242 2.19 -11.89 -12.59
C SER B 242 0.93 -11.48 -13.35
N GLU B 243 -0.01 -12.41 -13.44
CA GLU B 243 -1.33 -12.15 -14.00
C GLU B 243 -2.30 -11.60 -12.97
N GLN B 244 -1.90 -11.50 -11.71
CA GLN B 244 -2.81 -11.22 -10.62
C GLN B 244 -2.87 -9.73 -10.28
N HIS B 245 -3.99 -9.33 -9.71
CA HIS B 245 -4.19 -7.94 -9.33
C HIS B 245 -3.23 -7.55 -8.21
N PRO B 246 -2.70 -6.31 -8.20
CA PRO B 246 -1.87 -5.89 -7.07
C PRO B 246 -2.52 -6.13 -5.72
N GLY B 247 -3.85 -6.11 -5.64
CA GLY B 247 -4.52 -6.42 -4.39
C GLY B 247 -4.38 -7.87 -3.99
N GLN B 248 -4.36 -8.78 -4.96
CA GLN B 248 -4.20 -10.20 -4.64
C GLN B 248 -2.77 -10.48 -4.18
N LEU B 249 -1.79 -9.94 -4.90
CA LEU B 249 -0.41 -10.05 -4.44
C LEU B 249 -0.25 -9.48 -3.04
N LYS B 250 -0.92 -8.36 -2.78
CA LYS B 250 -0.88 -7.75 -1.45
C LYS B 250 -1.53 -8.67 -0.42
N ASP B 251 -2.68 -9.27 -0.76
CA ASP B 251 -3.32 -10.22 0.15
C ASP B 251 -2.40 -11.40 0.46
N ASN B 252 -1.54 -11.79 -0.48
CA ASN B 252 -0.63 -12.91 -0.24
C ASN B 252 0.43 -12.57 0.81
N VAL B 253 0.79 -11.30 0.94
CA VAL B 253 1.80 -10.90 1.92
C VAL B 253 1.23 -10.89 3.33
N SER B 254 -0.02 -10.47 3.49
CA SER B 254 -0.58 -10.18 4.81
C SER B 254 -1.09 -11.44 5.49
N SER B 255 -0.37 -11.94 6.49
CA SER B 255 -0.92 -13.03 7.28
C SER B 255 -1.93 -12.49 8.31
N PRO B 256 -2.93 -13.29 8.66
CA PRO B 256 -3.94 -12.84 9.63
C PRO B 256 -3.32 -12.50 10.99
N GLY B 257 -3.71 -11.34 11.50
CA GLY B 257 -3.16 -10.82 12.75
C GLY B 257 -1.73 -10.33 12.67
N GLY B 258 -1.08 -10.42 11.51
CA GLY B 258 0.36 -10.33 11.41
C GLY B 258 0.94 -8.92 11.24
N ALA B 259 2.26 -8.91 11.05
CA ALA B 259 3.03 -7.66 10.98
C ALA B 259 2.61 -6.81 9.79
N THR B 260 2.45 -7.43 8.62
CA THR B 260 2.19 -6.63 7.43
C THR B 260 0.82 -5.96 7.49
N ILE B 261 -0.21 -6.69 7.93
CA ILE B 261 -1.55 -6.09 7.94
C ILE B 261 -1.63 -4.99 8.98
N HIS B 262 -0.87 -5.11 10.08
CA HIS B 262 -0.77 -4.00 11.02
C HIS B 262 -0.13 -2.77 10.37
N ALA B 263 0.91 -2.97 9.57
CA ALA B 263 1.54 -1.84 8.88
C ALA B 263 0.62 -1.25 7.81
N LEU B 264 -0.08 -2.09 7.05
CA LEU B 264 -0.97 -1.57 6.03
C LEU B 264 -2.05 -0.69 6.63
N HIS B 265 -2.54 -1.07 7.83
CA HIS B 265 -3.53 -0.25 8.50
C HIS B 265 -3.02 1.17 8.76
N VAL B 266 -1.77 1.31 9.24
CA VAL B 266 -1.30 2.67 9.53
C VAL B 266 -1.08 3.45 8.24
N LEU B 267 -0.69 2.80 7.14
CA LEU B 267 -0.68 3.50 5.85
C LEU B 267 -2.07 4.00 5.49
N GLU B 268 -3.09 3.13 5.61
CA GLU B 268 -4.45 3.52 5.28
C GLU B 268 -4.94 4.66 6.16
N SER B 269 -4.58 4.64 7.45
CA SER B 269 -5.08 5.68 8.35
C SER B 269 -4.51 7.05 7.98
N GLY B 270 -3.36 7.10 7.34
CA GLY B 270 -2.83 8.35 6.83
C GLY B 270 -3.27 8.75 5.44
N GLY B 271 -4.16 7.98 4.81
CA GLY B 271 -4.52 8.29 3.42
C GLY B 271 -3.40 8.11 2.42
N PHE B 272 -2.51 7.13 2.66
CA PHE B 272 -1.36 6.85 1.79
C PHE B 272 -1.75 6.80 0.31
N ARG B 273 -2.79 6.02 0.00
CA ARG B 273 -3.21 5.89 -1.39
C ARG B 273 -3.56 7.25 -1.98
N SER B 274 -4.32 8.06 -1.23
CA SER B 274 -4.75 9.33 -1.79
C SER B 274 -3.56 10.24 -2.08
N LEU B 275 -2.46 10.12 -1.31
CA LEU B 275 -1.33 11.00 -1.57
C LEU B 275 -0.70 10.71 -2.93
N LEU B 276 -0.62 9.43 -3.28
CA LEU B 276 -0.02 9.06 -4.56
C LEU B 276 -0.95 9.43 -5.72
N ILE B 277 -2.26 9.37 -5.51
CA ILE B 277 -3.20 9.88 -6.51
C ILE B 277 -2.99 11.38 -6.67
N ASN B 278 -2.90 12.11 -5.53
CA ASN B 278 -2.65 13.55 -5.56
C ASN B 278 -1.40 13.88 -6.37
N ALA B 279 -0.35 13.07 -6.22
CA ALA B 279 0.93 13.34 -6.86
C ALA B 279 0.83 13.23 -8.37
N VAL B 280 0.26 12.11 -8.86
CA VAL B 280 0.12 11.94 -10.31
C VAL B 280 -0.72 13.07 -10.89
N GLU B 281 -1.82 13.39 -10.21
CA GLU B 281 -2.70 14.48 -10.64
C GLU B 281 -1.92 15.79 -10.68
N ALA B 282 -1.18 16.09 -9.62
CA ALA B 282 -0.50 17.39 -9.56
C ALA B 282 0.57 17.52 -10.64
N SER B 283 1.29 16.43 -10.90
CA SER B 283 2.31 16.47 -11.96
C SER B 283 1.66 16.62 -13.33
N CYS B 284 0.61 15.84 -13.59
CA CYS B 284 -0.10 15.96 -14.86
C CYS B 284 -0.66 17.37 -15.06
N ILE B 285 -1.35 17.92 -14.05
CA ILE B 285 -1.95 19.24 -14.18
C ILE B 285 -0.88 20.31 -14.41
N ARG B 286 0.23 20.22 -13.67
CA ARG B 286 1.29 21.19 -13.86
C ARG B 286 1.86 21.10 -15.28
N THR B 287 2.01 19.88 -15.77
CA THR B 287 2.47 19.67 -17.16
C THR B 287 1.54 20.35 -18.15
N ARG B 288 0.23 20.16 -18.00
CA ARG B 288 -0.72 20.82 -18.90
C ARG B 288 -0.67 22.33 -18.75
N GLU B 289 -0.56 22.82 -17.51
CA GLU B 289 -0.52 24.24 -17.23
C GLU B 289 0.68 24.91 -17.90
N LEU B 290 1.85 24.28 -17.81
CA LEU B 290 3.06 24.85 -18.40
C LEU B 290 2.95 24.93 -19.92
N GLN B 291 2.37 23.91 -20.55
CA GLN B 291 2.24 23.97 -21.99
C GLN B 291 1.21 25.02 -22.40
N SER B 292 0.14 25.18 -21.62
CA SER B 292 -0.83 26.20 -21.96
C SER B 292 -0.23 27.60 -21.87
N MET B 293 0.66 27.83 -20.88
CA MET B 293 1.40 29.09 -20.83
C MET B 293 2.30 29.26 -22.04
N ALA B 294 2.97 28.18 -22.46
CA ALA B 294 3.80 28.26 -23.67
C ALA B 294 2.94 28.52 -24.89
N ASP B 295 1.78 27.86 -25.00
CA ASP B 295 0.89 28.11 -26.12
C ASP B 295 0.28 29.50 -26.08
N GLN B 296 0.18 30.12 -24.89
CA GLN B 296 -0.27 31.52 -24.84
C GLN B 296 0.78 32.44 -25.43
N GLU B 297 2.06 32.13 -25.23
CA GLU B 297 3.15 32.86 -25.86
C GLU B 297 3.28 32.43 -27.33
N GLN C 21 -36.27 -33.98 10.41
CA GLN C 21 -37.51 -33.48 9.81
C GLN C 21 -38.69 -33.59 10.79
N SER C 22 -38.50 -34.37 11.85
CA SER C 22 -39.40 -34.39 13.00
C SER C 22 -38.83 -33.56 14.15
N MET C 23 -38.14 -32.47 13.82
CA MET C 23 -37.29 -31.78 14.76
C MET C 23 -38.05 -30.67 15.48
N SER C 24 -37.88 -30.63 16.80
CA SER C 24 -38.42 -29.56 17.63
C SER C 24 -37.30 -28.60 18.00
N VAL C 25 -37.54 -27.32 17.81
CA VAL C 25 -36.55 -26.28 18.04
C VAL C 25 -37.08 -25.33 19.11
N GLY C 26 -36.21 -24.91 20.01
CA GLY C 26 -36.58 -23.97 21.04
C GLY C 26 -35.63 -22.79 21.05
N PHE C 27 -36.15 -21.66 21.49
CA PHE C 27 -35.34 -20.46 21.70
C PHE C 27 -35.53 -20.01 23.14
N ILE C 28 -34.45 -20.01 23.92
CA ILE C 28 -34.44 -19.33 25.21
CA ILE C 28 -34.46 -19.33 25.21
C ILE C 28 -34.09 -17.88 24.94
N GLY C 29 -35.04 -16.97 25.16
CA GLY C 29 -34.89 -15.58 24.76
C GLY C 29 -35.65 -15.32 23.49
N ALA C 30 -36.82 -14.71 23.60
CA ALA C 30 -37.72 -14.51 22.46
C ALA C 30 -37.62 -13.08 21.94
N GLY C 31 -36.40 -12.71 21.50
CA GLY C 31 -36.09 -11.36 21.09
C GLY C 31 -35.81 -11.21 19.60
N GLN C 32 -34.96 -10.24 19.25
CA GLN C 32 -34.72 -9.91 17.84
C GLN C 32 -34.16 -11.10 17.07
N LEU C 33 -33.17 -11.79 17.65
CA LEU C 33 -32.54 -12.88 16.93
C LEU C 33 -33.48 -14.09 16.84
N ALA C 34 -34.19 -14.39 17.93
CA ALA C 34 -35.15 -15.49 17.87
C ALA C 34 -36.18 -15.24 16.78
N PHE C 35 -36.69 -14.02 16.68
CA PHE C 35 -37.63 -13.73 15.60
C PHE C 35 -36.97 -13.87 14.23
N ALA C 36 -35.75 -13.36 14.09
CA ALA C 36 -35.09 -13.39 12.79
C ALA C 36 -34.86 -14.83 12.33
N LEU C 37 -34.37 -15.70 13.23
CA LEU C 37 -34.13 -17.09 12.88
C LEU C 37 -35.43 -17.83 12.62
N ALA C 38 -36.42 -17.67 13.51
CA ALA C 38 -37.69 -18.35 13.32
C ALA C 38 -38.35 -17.92 12.02
N LYS C 39 -38.27 -16.63 11.69
CA LYS C 39 -38.84 -16.17 10.43
C LYS C 39 -38.07 -16.76 9.25
N GLY C 40 -36.74 -16.78 9.34
CA GLY C 40 -35.95 -17.39 8.27
C GLY C 40 -36.22 -18.87 8.12
N PHE C 41 -36.23 -19.62 9.24
CA PHE C 41 -36.43 -21.07 9.16
C PHE C 41 -37.79 -21.40 8.55
N THR C 42 -38.82 -20.67 8.95
CA THR C 42 -40.15 -21.02 8.46
C THR C 42 -40.33 -20.59 7.00
N ALA C 43 -39.79 -19.43 6.65
CA ALA C 43 -39.77 -19.01 5.25
C ALA C 43 -39.01 -20.00 4.39
N ALA C 44 -37.90 -20.53 4.91
CA ALA C 44 -37.14 -21.55 4.21
C ALA C 44 -37.91 -22.85 4.04
N GLY C 45 -38.95 -23.07 4.85
CA GLY C 45 -39.67 -24.32 4.82
C GLY C 45 -39.01 -25.45 5.56
N VAL C 46 -37.92 -25.20 6.28
CA VAL C 46 -37.22 -26.28 6.97
C VAL C 46 -37.85 -26.59 8.33
N LEU C 47 -38.56 -25.64 8.93
CA LEU C 47 -39.29 -25.85 10.16
C LEU C 47 -40.73 -25.39 10.03
N ALA C 48 -41.62 -26.09 10.72
CA ALA C 48 -42.99 -25.64 10.89
C ALA C 48 -43.04 -24.74 12.12
N ALA C 49 -43.75 -23.63 12.02
CA ALA C 49 -43.78 -22.65 13.09
C ALA C 49 -44.31 -23.28 14.38
N HIS C 50 -45.27 -24.20 14.28
CA HIS C 50 -45.82 -24.79 15.49
C HIS C 50 -44.86 -25.75 16.15
N LYS C 51 -43.76 -26.13 15.48
CA LYS C 51 -42.75 -26.97 16.09
C LYS C 51 -41.66 -26.16 16.78
N ILE C 52 -41.80 -24.84 16.81
CA ILE C 52 -40.88 -23.93 17.45
C ILE C 52 -41.52 -23.40 18.71
N MET C 53 -40.74 -23.32 19.79
CA MET C 53 -41.19 -22.70 21.02
C MET C 53 -40.13 -21.69 21.43
N ALA C 54 -40.57 -20.53 21.93
CA ALA C 54 -39.66 -19.51 22.41
C ALA C 54 -40.13 -19.03 23.77
N SER C 55 -39.18 -18.65 24.63
CA SER C 55 -39.55 -18.22 25.96
C SER C 55 -38.90 -16.89 26.31
N SER C 56 -39.65 -16.08 27.06
CA SER C 56 -39.17 -14.79 27.53
C SER C 56 -39.96 -14.48 28.79
N PRO C 57 -39.35 -13.84 29.79
CA PRO C 57 -40.10 -13.55 31.02
C PRO C 57 -41.29 -12.62 30.79
N ASP C 58 -41.15 -11.68 29.86
CA ASP C 58 -42.23 -10.74 29.52
C ASP C 58 -42.92 -11.22 28.25
N MET C 59 -44.15 -11.71 28.39
CA MET C 59 -44.93 -12.18 27.24
C MET C 59 -45.59 -11.06 26.46
N ASP C 60 -45.42 -9.80 26.87
CA ASP C 60 -46.03 -8.67 26.18
C ASP C 60 -45.06 -7.94 25.27
N LEU C 61 -43.87 -8.51 25.05
CA LEU C 61 -42.90 -7.87 24.16
C LEU C 61 -43.35 -7.90 22.71
N ALA C 62 -42.84 -6.94 21.94
CA ALA C 62 -43.23 -6.85 20.53
C ALA C 62 -42.66 -8.01 19.72
N THR C 63 -41.44 -8.44 20.03
CA THR C 63 -40.89 -9.62 19.36
C THR C 63 -41.71 -10.86 19.70
N VAL C 64 -42.20 -10.95 20.94
CA VAL C 64 -43.05 -12.05 21.35
C VAL C 64 -44.35 -12.04 20.56
N SER C 65 -44.95 -10.87 20.35
CA SER C 65 -46.18 -10.80 19.56
C SER C 65 -45.91 -11.15 18.11
N ALA C 66 -44.79 -10.68 17.55
CA ALA C 66 -44.43 -11.04 16.18
C ALA C 66 -44.22 -12.55 16.04
N LEU C 67 -43.53 -13.17 17.00
CA LEU C 67 -43.42 -14.64 17.01
C LEU C 67 -44.79 -15.30 17.12
N ARG C 68 -45.66 -14.76 17.97
CA ARG C 68 -46.98 -15.35 18.15
C ARG C 68 -47.80 -15.27 16.86
N LYS C 69 -47.72 -14.14 16.16
CA LYS C 69 -48.46 -14.00 14.90
C LYS C 69 -47.94 -14.92 13.82
N MET C 70 -46.70 -15.39 13.95
CA MET C 70 -46.08 -16.31 13.01
C MET C 70 -46.49 -17.76 13.24
N GLY C 71 -47.07 -18.09 14.40
CA GLY C 71 -47.45 -19.45 14.73
C GLY C 71 -46.56 -20.13 15.74
N VAL C 72 -45.51 -19.45 16.21
CA VAL C 72 -44.58 -20.02 17.18
C VAL C 72 -45.26 -20.14 18.54
N LYS C 73 -44.98 -21.23 19.25
CA LYS C 73 -45.48 -21.42 20.61
C LYS C 73 -44.66 -20.57 21.59
N LEU C 74 -45.35 -19.86 22.48
CA LEU C 74 -44.71 -18.94 23.41
C LEU C 74 -45.03 -19.35 24.85
N THR C 75 -44.05 -19.16 25.74
CA THR C 75 -44.23 -19.48 27.15
C THR C 75 -43.28 -18.62 27.97
N PRO C 76 -43.65 -18.24 29.19
CA PRO C 76 -42.70 -17.53 30.06
C PRO C 76 -41.66 -18.44 30.71
N HIS C 77 -41.84 -19.75 30.64
CA HIS C 77 -41.05 -20.71 31.42
C HIS C 77 -39.98 -21.33 30.53
N ASN C 78 -38.71 -20.99 30.82
CA ASN C 78 -37.61 -21.58 30.07
C ASN C 78 -37.60 -23.10 30.17
N LYS C 79 -38.09 -23.65 31.27
CA LYS C 79 -38.09 -25.10 31.42
C LYS C 79 -39.00 -25.76 30.40
N GLU C 80 -40.12 -25.13 30.05
CA GLU C 80 -41.02 -25.70 29.05
C GLU C 80 -40.35 -25.74 27.68
N THR C 81 -39.65 -24.65 27.32
CA THR C 81 -38.89 -24.63 26.07
C THR C 81 -37.90 -25.79 26.00
N VAL C 82 -37.17 -26.05 27.10
CA VAL C 82 -36.20 -27.13 27.13
C VAL C 82 -36.89 -28.47 26.93
N GLN C 83 -38.00 -28.70 27.64
CA GLN C 83 -38.71 -29.97 27.53
C GLN C 83 -39.30 -30.17 26.14
N HIS C 84 -39.70 -29.08 25.47
CA HIS C 84 -40.23 -29.17 24.11
C HIS C 84 -39.14 -29.49 23.08
N SER C 85 -37.91 -29.02 23.32
CA SER C 85 -36.93 -28.86 22.25
C SER C 85 -35.99 -30.04 22.12
N ASP C 86 -35.57 -30.28 20.87
CA ASP C 86 -34.41 -31.11 20.56
C ASP C 86 -33.18 -30.24 20.36
N VAL C 87 -33.27 -29.29 19.42
CA VAL C 87 -32.24 -28.27 19.24
C VAL C 87 -32.67 -27.03 20.01
N LEU C 88 -31.78 -26.53 20.87
CA LEU C 88 -32.11 -25.47 21.82
C LEU C 88 -31.17 -24.30 21.59
N PHE C 89 -31.70 -23.21 21.02
CA PHE C 89 -30.93 -22.00 20.78
C PHE C 89 -30.96 -21.14 22.02
N LEU C 90 -29.79 -20.67 22.46
CA LEU C 90 -29.69 -19.69 23.52
C LEU C 90 -29.61 -18.32 22.85
N ALA C 91 -30.67 -17.53 22.98
CA ALA C 91 -30.78 -16.24 22.30
C ALA C 91 -31.07 -15.14 23.31
N VAL C 92 -30.43 -15.22 24.47
CA VAL C 92 -30.49 -14.16 25.45
C VAL C 92 -29.20 -13.35 25.33
N LYS C 93 -29.21 -12.15 25.91
CA LYS C 93 -28.00 -11.33 25.96
C LYS C 93 -26.87 -12.08 26.66
N PRO C 94 -25.61 -11.80 26.31
CA PRO C 94 -24.51 -12.61 26.85
C PRO C 94 -24.45 -12.65 28.37
N HIS C 95 -24.74 -11.53 29.06
CA HIS C 95 -24.67 -11.56 30.52
C HIS C 95 -25.78 -12.37 31.15
N ILE C 96 -26.82 -12.73 30.39
CA ILE C 96 -27.88 -13.59 30.91
C ILE C 96 -27.56 -15.07 30.72
N ILE C 97 -26.60 -15.42 29.85
CA ILE C 97 -26.29 -16.84 29.60
C ILE C 97 -25.99 -17.61 30.88
N PRO C 98 -25.11 -17.17 31.77
CA PRO C 98 -24.84 -17.98 32.97
C PRO C 98 -26.08 -18.19 33.82
N PHE C 99 -26.95 -17.19 33.88
CA PHE C 99 -28.16 -17.31 34.68
C PHE C 99 -29.09 -18.40 34.13
N ILE C 100 -29.24 -18.46 32.80
CA ILE C 100 -30.19 -19.46 32.31
C ILE C 100 -29.56 -20.84 32.27
N LEU C 101 -28.23 -20.94 32.14
CA LEU C 101 -27.59 -22.26 32.21
C LEU C 101 -27.80 -22.87 33.59
N ASP C 102 -27.66 -22.06 34.64
CA ASP C 102 -27.96 -22.54 35.99
C ASP C 102 -29.44 -22.91 36.11
N GLU C 103 -30.32 -22.14 35.47
CA GLU C 103 -31.75 -22.39 35.61
C GLU C 103 -32.16 -23.70 34.95
N ILE C 104 -31.62 -24.01 33.78
CA ILE C 104 -32.10 -25.18 33.03
C ILE C 104 -31.06 -26.29 32.93
N GLY C 105 -29.89 -26.13 33.55
CA GLY C 105 -28.88 -27.18 33.46
C GLY C 105 -29.39 -28.54 33.88
N ALA C 106 -30.20 -28.60 34.94
CA ALA C 106 -30.70 -29.89 35.41
C ALA C 106 -31.75 -30.49 34.48
N ASP C 107 -32.23 -29.74 33.50
CA ASP C 107 -33.23 -30.24 32.57
C ASP C 107 -32.64 -30.67 31.22
N ILE C 108 -31.34 -30.45 31.01
CA ILE C 108 -30.71 -30.89 29.77
C ILE C 108 -30.64 -32.41 29.75
N GLU C 109 -30.93 -32.99 28.59
CA GLU C 109 -30.95 -34.43 28.41
C GLU C 109 -29.93 -34.82 27.35
N ASP C 110 -29.75 -36.14 27.22
CA ASP C 110 -28.84 -36.68 26.20
C ASP C 110 -29.23 -36.21 24.81
N ARG C 111 -30.52 -36.04 24.54
CA ARG C 111 -30.99 -35.71 23.19
C ARG C 111 -30.68 -34.27 22.80
N HIS C 112 -30.39 -33.39 23.76
CA HIS C 112 -30.31 -31.97 23.48
C HIS C 112 -29.02 -31.58 22.75
N ILE C 113 -29.16 -30.69 21.77
CA ILE C 113 -28.04 -29.95 21.20
C ILE C 113 -28.24 -28.50 21.60
N VAL C 114 -27.31 -27.96 22.39
CA VAL C 114 -27.42 -26.60 22.89
C VAL C 114 -26.60 -25.70 21.98
N VAL C 115 -27.27 -24.75 21.33
CA VAL C 115 -26.64 -23.87 20.36
C VAL C 115 -26.63 -22.46 20.96
N SER C 116 -25.46 -22.01 21.39
CA SER C 116 -25.34 -20.65 21.91
C SER C 116 -25.10 -19.69 20.75
N CYS C 117 -25.94 -18.67 20.63
CA CYS C 117 -25.72 -17.59 19.69
C CYS C 117 -25.09 -16.37 20.34
N ALA C 118 -24.84 -16.41 21.64
CA ALA C 118 -24.47 -15.21 22.38
C ALA C 118 -23.08 -14.73 21.97
N ALA C 119 -22.96 -13.42 21.71
CA ALA C 119 -21.66 -12.86 21.39
C ALA C 119 -20.67 -13.08 22.53
N GLY C 120 -19.46 -13.47 22.17
CA GLY C 120 -18.36 -13.52 23.13
C GLY C 120 -18.29 -14.77 23.98
N VAL C 121 -19.43 -15.39 24.27
CA VAL C 121 -19.49 -16.44 25.29
C VAL C 121 -18.84 -17.73 24.78
N THR C 122 -17.89 -18.26 25.55
CA THR C 122 -17.10 -19.37 25.05
C THR C 122 -17.78 -20.71 25.27
N ILE C 123 -17.43 -21.66 24.41
CA ILE C 123 -17.89 -23.04 24.59
C ILE C 123 -17.44 -23.55 25.96
N SER C 124 -16.22 -23.22 26.37
CA SER C 124 -15.69 -23.67 27.65
C SER C 124 -16.61 -23.26 28.80
N SER C 125 -17.02 -21.98 28.82
CA SER C 125 -17.82 -21.48 29.93
C SER C 125 -19.20 -22.13 29.96
N ILE C 126 -19.75 -22.45 28.79
CA ILE C 126 -21.05 -23.09 28.73
C ILE C 126 -20.95 -24.54 29.18
N GLU C 127 -19.96 -25.26 28.66
CA GLU C 127 -19.78 -26.65 29.05
C GLU C 127 -19.53 -26.77 30.55
N LYS C 128 -18.77 -25.85 31.14
CA LYS C 128 -18.48 -25.95 32.57
C LYS C 128 -19.75 -25.83 33.40
N LYS C 129 -20.60 -24.84 33.09
CA LYS C 129 -21.88 -24.67 33.77
C LYS C 129 -22.75 -25.91 33.61
N LEU C 130 -22.92 -26.38 32.36
CA LEU C 130 -23.82 -27.50 32.13
C LEU C 130 -23.27 -28.80 32.68
N SER C 131 -21.95 -28.98 32.67
CA SER C 131 -21.39 -30.25 33.11
C SER C 131 -21.54 -30.48 34.60
N ALA C 132 -21.78 -29.42 35.38
CA ALA C 132 -22.01 -29.63 36.81
C ALA C 132 -23.30 -30.40 37.07
N PHE C 133 -24.23 -30.41 36.10
CA PHE C 133 -25.50 -31.10 36.24
C PHE C 133 -25.50 -32.47 35.58
N ARG C 134 -24.97 -32.58 34.37
CA ARG C 134 -24.92 -33.83 33.65
C ARG C 134 -23.69 -33.80 32.78
N PRO C 135 -22.90 -34.87 32.73
CA PRO C 135 -21.70 -34.87 31.91
C PRO C 135 -22.05 -34.91 30.43
N ALA C 136 -21.08 -34.51 29.62
CA ALA C 136 -21.14 -34.53 28.16
C ALA C 136 -22.29 -33.71 27.55
N PRO C 137 -22.49 -32.45 27.92
CA PRO C 137 -23.44 -31.61 27.18
C PRO C 137 -22.96 -31.40 25.75
N ARG C 138 -23.88 -31.52 24.80
CA ARG C 138 -23.59 -31.30 23.39
C ARG C 138 -23.80 -29.83 23.09
N VAL C 139 -22.71 -29.11 22.85
CA VAL C 139 -22.73 -27.65 22.74
C VAL C 139 -22.15 -27.25 21.38
N ILE C 140 -22.85 -26.33 20.72
CA ILE C 140 -22.36 -25.67 19.52
C ILE C 140 -22.45 -24.18 19.75
N ARG C 141 -21.42 -23.45 19.34
CA ARG C 141 -21.42 -22.00 19.43
C ARG C 141 -21.49 -21.43 18.02
N CYS C 142 -22.37 -20.45 17.82
CA CYS C 142 -22.44 -19.83 16.51
C CYS C 142 -22.40 -18.31 16.63
N MET C 143 -22.05 -17.68 15.53
CA MET C 143 -22.24 -16.25 15.35
C MET C 143 -22.95 -16.08 14.03
N THR C 144 -24.02 -15.27 14.03
CA THR C 144 -24.84 -15.10 12.84
C THR C 144 -25.10 -13.60 12.71
N ASN C 145 -26.16 -13.23 12.00
CA ASN C 145 -26.50 -11.81 11.93
C ASN C 145 -27.96 -11.70 11.54
N THR C 146 -28.50 -10.49 11.66
CA THR C 146 -29.95 -10.32 11.47
C THR C 146 -30.45 -10.67 10.07
N PRO C 147 -29.66 -10.54 8.97
CA PRO C 147 -30.24 -10.88 7.66
C PRO C 147 -30.66 -12.34 7.48
N VAL C 148 -30.48 -13.21 8.48
CA VAL C 148 -31.16 -14.52 8.39
C VAL C 148 -32.66 -14.31 8.22
N VAL C 149 -33.17 -13.15 8.65
CA VAL C 149 -34.61 -12.88 8.52
C VAL C 149 -35.04 -12.82 7.06
N VAL C 150 -34.13 -12.50 6.13
CA VAL C 150 -34.42 -12.58 4.70
C VAL C 150 -33.62 -13.70 4.04
N ARG C 151 -33.21 -14.70 4.84
CA ARG C 151 -32.49 -15.86 4.34
C ARG C 151 -31.17 -15.50 3.65
N GLU C 152 -30.51 -14.43 4.11
CA GLU C 152 -29.20 -14.04 3.57
C GLU C 152 -28.22 -13.75 4.70
N GLY C 153 -28.30 -14.55 5.76
CA GLY C 153 -27.39 -14.41 6.88
C GLY C 153 -25.99 -14.88 6.55
N ALA C 154 -25.08 -14.55 7.47
CA ALA C 154 -23.68 -14.98 7.42
C ALA C 154 -23.39 -15.63 8.77
N THR C 155 -23.24 -16.94 8.78
CA THR C 155 -23.18 -17.71 10.02
C THR C 155 -21.91 -18.56 10.07
N VAL C 156 -21.22 -18.54 11.20
CA VAL C 156 -20.16 -19.50 11.46
C VAL C 156 -20.51 -20.24 12.75
N TYR C 157 -19.98 -21.46 12.87
CA TYR C 157 -20.21 -22.24 14.09
C TYR C 157 -18.96 -23.03 14.42
N ALA C 158 -18.80 -23.29 15.72
CA ALA C 158 -17.74 -24.14 16.24
C ALA C 158 -18.38 -25.20 17.12
N THR C 159 -17.88 -26.43 17.02
CA THR C 159 -18.44 -27.56 17.74
C THR C 159 -17.73 -27.76 19.07
N GLY C 160 -18.50 -28.13 20.10
CA GLY C 160 -17.96 -28.30 21.44
C GLY C 160 -17.34 -29.65 21.65
N THR C 161 -16.86 -29.85 22.88
CA THR C 161 -16.11 -31.05 23.25
C THR C 161 -16.90 -32.33 23.01
N HIS C 162 -18.19 -32.31 23.31
CA HIS C 162 -19.02 -33.52 23.27
C HIS C 162 -20.03 -33.49 22.15
N ALA C 163 -19.99 -32.47 21.31
CA ALA C 163 -20.82 -32.43 20.12
C ALA C 163 -20.41 -33.56 19.18
N GLN C 164 -21.39 -34.35 18.75
CA GLN C 164 -21.11 -35.43 17.83
C GLN C 164 -20.96 -34.88 16.40
N VAL C 165 -20.31 -35.67 15.53
CA VAL C 165 -20.03 -35.19 14.19
C VAL C 165 -21.34 -34.88 13.45
N GLU C 166 -22.36 -35.71 13.64
CA GLU C 166 -23.67 -35.41 13.04
C GLU C 166 -24.27 -34.12 13.60
N ASP C 167 -23.88 -33.69 14.81
CA ASP C 167 -24.42 -32.45 15.36
C ASP C 167 -23.97 -31.25 14.55
N GLY C 168 -22.69 -31.21 14.16
CA GLY C 168 -22.23 -30.12 13.33
C GLY C 168 -22.85 -30.17 11.95
N ARG C 169 -23.00 -31.36 11.39
CA ARG C 169 -23.61 -31.50 10.08
C ARG C 169 -25.06 -31.04 10.11
N LEU C 170 -25.80 -31.42 11.15
CA LEU C 170 -27.19 -30.97 11.29
C LEU C 170 -27.28 -29.46 11.42
N MET C 171 -26.41 -28.86 12.23
CA MET C 171 -26.49 -27.43 12.42
C MET C 171 -26.09 -26.66 11.17
N GLU C 172 -25.12 -27.17 10.41
CA GLU C 172 -24.79 -26.48 9.16
C GLU C 172 -25.94 -26.59 8.17
N GLN C 173 -26.60 -27.75 8.13
CA GLN C 173 -27.75 -27.91 7.24
C GLN C 173 -28.87 -26.95 7.59
N LEU C 174 -29.15 -26.80 8.89
CA LEU C 174 -30.20 -25.89 9.35
C LEU C 174 -29.83 -24.42 9.07
N LEU C 175 -28.63 -24.01 9.47
CA LEU C 175 -28.27 -22.61 9.31
C LEU C 175 -27.99 -22.24 7.86
N SER C 176 -27.67 -23.23 7.01
CA SER C 176 -27.51 -22.94 5.59
C SER C 176 -28.83 -22.63 4.91
N SER C 177 -29.95 -22.98 5.53
CA SER C 177 -31.23 -22.63 4.92
C SER C 177 -31.50 -21.13 5.00
N VAL C 178 -30.80 -20.40 5.88
CA VAL C 178 -31.07 -18.98 6.05
C VAL C 178 -29.85 -18.12 5.70
N GLY C 179 -28.89 -18.64 4.95
CA GLY C 179 -27.76 -17.85 4.52
C GLY C 179 -26.51 -18.71 4.40
N PHE C 180 -25.37 -18.01 4.25
CA PHE C 180 -24.07 -18.67 4.25
C PHE C 180 -23.81 -19.28 5.63
N CYS C 181 -23.26 -20.49 5.65
CA CYS C 181 -22.89 -21.09 6.92
C CYS C 181 -21.64 -21.94 6.75
N THR C 182 -20.68 -21.80 7.66
CA THR C 182 -19.49 -22.64 7.61
C THR C 182 -18.94 -22.88 9.00
N GLU C 183 -18.24 -24.00 9.17
CA GLU C 183 -17.60 -24.33 10.44
C GLU C 183 -16.29 -23.57 10.57
N VAL C 184 -16.01 -23.06 11.77
CA VAL C 184 -14.74 -22.42 12.06
C VAL C 184 -14.19 -22.97 13.37
N GLU C 185 -12.89 -22.79 13.56
CA GLU C 185 -12.31 -22.90 14.90
C GLU C 185 -12.88 -21.78 15.78
N GLU C 186 -13.14 -22.11 17.05
CA GLU C 186 -13.78 -21.15 17.93
C GLU C 186 -12.96 -19.87 18.06
N ASP C 187 -11.64 -19.96 17.94
CA ASP C 187 -10.88 -18.73 18.19
C ASP C 187 -11.03 -17.70 17.07
N LEU C 188 -11.77 -18.00 16.00
CA LEU C 188 -12.08 -16.98 14.97
C LEU C 188 -13.38 -16.23 15.24
N ILE C 189 -14.20 -16.68 16.18
CA ILE C 189 -15.59 -16.22 16.22
C ILE C 189 -15.68 -14.77 16.67
N ASP C 190 -14.83 -14.34 17.60
CA ASP C 190 -14.91 -12.94 18.02
C ASP C 190 -14.57 -11.98 16.87
N ALA C 191 -13.63 -12.38 16.01
CA ALA C 191 -13.34 -11.57 14.83
C ALA C 191 -14.48 -11.61 13.82
N VAL C 192 -15.09 -12.78 13.64
CA VAL C 192 -16.27 -12.86 12.78
C VAL C 192 -17.35 -11.92 13.30
N THR C 193 -17.53 -11.87 14.62
CA THR C 193 -18.49 -10.96 15.21
C THR C 193 -18.24 -9.52 14.77
N GLY C 194 -16.98 -9.08 14.78
CA GLY C 194 -16.66 -7.72 14.38
C GLY C 194 -16.87 -7.45 12.91
N LEU C 195 -16.84 -8.48 12.07
CA LEU C 195 -17.00 -8.31 10.63
C LEU C 195 -18.45 -8.52 10.20
N SER C 196 -18.97 -9.76 10.27
CA SER C 196 -20.32 -10.01 9.79
C SER C 196 -21.39 -9.88 10.86
N GLY C 197 -21.05 -9.98 12.15
CA GLY C 197 -22.04 -9.70 13.19
C GLY C 197 -22.48 -8.25 13.21
N SER C 198 -21.50 -7.34 13.35
CA SER C 198 -21.74 -5.90 13.28
C SER C 198 -21.91 -5.41 11.85
N GLY C 199 -21.43 -6.17 10.88
CA GLY C 199 -21.48 -5.79 9.47
C GLY C 199 -22.74 -5.13 8.97
N PRO C 200 -23.92 -5.71 9.25
CA PRO C 200 -25.15 -5.05 8.75
C PRO C 200 -25.28 -3.61 9.23
N ALA C 201 -24.85 -3.29 10.46
CA ALA C 201 -24.94 -1.90 10.91
C ALA C 201 -24.01 -0.99 10.11
N TYR C 202 -22.82 -1.48 9.74
CA TYR C 202 -21.96 -0.67 8.87
C TYR C 202 -22.66 -0.41 7.56
N ALA C 203 -23.32 -1.43 7.02
CA ALA C 203 -24.05 -1.29 5.76
C ALA C 203 -25.22 -0.31 5.89
N PHE C 204 -25.96 -0.38 7.00
CA PHE C 204 -27.10 0.54 7.17
C PHE C 204 -26.62 1.99 7.30
N THR C 205 -25.49 2.21 8.00
CA THR C 205 -24.91 3.54 8.07
C THR C 205 -24.49 4.02 6.69
N ALA C 206 -23.81 3.17 5.93
CA ALA C 206 -23.36 3.54 4.59
C ALA C 206 -24.55 3.87 3.68
N LEU C 207 -25.62 3.09 3.77
CA LEU C 207 -26.79 3.30 2.91
C LEU C 207 -27.51 4.58 3.25
N ASP C 208 -27.63 4.89 4.54
CA ASP C 208 -28.20 6.17 4.94
C ASP C 208 -27.38 7.33 4.37
N ALA C 209 -26.05 7.24 4.50
CA ALA C 209 -25.16 8.28 4.00
C ALA C 209 -25.24 8.40 2.47
N LEU C 210 -25.23 7.27 1.77
CA LEU C 210 -25.33 7.30 0.32
C LEU C 210 -26.65 7.93 -0.12
N ALA C 211 -27.74 7.61 0.57
CA ALA C 211 -29.02 8.23 0.24
C ALA C 211 -28.98 9.73 0.50
N ASP C 212 -28.34 10.15 1.59
CA ASP C 212 -28.14 11.59 1.81
C ASP C 212 -27.40 12.24 0.65
N GLY C 213 -26.37 11.57 0.12
CA GLY C 213 -25.66 12.09 -1.05
C GLY C 213 -26.57 12.17 -2.27
N GLY C 214 -27.34 11.12 -2.51
CA GLY C 214 -28.33 11.18 -3.58
C GLY C 214 -29.29 12.35 -3.43
N VAL C 215 -29.82 12.55 -2.21
CA VAL C 215 -30.76 13.64 -1.96
C VAL C 215 -30.08 14.99 -2.16
N LYS C 216 -28.83 15.14 -1.69
CA LYS C 216 -28.10 16.38 -1.91
C LYS C 216 -28.01 16.73 -3.39
N MET C 217 -27.85 15.73 -4.23
CA MET C 217 -27.72 15.90 -5.66
C MET C 217 -29.05 15.91 -6.39
N GLY C 218 -30.17 15.86 -5.67
CA GLY C 218 -31.48 16.13 -6.26
C GLY C 218 -32.42 14.95 -6.34
N LEU C 219 -32.04 13.79 -5.82
CA LEU C 219 -32.94 12.63 -5.88
C LEU C 219 -33.94 12.66 -4.74
N PRO C 220 -35.17 12.21 -4.99
CA PRO C 220 -36.09 11.97 -3.88
C PRO C 220 -35.52 10.89 -2.96
N ARG C 221 -35.80 11.05 -1.67
CA ARG C 221 -35.24 10.16 -0.67
CA ARG C 221 -35.21 10.16 -0.68
C ARG C 221 -35.58 8.70 -0.95
N ARG C 222 -36.84 8.43 -1.30
CA ARG C 222 -37.25 7.04 -1.50
C ARG C 222 -36.49 6.40 -2.65
N LEU C 223 -36.30 7.14 -3.74
CA LEU C 223 -35.52 6.62 -4.87
C LEU C 223 -34.05 6.47 -4.50
N ALA C 224 -33.49 7.45 -3.77
CA ALA C 224 -32.09 7.35 -3.38
C ALA C 224 -31.86 6.13 -2.49
N VAL C 225 -32.79 5.84 -1.58
CA VAL C 225 -32.62 4.68 -0.72
C VAL C 225 -32.69 3.39 -1.53
N ARG C 226 -33.63 3.32 -2.47
CA ARG C 226 -33.83 2.12 -3.27
C ARG C 226 -32.63 1.87 -4.17
N LEU C 227 -32.11 2.93 -4.80
CA LEU C 227 -30.97 2.79 -5.69
C LEU C 227 -29.70 2.44 -4.92
N GLY C 228 -29.48 3.09 -3.78
CA GLY C 228 -28.30 2.79 -2.99
C GLY C 228 -28.30 1.36 -2.49
N ALA C 229 -29.43 0.89 -1.96
CA ALA C 229 -29.50 -0.48 -1.46
C ALA C 229 -29.34 -1.48 -2.60
N GLN C 230 -29.97 -1.20 -3.74
CA GLN C 230 -29.81 -2.10 -4.89
C GLN C 230 -28.36 -2.12 -5.37
N ALA C 231 -27.68 -0.98 -5.39
CA ALA C 231 -26.28 -0.96 -5.78
C ALA C 231 -25.44 -1.83 -4.85
N LEU C 232 -25.64 -1.70 -3.54
CA LEU C 232 -24.86 -2.49 -2.60
C LEU C 232 -25.15 -3.97 -2.73
N LEU C 233 -26.43 -4.32 -2.87
CA LEU C 233 -26.82 -5.72 -3.05
C LEU C 233 -26.18 -6.30 -4.29
N GLY C 234 -26.30 -5.59 -5.41
CA GLY C 234 -25.78 -6.10 -6.67
C GLY C 234 -24.27 -6.23 -6.68
N ALA C 235 -23.58 -5.28 -6.05
CA ALA C 235 -22.12 -5.36 -5.98
C ALA C 235 -21.68 -6.52 -5.12
N ALA C 236 -22.32 -6.71 -3.97
CA ALA C 236 -21.98 -7.86 -3.13
C ALA C 236 -22.22 -9.16 -3.87
N LYS C 237 -23.34 -9.25 -4.62
CA LYS C 237 -23.59 -10.48 -5.36
C LYS C 237 -22.54 -10.70 -6.44
N MET C 238 -22.17 -9.63 -7.16
CA MET C 238 -21.13 -9.74 -8.17
C MET C 238 -19.85 -10.34 -7.58
N LEU C 239 -19.44 -9.83 -6.42
CA LEU C 239 -18.21 -10.32 -5.81
C LEU C 239 -18.36 -11.79 -5.41
N LEU C 240 -19.50 -12.15 -4.84
CA LEU C 240 -19.71 -13.53 -4.42
C LEU C 240 -19.68 -14.48 -5.61
N HIS C 241 -20.19 -14.05 -6.77
CA HIS C 241 -20.25 -14.91 -7.94
C HIS C 241 -19.02 -14.82 -8.83
N SER C 242 -18.12 -13.88 -8.58
CA SER C 242 -16.93 -13.71 -9.41
C SER C 242 -15.72 -14.41 -8.82
N GLU C 243 -14.85 -14.90 -9.70
CA GLU C 243 -13.56 -15.41 -9.27
C GLU C 243 -12.53 -14.30 -9.05
N GLN C 244 -12.91 -13.03 -9.19
CA GLN C 244 -11.95 -11.95 -9.29
C GLN C 244 -11.85 -11.15 -7.99
N HIS C 245 -10.71 -10.49 -7.84
CA HIS C 245 -10.44 -9.69 -6.66
C HIS C 245 -11.33 -8.45 -6.64
N PRO C 246 -11.82 -8.02 -5.47
CA PRO C 246 -12.61 -6.78 -5.43
C PRO C 246 -11.92 -5.60 -6.09
N GLY C 247 -10.58 -5.57 -6.08
CA GLY C 247 -9.89 -4.50 -6.79
C GLY C 247 -10.04 -4.57 -8.29
N GLN C 248 -10.13 -5.78 -8.85
CA GLN C 248 -10.34 -5.91 -10.29
C GLN C 248 -11.74 -5.49 -10.67
N LEU C 249 -12.75 -5.93 -9.90
CA LEU C 249 -14.11 -5.45 -10.11
C LEU C 249 -14.18 -3.93 -9.97
N LYS C 250 -13.49 -3.38 -8.97
CA LYS C 250 -13.39 -1.93 -8.84
C LYS C 250 -12.71 -1.31 -10.07
N ASP C 251 -11.62 -1.93 -10.54
CA ASP C 251 -10.94 -1.43 -11.73
C ASP C 251 -11.89 -1.38 -12.93
N ASN C 252 -12.77 -2.38 -13.06
CA ASN C 252 -13.70 -2.42 -14.19
C ASN C 252 -14.74 -1.31 -14.14
N VAL C 253 -15.04 -0.77 -12.96
CA VAL C 253 -16.04 0.29 -12.87
C VAL C 253 -15.46 1.62 -13.33
N SER C 254 -14.22 1.91 -12.95
CA SER C 254 -13.69 3.27 -13.13
C SER C 254 -13.13 3.43 -14.54
N SER C 255 -13.85 4.16 -15.37
CA SER C 255 -13.32 4.58 -16.67
C SER C 255 -12.29 5.70 -16.49
N PRO C 256 -11.30 5.78 -17.38
CA PRO C 256 -10.27 6.81 -17.26
C PRO C 256 -10.88 8.20 -17.32
N GLY C 257 -10.45 9.06 -16.38
CA GLY C 257 -10.91 10.42 -16.29
C GLY C 257 -12.33 10.57 -15.78
N GLY C 258 -12.98 9.48 -15.38
CA GLY C 258 -14.42 9.43 -15.28
C GLY C 258 -14.98 9.77 -13.90
N ALA C 259 -16.30 9.66 -13.81
CA ALA C 259 -17.01 10.01 -12.59
C ALA C 259 -16.61 9.11 -11.41
N THR C 260 -16.53 7.80 -11.62
CA THR C 260 -16.23 6.90 -10.52
C THR C 260 -14.83 7.13 -9.95
N ILE C 261 -13.82 7.25 -10.82
CA ILE C 261 -12.46 7.40 -10.28
C ILE C 261 -12.32 8.73 -9.53
N HIS C 262 -13.05 9.78 -9.96
CA HIS C 262 -13.09 11.02 -9.17
C HIS C 262 -13.70 10.79 -7.79
N ALA C 263 -14.77 10.02 -7.72
CA ALA C 263 -15.42 9.75 -6.44
C ALA C 263 -14.54 8.86 -5.56
N LEU C 264 -13.89 7.85 -6.14
CA LEU C 264 -13.00 7.02 -5.32
C LEU C 264 -11.86 7.84 -4.74
N HIS C 265 -11.37 8.84 -5.48
CA HIS C 265 -10.33 9.69 -4.93
C HIS C 265 -10.80 10.37 -3.66
N VAL C 266 -12.01 10.96 -3.66
CA VAL C 266 -12.44 11.66 -2.44
C VAL C 266 -12.64 10.67 -1.29
N LEU C 267 -13.07 9.42 -1.57
CA LEU C 267 -13.09 8.41 -0.51
C LEU C 267 -11.70 8.18 0.05
N GLU C 268 -10.71 8.01 -0.84
CA GLU C 268 -9.34 7.79 -0.41
C GLU C 268 -8.82 8.95 0.41
N SER C 269 -9.12 10.19 0.00
CA SER C 269 -8.57 11.33 0.73
C SER C 269 -9.10 11.40 2.16
N GLY C 270 -10.25 10.79 2.42
CA GLY C 270 -10.79 10.75 3.77
C GLY C 270 -10.36 9.54 4.58
N GLY C 271 -9.51 8.68 4.02
CA GLY C 271 -9.15 7.45 4.73
C GLY C 271 -10.32 6.49 4.90
N PHE C 272 -11.25 6.46 3.94
CA PHE C 272 -12.42 5.58 3.95
C PHE C 272 -12.07 4.15 4.36
N ARG C 273 -11.06 3.57 3.70
CA ARG C 273 -10.69 2.18 3.99
C ARG C 273 -10.31 2.00 5.45
N SER C 274 -9.50 2.92 5.97
CA SER C 274 -9.04 2.80 7.35
C SER C 274 -10.21 2.83 8.34
N LEU C 275 -11.28 3.55 8.01
CA LEU C 275 -12.40 3.63 8.95
C LEU C 275 -13.07 2.28 9.09
N LEU C 276 -13.24 1.57 7.98
CA LEU C 276 -13.85 0.25 8.03
C LEU C 276 -12.94 -0.75 8.74
N ILE C 277 -11.62 -0.63 8.57
CA ILE C 277 -10.70 -1.45 9.35
C ILE C 277 -10.85 -1.14 10.82
N ASN C 278 -10.90 0.16 11.17
CA ASN C 278 -11.09 0.58 12.56
C ASN C 278 -12.36 -0.04 13.14
N ALA C 279 -13.43 -0.08 12.35
CA ALA C 279 -14.71 -0.59 12.83
C ALA C 279 -14.63 -2.07 13.17
N VAL C 280 -14.13 -2.91 12.24
CA VAL C 280 -14.03 -4.34 12.53
C VAL C 280 -13.17 -4.56 13.76
N GLU C 281 -12.05 -3.84 13.84
CA GLU C 281 -11.15 -3.96 14.98
C GLU C 281 -11.85 -3.56 16.27
N ALA C 282 -12.58 -2.45 16.26
CA ALA C 282 -13.22 -1.97 17.49
C ALA C 282 -14.29 -2.96 17.97
N SER C 283 -15.09 -3.48 17.05
CA SER C 283 -16.12 -4.44 17.42
C SER C 283 -15.51 -5.73 17.94
N CYS C 284 -14.47 -6.23 17.27
CA CYS C 284 -13.79 -7.43 17.73
C CYS C 284 -13.17 -7.22 19.11
N ILE C 285 -12.46 -6.10 19.31
CA ILE C 285 -11.80 -5.88 20.59
C ILE C 285 -12.83 -5.72 21.71
N ARG C 286 -13.93 -5.02 21.44
CA ARG C 286 -14.96 -4.86 22.46
C ARG C 286 -15.57 -6.21 22.82
N THR C 287 -15.75 -7.08 21.82
CA THR C 287 -16.27 -8.42 22.07
C THR C 287 -15.35 -9.20 22.99
N ARG C 288 -14.04 -9.15 22.71
CA ARG C 288 -13.09 -9.84 23.57
C ARG C 288 -13.05 -9.23 24.97
N GLU C 289 -13.14 -7.90 25.07
CA GLU C 289 -13.07 -7.23 26.36
C GLU C 289 -14.27 -7.57 27.24
N LEU C 290 -15.47 -7.65 26.63
CA LEU C 290 -16.67 -7.98 27.39
C LEU C 290 -16.60 -9.40 27.93
N GLN C 291 -16.12 -10.34 27.11
CA GLN C 291 -16.02 -11.70 27.62
C GLN C 291 -14.96 -11.82 28.69
N SER C 292 -13.88 -11.03 28.60
CA SER C 292 -12.90 -10.99 29.67
C SER C 292 -13.54 -10.52 30.98
N MET C 293 -14.43 -9.54 30.90
CA MET C 293 -15.15 -9.11 32.11
C MET C 293 -16.03 -10.23 32.65
N ALA C 294 -16.67 -10.99 31.75
CA ALA C 294 -17.48 -12.12 32.20
C ALA C 294 -16.62 -13.22 32.84
N ASP C 295 -15.45 -13.50 32.26
CA ASP C 295 -14.57 -14.53 32.84
C ASP C 295 -14.07 -14.12 34.22
N GLN C 296 -13.75 -12.84 34.41
CA GLN C 296 -13.29 -12.39 35.73
C GLN C 296 -14.41 -12.46 36.75
N GLU C 297 -15.63 -12.11 36.35
CA GLU C 297 -16.80 -12.22 37.21
C GLU C 297 -17.19 -13.69 37.41
N ASN D 17 -43.13 -10.60 -23.15
CA ASN D 17 -43.24 -11.83 -23.92
C ASN D 17 -43.19 -11.55 -25.42
N LEU D 18 -44.33 -11.14 -26.01
CA LEU D 18 -44.35 -10.84 -27.44
C LEU D 18 -43.38 -9.72 -27.80
N TYR D 19 -43.07 -8.83 -26.84
CA TYR D 19 -42.05 -7.83 -27.06
C TYR D 19 -40.75 -8.45 -27.53
N PHE D 20 -40.35 -9.56 -26.91
CA PHE D 20 -39.07 -10.18 -27.15
C PHE D 20 -39.16 -11.38 -28.09
N GLN D 21 -40.33 -11.61 -28.70
CA GLN D 21 -40.52 -12.80 -29.53
C GLN D 21 -39.45 -12.89 -30.61
N SER D 22 -39.41 -11.91 -31.51
CA SER D 22 -38.42 -11.88 -32.57
C SER D 22 -37.60 -10.59 -32.53
N MET D 23 -37.62 -9.90 -31.39
CA MET D 23 -36.89 -8.65 -31.24
C MET D 23 -35.39 -8.90 -31.35
N SER D 24 -34.71 -8.03 -32.10
CA SER D 24 -33.27 -8.07 -32.23
C SER D 24 -32.64 -6.88 -31.51
N VAL D 25 -31.57 -7.15 -30.78
CA VAL D 25 -30.90 -6.14 -29.98
C VAL D 25 -29.48 -5.98 -30.50
N GLY D 26 -29.02 -4.73 -30.54
CA GLY D 26 -27.67 -4.44 -30.93
C GLY D 26 -26.96 -3.59 -29.89
N PHE D 27 -25.65 -3.77 -29.82
CA PHE D 27 -24.78 -2.95 -28.99
C PHE D 27 -23.74 -2.30 -29.89
N ILE D 28 -23.76 -0.97 -29.96
N ILE D 28 -23.74 -0.98 -29.96
CA ILE D 28 -22.65 -0.21 -30.50
CA ILE D 28 -22.63 -0.26 -30.56
C ILE D 28 -21.63 -0.09 -29.38
C ILE D 28 -21.61 -0.05 -29.44
N GLY D 29 -20.49 -0.77 -29.53
CA GLY D 29 -19.52 -0.81 -28.45
C GLY D 29 -19.65 -2.12 -27.70
N ALA D 30 -18.77 -3.07 -27.99
CA ALA D 30 -18.84 -4.40 -27.37
C ALA D 30 -17.81 -4.52 -26.27
N GLY D 31 -18.04 -3.75 -25.19
CA GLY D 31 -17.16 -3.73 -24.04
C GLY D 31 -17.78 -4.25 -22.76
N GLN D 32 -17.43 -3.64 -21.62
CA GLN D 32 -17.87 -4.13 -20.31
C GLN D 32 -19.38 -4.10 -20.17
N LEU D 33 -20.02 -2.99 -20.52
CA LEU D 33 -21.47 -2.90 -20.35
C LEU D 33 -22.20 -3.80 -21.33
N ALA D 34 -21.77 -3.84 -22.59
CA ALA D 34 -22.39 -4.73 -23.56
C ALA D 34 -22.31 -6.17 -23.09
N PHE D 35 -21.16 -6.59 -22.57
CA PHE D 35 -21.07 -7.94 -22.02
C PHE D 35 -22.00 -8.12 -20.82
N ALA D 36 -21.99 -7.16 -19.89
CA ALA D 36 -22.81 -7.30 -18.69
C ALA D 36 -24.29 -7.41 -19.03
N LEU D 37 -24.77 -6.55 -19.93
CA LEU D 37 -26.17 -6.60 -20.31
C LEU D 37 -26.49 -7.86 -21.10
N ALA D 38 -25.63 -8.20 -22.07
CA ALA D 38 -25.88 -9.38 -22.89
C ALA D 38 -25.88 -10.64 -22.03
N LYS D 39 -25.00 -10.68 -21.02
CA LYS D 39 -24.97 -11.80 -20.11
C LYS D 39 -26.22 -11.83 -19.23
N GLY D 40 -26.64 -10.67 -18.71
CA GLY D 40 -27.85 -10.61 -17.93
C GLY D 40 -29.10 -10.98 -18.73
N PHE D 41 -29.20 -10.46 -19.96
CA PHE D 41 -30.36 -10.71 -20.81
C PHE D 41 -30.47 -12.20 -21.13
N THR D 42 -29.35 -12.82 -21.51
CA THR D 42 -29.41 -14.22 -21.90
C THR D 42 -29.65 -15.12 -20.69
N ALA D 43 -29.05 -14.79 -19.54
CA ALA D 43 -29.30 -15.59 -18.35
C ALA D 43 -30.74 -15.46 -17.87
N ALA D 44 -31.35 -14.29 -18.04
CA ALA D 44 -32.77 -14.11 -17.76
C ALA D 44 -33.66 -14.85 -18.73
N GLY D 45 -33.11 -15.31 -19.86
CA GLY D 45 -33.91 -15.95 -20.87
C GLY D 45 -34.82 -15.04 -21.65
N VAL D 46 -34.66 -13.71 -21.54
CA VAL D 46 -35.55 -12.84 -22.29
C VAL D 46 -35.09 -12.68 -23.72
N LEU D 47 -33.82 -12.92 -24.01
CA LEU D 47 -33.28 -12.85 -25.36
C LEU D 47 -32.39 -14.05 -25.61
N ALA D 48 -32.45 -14.59 -26.82
CA ALA D 48 -31.50 -15.58 -27.28
C ALA D 48 -30.23 -14.88 -27.73
N ALA D 49 -29.08 -15.48 -27.41
CA ALA D 49 -27.81 -14.84 -27.69
C ALA D 49 -27.65 -14.50 -29.17
N HIS D 50 -28.18 -15.36 -30.06
CA HIS D 50 -28.03 -15.11 -31.50
C HIS D 50 -28.90 -13.97 -32.01
N LYS D 51 -29.81 -13.46 -31.19
CA LYS D 51 -30.58 -12.27 -31.51
C LYS D 51 -29.88 -10.99 -31.11
N ILE D 52 -28.71 -11.10 -30.48
CA ILE D 52 -27.92 -9.95 -30.05
C ILE D 52 -26.73 -9.81 -30.99
N MET D 53 -26.46 -8.59 -31.42
CA MET D 53 -25.27 -8.30 -32.21
C MET D 53 -24.52 -7.16 -31.54
N ALA D 54 -23.19 -7.22 -31.59
CA ALA D 54 -22.35 -6.22 -30.95
C ALA D 54 -21.18 -5.88 -31.86
N SER D 55 -20.80 -4.60 -31.90
CA SER D 55 -19.73 -4.15 -32.77
C SER D 55 -18.72 -3.31 -32.01
N SER D 56 -17.45 -3.57 -32.29
CA SER D 56 -16.30 -2.81 -31.83
C SER D 56 -15.30 -2.81 -32.98
N PRO D 57 -14.45 -1.78 -33.07
CA PRO D 57 -13.42 -1.81 -34.12
C PRO D 57 -12.47 -2.98 -33.97
N ASP D 58 -12.19 -3.41 -32.74
CA ASP D 58 -11.21 -4.45 -32.47
C ASP D 58 -11.93 -5.75 -32.13
N MET D 59 -11.87 -6.71 -33.05
CA MET D 59 -12.53 -8.01 -32.88
C MET D 59 -11.71 -8.99 -32.06
N ASP D 60 -10.59 -8.57 -31.47
CA ASP D 60 -9.75 -9.42 -30.64
C ASP D 60 -9.74 -9.00 -29.19
N LEU D 61 -10.65 -8.12 -28.79
CA LEU D 61 -10.72 -7.66 -27.41
C LEU D 61 -11.23 -8.77 -26.50
N ALA D 62 -10.97 -8.60 -25.20
CA ALA D 62 -11.42 -9.58 -24.21
C ALA D 62 -12.93 -9.69 -24.20
N THR D 63 -13.63 -8.56 -24.05
CA THR D 63 -15.08 -8.57 -23.98
C THR D 63 -15.70 -9.13 -25.25
N VAL D 64 -15.07 -8.90 -26.41
CA VAL D 64 -15.60 -9.45 -27.66
C VAL D 64 -15.47 -10.97 -27.65
N SER D 65 -14.38 -11.50 -27.08
CA SER D 65 -14.22 -12.96 -27.03
C SER D 65 -15.23 -13.59 -26.08
N ALA D 66 -15.48 -12.95 -24.93
CA ALA D 66 -16.52 -13.44 -24.03
C ALA D 66 -17.90 -13.40 -24.69
N LEU D 67 -18.19 -12.32 -25.42
CA LEU D 67 -19.47 -12.23 -26.13
C LEU D 67 -19.59 -13.31 -27.20
N ARG D 68 -18.50 -13.60 -27.90
CA ARG D 68 -18.54 -14.66 -28.91
C ARG D 68 -18.86 -16.01 -28.28
N LYS D 69 -18.27 -16.30 -27.12
CA LYS D 69 -18.51 -17.58 -26.46
C LYS D 69 -19.96 -17.71 -25.99
N MET D 70 -20.61 -16.59 -25.67
CA MET D 70 -22.03 -16.63 -25.34
C MET D 70 -22.91 -16.94 -26.54
N GLY D 71 -22.41 -16.76 -27.75
CA GLY D 71 -23.21 -16.90 -28.95
C GLY D 71 -23.71 -15.60 -29.55
N VAL D 72 -23.23 -14.46 -29.05
CA VAL D 72 -23.59 -13.17 -29.61
C VAL D 72 -22.92 -12.99 -30.97
N LYS D 73 -23.64 -12.38 -31.91
CA LYS D 73 -23.05 -12.04 -33.20
C LYS D 73 -22.14 -10.83 -33.07
N LEU D 74 -20.93 -10.93 -33.62
CA LEU D 74 -19.95 -9.86 -33.57
C LEU D 74 -19.62 -9.41 -34.99
N THR D 75 -19.32 -8.12 -35.12
CA THR D 75 -18.96 -7.50 -36.39
C THR D 75 -18.12 -6.27 -36.10
N PRO D 76 -17.20 -5.91 -36.99
CA PRO D 76 -16.48 -4.64 -36.81
C PRO D 76 -17.28 -3.44 -37.27
N HIS D 77 -18.37 -3.64 -38.00
CA HIS D 77 -19.08 -2.57 -38.69
C HIS D 77 -20.32 -2.18 -37.90
N ASN D 78 -20.33 -0.93 -37.40
CA ASN D 78 -21.49 -0.43 -36.68
C ASN D 78 -22.74 -0.39 -37.55
N LYS D 79 -22.58 -0.19 -38.87
CA LYS D 79 -23.76 -0.18 -39.75
C LYS D 79 -24.46 -1.52 -39.77
N GLU D 80 -23.72 -2.62 -39.64
CA GLU D 80 -24.34 -3.94 -39.57
C GLU D 80 -25.14 -4.11 -38.28
N THR D 81 -24.62 -3.63 -37.16
CA THR D 81 -25.38 -3.65 -35.92
C THR D 81 -26.68 -2.86 -36.06
N VAL D 82 -26.62 -1.71 -36.73
CA VAL D 82 -27.83 -0.91 -36.92
C VAL D 82 -28.85 -1.68 -37.77
N GLN D 83 -28.40 -2.23 -38.91
CA GLN D 83 -29.30 -2.96 -39.78
C GLN D 83 -29.94 -4.15 -39.06
N HIS D 84 -29.18 -4.79 -38.17
CA HIS D 84 -29.66 -5.98 -37.47
C HIS D 84 -30.65 -5.65 -36.37
N SER D 85 -30.52 -4.48 -35.75
CA SER D 85 -31.15 -4.23 -34.46
C SER D 85 -32.52 -3.57 -34.59
N ASP D 86 -33.42 -3.94 -33.69
CA ASP D 86 -34.65 -3.20 -33.44
C ASP D 86 -34.44 -2.24 -32.28
N VAL D 87 -33.85 -2.73 -31.20
CA VAL D 87 -33.41 -1.93 -30.07
C VAL D 87 -31.90 -1.81 -30.14
N LEU D 88 -31.39 -0.58 -30.18
CA LEU D 88 -29.96 -0.33 -30.40
C LEU D 88 -29.37 0.36 -29.17
N PHE D 89 -28.59 -0.37 -28.37
CA PHE D 89 -27.90 0.23 -27.23
C PHE D 89 -26.62 0.91 -27.70
N LEU D 90 -26.42 2.14 -27.25
CA LEU D 90 -25.15 2.84 -27.45
C LEU D 90 -24.32 2.59 -26.20
N ALA D 91 -23.27 1.81 -26.34
CA ALA D 91 -22.45 1.40 -25.21
C ALA D 91 -20.98 1.74 -25.47
N VAL D 92 -20.74 2.93 -26.01
CA VAL D 92 -19.39 3.44 -26.20
C VAL D 92 -19.16 4.51 -25.16
N LYS D 93 -17.89 4.87 -24.97
CA LYS D 93 -17.54 5.94 -24.05
C LYS D 93 -18.27 7.22 -24.45
N PRO D 94 -18.62 8.06 -23.46
CA PRO D 94 -19.43 9.25 -23.78
C PRO D 94 -18.86 10.15 -24.88
N HIS D 95 -17.54 10.37 -24.86
CA HIS D 95 -16.97 11.24 -25.88
C HIS D 95 -17.00 10.61 -27.26
N ILE D 96 -17.32 9.32 -27.36
CA ILE D 96 -17.44 8.65 -28.66
C ILE D 96 -18.85 8.73 -29.22
N ILE D 97 -19.85 9.06 -28.39
CA ILE D 97 -21.24 9.09 -28.86
C ILE D 97 -21.43 9.99 -30.08
N PRO D 98 -21.01 11.26 -30.06
CA PRO D 98 -21.27 12.08 -31.25
C PRO D 98 -20.61 11.52 -32.49
N PHE D 99 -19.46 10.87 -32.34
CA PHE D 99 -18.78 10.29 -33.49
C PHE D 99 -19.60 9.17 -34.11
N ILE D 100 -20.13 8.26 -33.29
CA ILE D 100 -20.93 7.20 -33.89
C ILE D 100 -22.30 7.71 -34.31
N LEU D 101 -22.83 8.77 -33.70
CA LEU D 101 -24.07 9.34 -34.20
C LEU D 101 -23.88 9.90 -35.61
N ASP D 102 -22.76 10.59 -35.85
CA ASP D 102 -22.40 11.03 -37.20
C ASP D 102 -22.29 9.84 -38.16
N GLU D 103 -21.76 8.71 -37.66
CA GLU D 103 -21.47 7.58 -38.53
C GLU D 103 -22.74 6.82 -38.95
N ILE D 104 -23.64 6.55 -38.01
CA ILE D 104 -24.79 5.69 -38.25
C ILE D 104 -26.08 6.48 -38.37
N GLY D 105 -26.04 7.81 -38.24
CA GLY D 105 -27.27 8.59 -38.23
C GLY D 105 -28.12 8.40 -39.46
N ALA D 106 -27.48 8.28 -40.63
CA ALA D 106 -28.24 8.06 -41.86
C ALA D 106 -28.85 6.67 -41.93
N ASP D 107 -28.44 5.74 -41.07
CA ASP D 107 -28.96 4.38 -41.04
C ASP D 107 -30.07 4.18 -40.01
N ILE D 108 -30.29 5.15 -39.12
CA ILE D 108 -31.37 5.04 -38.15
C ILE D 108 -32.70 5.23 -38.88
N GLU D 109 -33.61 4.29 -38.70
CA GLU D 109 -34.91 4.30 -39.36
C GLU D 109 -36.02 4.45 -38.33
N ASP D 110 -37.24 4.63 -38.84
CA ASP D 110 -38.41 4.77 -37.98
C ASP D 110 -38.61 3.58 -37.07
N ARG D 111 -38.08 2.41 -37.42
CA ARG D 111 -38.25 1.21 -36.62
C ARG D 111 -37.38 1.20 -35.36
N HIS D 112 -36.33 2.02 -35.30
CA HIS D 112 -35.32 1.86 -34.26
C HIS D 112 -35.73 2.55 -32.97
N ILE D 113 -35.43 1.88 -31.86
CA ILE D 113 -35.37 2.55 -30.56
C ILE D 113 -33.90 2.65 -30.20
N VAL D 114 -33.41 3.88 -30.05
CA VAL D 114 -32.02 4.14 -29.73
C VAL D 114 -31.91 4.36 -28.23
N VAL D 115 -31.14 3.50 -27.56
CA VAL D 115 -31.05 3.52 -26.11
C VAL D 115 -29.62 3.92 -25.76
N SER D 116 -29.43 5.15 -25.33
CA SER D 116 -28.11 5.58 -24.94
C SER D 116 -27.87 5.21 -23.48
N CYS D 117 -26.79 4.47 -23.23
CA CYS D 117 -26.34 4.18 -21.88
C CYS D 117 -25.23 5.10 -21.42
N ALA D 118 -24.76 6.01 -22.27
CA ALA D 118 -23.56 6.77 -21.96
C ALA D 118 -23.79 7.74 -20.81
N ALA D 119 -22.86 7.73 -19.86
CA ALA D 119 -22.91 8.69 -18.77
C ALA D 119 -22.96 10.11 -19.29
N GLY D 120 -23.87 10.91 -18.73
CA GLY D 120 -23.91 12.33 -18.96
C GLY D 120 -24.60 12.81 -20.23
N VAL D 121 -24.57 11.99 -21.28
CA VAL D 121 -25.00 12.44 -22.60
C VAL D 121 -26.51 12.66 -22.63
N THR D 122 -26.92 13.87 -23.02
CA THR D 122 -28.32 14.23 -22.92
C THR D 122 -29.13 13.70 -24.11
N ILE D 123 -30.41 13.47 -23.85
CA ILE D 123 -31.31 13.13 -24.93
C ILE D 123 -31.29 14.22 -26.00
N SER D 124 -31.25 15.47 -25.56
CA SER D 124 -31.27 16.59 -26.51
C SER D 124 -30.11 16.52 -27.49
N SER D 125 -28.91 16.18 -27.00
CA SER D 125 -27.74 16.12 -27.87
C SER D 125 -27.88 14.99 -28.88
N ILE D 126 -28.46 13.86 -28.44
CA ILE D 126 -28.63 12.72 -29.35
C ILE D 126 -29.71 13.02 -30.38
N GLU D 127 -30.83 13.59 -29.94
CA GLU D 127 -31.90 13.90 -30.89
C GLU D 127 -31.46 14.97 -31.88
N LYS D 128 -30.67 15.94 -31.42
CA LYS D 128 -30.19 16.97 -32.34
C LYS D 128 -29.38 16.36 -33.47
N LYS D 129 -28.50 15.40 -33.14
CA LYS D 129 -27.70 14.73 -34.16
C LYS D 129 -28.57 13.91 -35.10
N LEU D 130 -29.40 13.04 -34.54
CA LEU D 130 -30.15 12.11 -35.38
C LEU D 130 -31.24 12.82 -36.19
N SER D 131 -31.78 13.94 -35.70
CA SER D 131 -32.85 14.64 -36.41
C SER D 131 -32.36 15.32 -37.68
N ALA D 132 -31.06 15.49 -37.83
CA ALA D 132 -30.53 15.99 -39.10
C ALA D 132 -30.74 14.98 -40.23
N PHE D 133 -30.96 13.71 -39.90
CA PHE D 133 -31.14 12.67 -40.91
C PHE D 133 -32.61 12.32 -41.11
N ARG D 134 -33.24 11.74 -40.10
CA ARG D 134 -34.68 11.51 -40.13
C ARG D 134 -35.33 12.26 -38.97
N PRO D 135 -36.55 12.78 -39.15
CA PRO D 135 -37.05 13.81 -38.23
C PRO D 135 -37.44 13.34 -36.83
N ALA D 136 -37.86 12.09 -36.66
CA ALA D 136 -38.45 11.65 -35.39
C ALA D 136 -37.71 10.46 -34.78
N PRO D 137 -36.43 10.60 -34.44
CA PRO D 137 -35.72 9.48 -33.81
C PRO D 137 -36.32 9.13 -32.46
N ARG D 138 -36.44 7.83 -32.18
CA ARG D 138 -36.98 7.34 -30.92
C ARG D 138 -35.81 7.07 -29.98
N VAL D 139 -35.63 7.93 -28.97
CA VAL D 139 -34.45 7.91 -28.12
C VAL D 139 -34.89 7.68 -26.68
N ILE D 140 -34.17 6.80 -25.99
CA ILE D 140 -34.32 6.62 -24.56
C ILE D 140 -32.91 6.69 -23.97
N ARG D 141 -32.79 7.38 -22.85
CA ARG D 141 -31.54 7.46 -22.11
C ARG D 141 -31.64 6.61 -20.86
N CYS D 142 -30.61 5.83 -20.57
CA CYS D 142 -30.64 5.08 -19.32
C CYS D 142 -29.31 5.22 -18.59
N MET D 143 -29.36 4.89 -17.30
CA MET D 143 -28.16 4.72 -16.50
C MET D 143 -28.36 3.42 -15.76
N THR D 144 -27.37 2.54 -15.84
CA THR D 144 -27.49 1.23 -15.21
C THR D 144 -26.20 1.03 -14.42
N ASN D 145 -25.86 -0.22 -14.12
CA ASN D 145 -24.59 -0.49 -13.46
C ASN D 145 -24.20 -1.94 -13.74
N THR D 146 -22.95 -2.26 -13.41
CA THR D 146 -22.41 -3.56 -13.81
C THR D 146 -23.15 -4.75 -13.19
N PRO D 147 -23.78 -4.67 -12.00
CA PRO D 147 -24.46 -5.87 -11.48
C PRO D 147 -25.61 -6.39 -12.32
N VAL D 148 -25.97 -5.75 -13.45
CA VAL D 148 -26.88 -6.44 -14.38
C VAL D 148 -26.31 -7.80 -14.78
N VAL D 149 -25.00 -8.00 -14.66
CA VAL D 149 -24.39 -9.26 -15.07
C VAL D 149 -24.82 -10.41 -14.16
N VAL D 150 -25.26 -10.12 -12.94
CA VAL D 150 -25.84 -11.13 -12.06
C VAL D 150 -27.32 -10.81 -11.83
N ARG D 151 -27.91 -10.10 -12.79
CA ARG D 151 -29.33 -9.75 -12.78
C ARG D 151 -29.74 -9.00 -11.52
N GLU D 152 -28.85 -8.18 -10.96
CA GLU D 152 -29.19 -7.35 -9.81
C GLU D 152 -28.80 -5.91 -10.07
N GLY D 153 -29.02 -5.44 -11.29
CA GLY D 153 -28.71 -4.07 -11.63
C GLY D 153 -29.64 -3.08 -10.97
N ALA D 154 -29.25 -1.81 -11.07
CA ALA D 154 -30.07 -0.67 -10.66
C ALA D 154 -30.14 0.23 -11.88
N THR D 155 -31.31 0.32 -12.51
CA THR D 155 -31.44 1.01 -13.80
C THR D 155 -32.52 2.07 -13.73
N VAL D 156 -32.23 3.24 -14.31
CA VAL D 156 -33.27 4.23 -14.55
C VAL D 156 -33.25 4.57 -16.03
N TYR D 157 -34.36 5.09 -16.53
CA TYR D 157 -34.43 5.51 -17.92
C TYR D 157 -35.35 6.71 -18.04
N ALA D 158 -35.06 7.55 -19.04
CA ALA D 158 -35.94 8.66 -19.42
C ALA D 158 -36.26 8.53 -20.91
N THR D 159 -37.50 8.85 -21.28
CA THR D 159 -37.92 8.73 -22.68
C THR D 159 -37.74 10.06 -23.39
N GLY D 160 -37.34 9.98 -24.66
CA GLY D 160 -37.12 11.17 -25.46
C GLY D 160 -38.38 11.70 -26.10
N THR D 161 -38.19 12.74 -26.92
CA THR D 161 -39.31 13.49 -27.49
C THR D 161 -40.23 12.61 -28.33
N HIS D 162 -39.66 11.69 -29.10
CA HIS D 162 -40.43 10.88 -30.04
C HIS D 162 -40.58 9.43 -29.60
N ALA D 163 -40.15 9.09 -28.40
CA ALA D 163 -40.32 7.73 -27.90
C ALA D 163 -41.79 7.48 -27.61
N GLN D 164 -42.35 6.44 -28.23
CA GLN D 164 -43.74 6.07 -28.02
C GLN D 164 -43.94 5.52 -26.61
N VAL D 165 -45.20 5.54 -26.15
CA VAL D 165 -45.48 5.08 -24.80
C VAL D 165 -45.09 3.63 -24.62
N GLU D 166 -45.30 2.81 -25.66
CA GLU D 166 -44.90 1.41 -25.59
C GLU D 166 -43.39 1.22 -25.69
N ASP D 167 -42.65 2.21 -26.20
CA ASP D 167 -41.20 2.15 -26.19
C ASP D 167 -40.67 2.11 -24.75
N GLY D 168 -41.19 3.00 -23.90
CA GLY D 168 -40.76 2.99 -22.51
C GLY D 168 -41.20 1.73 -21.79
N ARG D 169 -42.42 1.27 -22.07
CA ARG D 169 -42.93 0.03 -21.47
C ARG D 169 -42.04 -1.15 -21.86
N LEU D 170 -41.66 -1.22 -23.14
CA LEU D 170 -40.77 -2.29 -23.59
C LEU D 170 -39.41 -2.20 -22.90
N MET D 171 -38.86 -1.00 -22.83
CA MET D 171 -37.55 -0.87 -22.22
CA MET D 171 -37.57 -0.81 -22.20
C MET D 171 -37.60 -1.22 -20.73
N GLU D 172 -38.67 -0.84 -20.03
CA GLU D 172 -38.74 -1.19 -18.62
C GLU D 172 -38.84 -2.70 -18.45
N GLN D 173 -39.56 -3.38 -19.34
CA GLN D 173 -39.65 -4.83 -19.25
C GLN D 173 -38.30 -5.47 -19.52
N LEU D 174 -37.58 -5.00 -20.53
CA LEU D 174 -36.25 -5.54 -20.85
C LEU D 174 -35.28 -5.33 -19.70
N LEU D 175 -35.14 -4.09 -19.23
CA LEU D 175 -34.16 -3.83 -18.16
C LEU D 175 -34.61 -4.37 -16.81
N SER D 176 -35.90 -4.64 -16.61
CA SER D 176 -36.32 -5.26 -15.35
C SER D 176 -35.91 -6.72 -15.28
N SER D 177 -35.57 -7.33 -16.41
CA SER D 177 -35.14 -8.71 -16.36
C SER D 177 -33.74 -8.85 -15.75
N VAL D 178 -33.00 -7.75 -15.60
CA VAL D 178 -31.65 -7.82 -15.07
C VAL D 178 -31.47 -6.97 -13.82
N GLY D 179 -32.57 -6.59 -13.17
CA GLY D 179 -32.49 -5.84 -11.93
C GLY D 179 -33.66 -4.89 -11.77
N PHE D 180 -33.51 -3.99 -10.81
CA PHE D 180 -34.48 -2.92 -10.60
C PHE D 180 -34.46 -1.97 -11.79
N CYS D 181 -35.63 -1.50 -12.19
CA CYS D 181 -35.74 -0.53 -13.28
C CYS D 181 -36.95 0.37 -13.06
N THR D 182 -36.75 1.67 -13.24
CA THR D 182 -37.89 2.60 -13.15
C THR D 182 -37.64 3.79 -14.04
N GLU D 183 -38.72 4.41 -14.50
CA GLU D 183 -38.64 5.63 -15.27
C GLU D 183 -38.37 6.82 -14.36
N VAL D 184 -37.55 7.76 -14.85
CA VAL D 184 -37.27 9.00 -14.14
C VAL D 184 -37.30 10.15 -15.14
N GLU D 185 -37.45 11.36 -14.61
CA GLU D 185 -37.15 12.57 -15.38
C GLU D 185 -35.67 12.61 -15.71
N GLU D 186 -35.32 13.09 -16.91
CA GLU D 186 -33.93 13.05 -17.31
C GLU D 186 -33.03 13.84 -16.37
N ASP D 187 -33.56 14.90 -15.75
CA ASP D 187 -32.69 15.72 -14.91
C ASP D 187 -32.25 15.01 -13.64
N LEU D 188 -32.76 13.82 -13.34
CA LEU D 188 -32.26 13.02 -12.22
C LEU D 188 -31.09 12.11 -12.60
N ILE D 189 -30.80 11.92 -13.89
CA ILE D 189 -29.95 10.80 -14.27
C ILE D 189 -28.48 11.02 -13.86
N ASP D 190 -27.97 12.27 -13.92
CA ASP D 190 -26.57 12.45 -13.51
C ASP D 190 -26.39 12.17 -12.02
N ALA D 191 -27.39 12.49 -11.19
CA ALA D 191 -27.32 12.16 -9.77
C ALA D 191 -27.42 10.65 -9.56
N VAL D 192 -28.27 9.97 -10.32
CA VAL D 192 -28.33 8.52 -10.26
C VAL D 192 -26.96 7.92 -10.61
N THR D 193 -26.31 8.51 -11.62
CA THR D 193 -24.97 8.05 -11.99
C THR D 193 -24.03 8.09 -10.79
N GLY D 194 -24.12 9.14 -9.98
CA GLY D 194 -23.20 9.25 -8.85
C GLY D 194 -23.53 8.29 -7.73
N LEU D 195 -24.78 7.87 -7.63
CA LEU D 195 -25.22 6.97 -6.56
C LEU D 195 -25.08 5.52 -7.01
N SER D 196 -25.96 5.05 -7.91
CA SER D 196 -25.96 3.63 -8.27
C SER D 196 -25.04 3.29 -9.44
N GLY D 197 -24.69 4.26 -10.29
CA GLY D 197 -23.75 3.95 -11.36
C GLY D 197 -22.35 3.70 -10.82
N SER D 198 -21.83 4.64 -10.04
CA SER D 198 -20.55 4.48 -9.33
C SER D 198 -20.68 3.59 -8.10
N GLY D 199 -21.90 3.41 -7.58
CA GLY D 199 -22.16 2.65 -6.37
C GLY D 199 -21.38 1.36 -6.18
N PRO D 200 -21.35 0.50 -7.19
CA PRO D 200 -20.62 -0.76 -7.01
C PRO D 200 -19.15 -0.54 -6.66
N ALA D 201 -18.50 0.47 -7.23
CA ALA D 201 -17.10 0.74 -6.86
C ALA D 201 -16.98 1.15 -5.40
N TYR D 202 -17.94 1.90 -4.86
CA TYR D 202 -17.90 2.22 -3.43
C TYR D 202 -18.01 0.95 -2.61
N ALA D 203 -18.88 0.04 -3.04
CA ALA D 203 -19.05 -1.22 -2.33
C ALA D 203 -17.81 -2.10 -2.44
N PHE D 204 -17.19 -2.17 -3.63
CA PHE D 204 -15.99 -3.00 -3.73
C PHE D 204 -14.88 -2.46 -2.84
N THR D 205 -14.74 -1.12 -2.78
CA THR D 205 -13.74 -0.52 -1.91
C THR D 205 -14.03 -0.87 -0.45
N ALA D 206 -15.31 -0.74 -0.05
CA ALA D 206 -15.70 -1.02 1.32
C ALA D 206 -15.46 -2.48 1.67
N LEU D 207 -15.77 -3.40 0.73
CA LEU D 207 -15.58 -4.83 0.98
C LEU D 207 -14.11 -5.20 1.10
N ASP D 208 -13.26 -4.58 0.27
CA ASP D 208 -11.82 -4.82 0.39
C ASP D 208 -11.31 -4.38 1.76
N ALA D 209 -11.75 -3.20 2.21
CA ALA D 209 -11.33 -2.68 3.51
C ALA D 209 -11.88 -3.50 4.67
N LEU D 210 -13.15 -3.90 4.60
CA LEU D 210 -13.71 -4.79 5.61
C LEU D 210 -12.92 -6.09 5.70
N ALA D 211 -12.52 -6.63 4.55
CA ALA D 211 -11.72 -7.86 4.54
C ALA D 211 -10.36 -7.63 5.21
N ASP D 212 -9.70 -6.50 4.91
CA ASP D 212 -8.47 -6.14 5.62
C ASP D 212 -8.71 -6.09 7.12
N GLY D 213 -9.87 -5.57 7.53
CA GLY D 213 -10.19 -5.53 8.95
C GLY D 213 -10.32 -6.92 9.55
N GLY D 214 -11.03 -7.81 8.85
CA GLY D 214 -11.13 -9.19 9.32
C GLY D 214 -9.77 -9.86 9.40
N VAL D 215 -8.93 -9.63 8.39
CA VAL D 215 -7.58 -10.21 8.39
C VAL D 215 -6.77 -9.65 9.54
N LYS D 216 -6.85 -8.33 9.80
CA LYS D 216 -6.12 -7.77 10.93
C LYS D 216 -6.49 -8.47 12.23
N MET D 217 -7.75 -8.87 12.37
CA MET D 217 -8.23 -9.48 13.60
C MET D 217 -8.13 -11.00 13.59
N GLY D 218 -7.45 -11.58 12.58
CA GLY D 218 -7.06 -12.97 12.60
C GLY D 218 -7.83 -13.89 11.68
N LEU D 219 -8.72 -13.34 10.83
CA LEU D 219 -9.45 -14.19 9.89
C LEU D 219 -8.61 -14.45 8.64
N PRO D 220 -8.71 -15.64 8.07
CA PRO D 220 -8.18 -15.86 6.72
C PRO D 220 -8.85 -14.93 5.72
N ARG D 221 -8.06 -14.48 4.74
CA ARG D 221 -8.56 -13.54 3.75
CA ARG D 221 -8.56 -13.55 3.74
C ARG D 221 -9.80 -14.07 3.04
N ARG D 222 -9.76 -15.34 2.60
CA ARG D 222 -10.88 -15.84 1.81
C ARG D 222 -12.17 -15.82 2.61
N LEU D 223 -12.09 -16.22 3.89
CA LEU D 223 -13.26 -16.17 4.76
C LEU D 223 -13.71 -14.74 5.03
N ALA D 224 -12.75 -13.83 5.27
CA ALA D 224 -13.13 -12.44 5.53
C ALA D 224 -13.85 -11.83 4.33
N VAL D 225 -13.36 -12.11 3.12
CA VAL D 225 -14.00 -11.58 1.91
C VAL D 225 -15.43 -12.12 1.80
N ARG D 226 -15.59 -13.43 2.01
CA ARG D 226 -16.90 -14.08 1.89
C ARG D 226 -17.87 -13.53 2.93
N LEU D 227 -17.43 -13.41 4.19
CA LEU D 227 -18.30 -12.92 5.25
C LEU D 227 -18.68 -11.46 5.04
N GLY D 228 -17.71 -10.61 4.67
CA GLY D 228 -18.03 -9.22 4.43
C GLY D 228 -19.03 -9.03 3.31
N ALA D 229 -18.82 -9.73 2.18
CA ALA D 229 -19.76 -9.59 1.07
C ALA D 229 -21.14 -10.11 1.43
N GLN D 230 -21.19 -11.21 2.18
CA GLN D 230 -22.50 -11.76 2.58
C GLN D 230 -23.21 -10.81 3.53
N ALA D 231 -22.46 -10.18 4.45
CA ALA D 231 -23.04 -9.18 5.35
C ALA D 231 -23.64 -8.02 4.59
N LEU D 232 -22.91 -7.51 3.60
CA LEU D 232 -23.39 -6.39 2.81
C LEU D 232 -24.63 -6.78 2.01
N LEU D 233 -24.59 -7.94 1.37
CA LEU D 233 -25.73 -8.41 0.59
C LEU D 233 -26.95 -8.58 1.48
N GLY D 234 -26.78 -9.23 2.64
CA GLY D 234 -27.93 -9.49 3.50
C GLY D 234 -28.52 -8.21 4.06
N ALA D 235 -27.66 -7.26 4.45
CA ALA D 235 -28.14 -6.00 4.99
C ALA D 235 -28.88 -5.20 3.93
N ALA D 236 -28.33 -5.13 2.72
CA ALA D 236 -29.03 -4.47 1.61
C ALA D 236 -30.38 -5.12 1.34
N LYS D 237 -30.45 -6.46 1.36
CA LYS D 237 -31.73 -7.12 1.14
C LYS D 237 -32.71 -6.82 2.28
N MET D 238 -32.23 -6.80 3.52
CA MET D 238 -33.09 -6.45 4.64
C MET D 238 -33.75 -5.10 4.45
N LEU D 239 -32.96 -4.10 4.05
CA LEU D 239 -33.48 -2.76 3.89
C LEU D 239 -34.48 -2.69 2.74
N LEU D 240 -34.17 -3.37 1.63
CA LEU D 240 -35.13 -3.41 0.53
C LEU D 240 -36.44 -4.05 0.93
N HIS D 241 -36.41 -5.05 1.81
CA HIS D 241 -37.62 -5.77 2.21
C HIS D 241 -38.27 -5.19 3.46
N SER D 242 -37.68 -4.20 4.09
CA SER D 242 -38.21 -3.65 5.33
C SER D 242 -38.92 -2.33 5.07
N GLU D 243 -39.89 -2.02 5.92
CA GLU D 243 -40.53 -0.71 5.92
C GLU D 243 -39.95 0.22 6.97
N GLN D 244 -38.83 -0.16 7.60
CA GLN D 244 -38.22 0.64 8.66
C GLN D 244 -37.06 1.47 8.11
N HIS D 245 -36.78 2.56 8.80
CA HIS D 245 -35.67 3.43 8.42
C HIS D 245 -34.33 2.73 8.65
N PRO D 246 -33.33 2.99 7.79
CA PRO D 246 -31.98 2.45 8.04
C PRO D 246 -31.48 2.69 9.45
N GLY D 247 -31.83 3.82 10.06
CA GLY D 247 -31.46 4.07 11.43
C GLY D 247 -32.14 3.11 12.41
N GLN D 248 -33.39 2.74 12.13
CA GLN D 248 -34.07 1.78 13.01
C GLN D 248 -33.44 0.39 12.90
N LEU D 249 -33.10 -0.03 11.67
CA LEU D 249 -32.40 -1.30 11.49
C LEU D 249 -31.05 -1.26 12.18
N LYS D 250 -30.35 -0.14 12.07
CA LYS D 250 -29.08 0.05 12.78
C LYS D 250 -29.30 -0.03 14.28
N ASP D 251 -30.33 0.66 14.78
CA ASP D 251 -30.64 0.61 16.20
C ASP D 251 -30.89 -0.82 16.67
N ASN D 252 -31.56 -1.63 15.85
CA ASN D 252 -31.78 -3.03 16.24
C ASN D 252 -30.48 -3.80 16.35
N VAL D 253 -29.45 -3.43 15.58
CA VAL D 253 -28.18 -4.16 15.65
C VAL D 253 -27.46 -3.87 16.97
N SER D 254 -27.48 -2.61 17.40
CA SER D 254 -26.52 -2.14 18.40
C SER D 254 -27.06 -2.37 19.81
N SER D 255 -26.54 -3.39 20.47
CA SER D 255 -26.88 -3.61 21.87
C SER D 255 -26.18 -2.57 22.75
N PRO D 256 -26.82 -2.16 23.85
CA PRO D 256 -26.19 -1.19 24.76
C PRO D 256 -24.85 -1.69 25.29
N GLY D 257 -23.86 -0.81 25.24
CA GLY D 257 -22.49 -1.10 25.65
C GLY D 257 -21.74 -2.04 24.75
N GLY D 258 -22.33 -2.49 23.66
CA GLY D 258 -21.85 -3.65 22.95
C GLY D 258 -20.88 -3.36 21.81
N ALA D 259 -20.57 -4.42 21.08
CA ALA D 259 -19.52 -4.37 20.07
C ALA D 259 -19.89 -3.45 18.91
N THR D 260 -21.11 -3.56 18.40
CA THR D 260 -21.51 -2.78 17.23
C THR D 260 -21.48 -1.28 17.52
N ILE D 261 -22.06 -0.87 18.65
CA ILE D 261 -22.09 0.56 18.93
C ILE D 261 -20.67 1.12 19.11
N HIS D 262 -19.74 0.31 19.65
CA HIS D 262 -18.35 0.77 19.68
C HIS D 262 -17.77 0.96 18.28
N ALA D 263 -18.07 0.04 17.37
CA ALA D 263 -17.59 0.18 16.00
C ALA D 263 -18.24 1.35 15.27
N LEU D 264 -19.55 1.59 15.51
CA LEU D 264 -20.19 2.73 14.86
C LEU D 264 -19.58 4.04 15.30
N HIS D 265 -19.18 4.13 16.58
CA HIS D 265 -18.50 5.32 17.05
C HIS D 265 -17.25 5.61 16.25
N VAL D 266 -16.40 4.60 16.01
CA VAL D 266 -15.17 4.93 15.29
C VAL D 266 -15.46 5.29 13.85
N LEU D 267 -16.51 4.72 13.23
CA LEU D 267 -16.92 5.22 11.92
C LEU D 267 -17.29 6.70 11.98
N GLU D 268 -18.15 7.07 12.94
CA GLU D 268 -18.56 8.45 13.10
C GLU D 268 -17.36 9.38 13.33
N SER D 269 -16.38 8.92 14.12
CA SER D 269 -15.26 9.80 14.42
C SER D 269 -14.41 10.12 13.19
N GLY D 270 -14.42 9.26 12.18
CA GLY D 270 -13.72 9.56 10.95
C GLY D 270 -14.60 10.23 9.90
N GLY D 271 -15.83 10.60 10.25
CA GLY D 271 -16.70 11.23 9.27
C GLY D 271 -17.10 10.29 8.13
N PHE D 272 -17.22 9.00 8.44
CA PHE D 272 -17.60 7.97 7.47
C PHE D 272 -18.76 8.40 6.58
N ARG D 273 -19.85 8.88 7.20
CA ARG D 273 -21.02 9.30 6.42
C ARG D 273 -20.67 10.40 5.44
N SER D 274 -19.92 11.41 5.90
CA SER D 274 -19.60 12.52 5.00
C SER D 274 -18.78 12.07 3.81
N LEU D 275 -17.96 11.03 3.96
CA LEU D 275 -17.15 10.56 2.84
C LEU D 275 -18.02 10.01 1.72
N LEU D 276 -19.04 9.22 2.08
CA LEU D 276 -19.96 8.67 1.10
C LEU D 276 -20.80 9.76 0.44
N ILE D 277 -21.19 10.80 1.20
CA ILE D 277 -21.85 11.93 0.58
C ILE D 277 -20.91 12.60 -0.40
N ASN D 278 -19.65 12.80 0.01
CA ASN D 278 -18.63 13.40 -0.86
C ASN D 278 -18.50 12.63 -2.17
N ALA D 279 -18.54 11.30 -2.07
CA ALA D 279 -18.38 10.42 -3.24
C ALA D 279 -19.52 10.61 -4.24
N VAL D 280 -20.77 10.50 -3.78
CA VAL D 280 -21.92 10.66 -4.69
C VAL D 280 -21.86 12.03 -5.37
N GLU D 281 -21.59 13.06 -4.58
CA GLU D 281 -21.48 14.42 -5.08
C GLU D 281 -20.36 14.53 -6.12
N ALA D 282 -19.18 13.96 -5.81
CA ALA D 282 -18.05 14.11 -6.73
C ALA D 282 -18.32 13.40 -8.05
N SER D 283 -18.94 12.22 -7.99
CA SER D 283 -19.26 11.50 -9.22
C SER D 283 -20.30 12.25 -10.02
N CYS D 284 -21.34 12.77 -9.34
CA CYS D 284 -22.38 13.53 -10.04
C CYS D 284 -21.81 14.78 -10.68
N ILE D 285 -21.00 15.54 -9.92
CA ILE D 285 -20.43 16.78 -10.45
C ILE D 285 -19.52 16.48 -11.63
N ARG D 286 -18.70 15.43 -11.53
CA ARG D 286 -17.80 15.10 -12.63
C ARG D 286 -18.60 14.73 -13.87
N THR D 287 -19.71 14.01 -13.68
CA THR D 287 -20.59 13.66 -14.78
C THR D 287 -21.12 14.91 -15.47
N ARG D 288 -21.62 15.87 -14.67
CA ARG D 288 -22.12 17.12 -15.25
C ARG D 288 -21.01 17.92 -15.93
N GLU D 289 -19.82 17.96 -15.30
CA GLU D 289 -18.68 18.69 -15.87
C GLU D 289 -18.26 18.13 -17.22
N LEU D 290 -18.20 16.80 -17.33
CA LEU D 290 -17.81 16.18 -18.60
C LEU D 290 -18.81 16.49 -19.70
N GLN D 291 -20.10 16.50 -19.36
CA GLN D 291 -21.09 16.81 -20.40
C GLN D 291 -21.05 18.28 -20.78
N SER D 292 -20.78 19.16 -19.81
CA SER D 292 -20.55 20.56 -20.17
C SER D 292 -19.40 20.71 -21.15
N MET D 293 -18.31 19.95 -20.95
CA MET D 293 -17.20 19.99 -21.89
C MET D 293 -17.62 19.48 -23.27
N ALA D 294 -18.43 18.41 -23.30
CA ALA D 294 -18.95 17.92 -24.58
C ALA D 294 -19.86 18.94 -25.25
N ASP D 295 -20.75 19.57 -24.47
CA ASP D 295 -21.68 20.54 -25.07
C ASP D 295 -20.92 21.72 -25.66
N GLN D 296 -19.84 22.14 -25.00
CA GLN D 296 -19.03 23.24 -25.52
C GLN D 296 -18.30 22.85 -26.80
N GLU D 297 -17.88 21.59 -26.92
CA GLU D 297 -17.24 21.10 -28.14
C GLU D 297 -18.26 20.58 -29.15
N PHE E 20 48.49 22.51 26.25
CA PHE E 20 49.84 22.00 26.05
C PHE E 20 50.07 21.57 24.59
N GLN E 21 51.19 22.01 24.02
CA GLN E 21 51.63 21.51 22.73
C GLN E 21 52.35 20.16 22.84
N SER E 22 52.54 19.64 24.05
CA SER E 22 53.04 18.30 24.26
C SER E 22 51.93 17.29 24.50
N MET E 23 50.70 17.76 24.69
CA MET E 23 49.58 16.92 25.06
C MET E 23 49.26 15.91 23.96
N SER E 24 49.03 14.65 24.35
CA SER E 24 48.66 13.60 23.42
C SER E 24 47.18 13.26 23.61
N VAL E 25 46.49 13.02 22.50
CA VAL E 25 45.04 12.82 22.49
C VAL E 25 44.73 11.50 21.82
N GLY E 26 43.79 10.76 22.40
CA GLY E 26 43.36 9.50 21.82
C GLY E 26 41.86 9.43 21.64
N PHE E 27 41.45 8.68 20.64
CA PHE E 27 40.03 8.37 20.42
C PHE E 27 39.88 6.85 20.42
N ILE E 28 39.10 6.34 21.38
N ILE E 28 39.09 6.33 21.38
CA ILE E 28 38.61 4.97 21.32
CA ILE E 28 38.63 4.95 21.30
C ILE E 28 37.35 5.01 20.47
C ILE E 28 37.35 4.97 20.48
N GLY E 29 37.42 4.41 19.28
CA GLY E 29 36.33 4.53 18.32
C GLY E 29 36.66 5.52 17.22
N ALA E 30 37.11 5.02 16.08
CA ALA E 30 37.60 5.88 15.00
C ALA E 30 36.53 6.07 13.92
N GLY E 31 35.39 6.63 14.33
CA GLY E 31 34.24 6.84 13.47
C GLY E 31 33.94 8.29 13.14
N GLN E 32 32.66 8.62 12.98
CA GLN E 32 32.26 9.95 12.52
C GLN E 32 32.73 11.04 13.50
N LEU E 33 32.46 10.86 14.79
CA LEU E 33 32.81 11.92 15.73
C LEU E 33 34.32 12.06 15.88
N ALA E 34 35.04 10.92 15.92
CA ALA E 34 36.49 11.00 16.00
C ALA E 34 37.06 11.73 14.79
N PHE E 35 36.54 11.45 13.60
CA PHE E 35 36.98 12.20 12.43
C PHE E 35 36.63 13.68 12.58
N ALA E 36 35.40 13.99 12.98
CA ALA E 36 34.97 15.38 13.04
C ALA E 36 35.80 16.19 14.05
N LEU E 37 36.03 15.62 15.24
CA LEU E 37 36.84 16.34 16.22
C LEU E 37 38.29 16.44 15.77
N ALA E 38 38.85 15.33 15.25
CA ALA E 38 40.25 15.36 14.81
C ALA E 38 40.46 16.36 13.69
N LYS E 39 39.51 16.44 12.76
CA LYS E 39 39.58 17.42 11.69
C LYS E 39 39.52 18.83 12.24
N GLY E 40 38.60 19.09 13.18
CA GLY E 40 38.50 20.41 13.76
C GLY E 40 39.71 20.81 14.57
N PHE E 41 40.19 19.88 15.43
CA PHE E 41 41.36 20.20 16.25
C PHE E 41 42.55 20.56 15.39
N THR E 42 42.75 19.82 14.30
CA THR E 42 43.94 20.04 13.48
C THR E 42 43.79 21.28 12.61
N ALA E 43 42.58 21.50 12.08
CA ALA E 43 42.33 22.73 11.33
C ALA E 43 42.55 23.95 12.21
N ALA E 44 42.16 23.86 13.49
CA ALA E 44 42.34 24.97 14.42
C ALA E 44 43.80 25.19 14.77
N GLY E 45 44.67 24.20 14.56
CA GLY E 45 46.06 24.31 14.94
C GLY E 45 46.34 24.01 16.40
N VAL E 46 45.36 23.59 17.18
CA VAL E 46 45.64 23.33 18.59
C VAL E 46 46.33 21.99 18.79
N LEU E 47 46.19 21.07 17.85
CA LEU E 47 46.85 19.77 17.89
C LEU E 47 47.41 19.47 16.52
N ALA E 48 48.66 19.01 16.45
CA ALA E 48 49.13 18.37 15.24
C ALA E 48 48.52 16.98 15.13
N ALA E 49 48.22 16.57 13.89
CA ALA E 49 47.57 15.28 13.67
C ALA E 49 48.35 14.13 14.28
N HIS E 50 49.68 14.24 14.32
CA HIS E 50 50.50 13.15 14.82
C HIS E 50 50.45 13.01 16.33
N LYS E 51 49.88 13.98 17.05
CA LYS E 51 49.64 13.84 18.48
C LYS E 51 48.31 13.14 18.77
N ILE E 52 47.60 12.72 17.74
CA ILE E 52 46.29 12.08 17.88
C ILE E 52 46.43 10.62 17.47
N MET E 53 45.89 9.72 18.29
CA MET E 53 45.81 8.31 17.93
C MET E 53 44.35 7.89 18.05
N ALA E 54 43.87 7.09 17.11
CA ALA E 54 42.51 6.59 17.12
C ALA E 54 42.50 5.09 16.87
N SER E 55 41.57 4.38 17.51
CA SER E 55 41.52 2.94 17.38
C SER E 55 40.11 2.47 17.03
N SER E 56 40.04 1.46 16.17
N SER E 56 40.04 1.48 16.15
CA SER E 56 38.82 0.80 15.77
CA SER E 56 38.79 0.80 15.78
C SER E 56 39.15 -0.64 15.45
C SER E 56 39.14 -0.64 15.44
N PRO E 57 38.22 -1.58 15.67
CA PRO E 57 38.52 -2.98 15.35
C PRO E 57 38.65 -3.24 13.86
N ASP E 58 38.06 -2.41 13.01
CA ASP E 58 38.14 -2.54 11.56
C ASP E 58 38.98 -1.40 11.01
N MET E 59 40.21 -1.71 10.60
CA MET E 59 41.10 -0.72 10.00
C MET E 59 40.78 -0.42 8.54
N ASP E 60 39.69 -0.96 8.01
CA ASP E 60 39.28 -0.74 6.63
C ASP E 60 38.17 0.29 6.51
N LEU E 61 37.71 0.87 7.61
CA LEU E 61 36.61 1.82 7.57
C LEU E 61 37.03 3.08 6.82
N ALA E 62 36.03 3.76 6.24
CA ALA E 62 36.29 5.00 5.52
C ALA E 62 36.74 6.11 6.47
N THR E 63 36.15 6.19 7.66
CA THR E 63 36.59 7.17 8.64
C THR E 63 38.03 6.92 9.04
N VAL E 64 38.43 5.65 9.11
CA VAL E 64 39.80 5.28 9.44
C VAL E 64 40.75 5.75 8.34
N SER E 65 40.35 5.63 7.07
CA SER E 65 41.20 6.07 5.98
C SER E 65 41.30 7.60 5.97
N ALA E 66 40.21 8.28 6.28
CA ALA E 66 40.22 9.74 6.30
C ALA E 66 41.15 10.26 7.39
N LEU E 67 41.05 9.70 8.59
CA LEU E 67 41.96 10.06 9.68
C LEU E 67 43.41 9.79 9.31
N ARG E 68 43.66 8.67 8.62
CA ARG E 68 45.04 8.32 8.25
C ARG E 68 45.62 9.36 7.31
N LYS E 69 44.82 9.82 6.34
CA LYS E 69 45.29 10.85 5.41
C LYS E 69 45.60 12.16 6.12
N MET E 70 44.85 12.48 7.17
CA MET E 70 45.13 13.68 7.94
C MET E 70 46.46 13.61 8.69
N GLY E 71 47.01 12.41 8.87
CA GLY E 71 48.20 12.22 9.68
C GLY E 71 47.95 11.67 11.06
N VAL E 72 46.71 11.28 11.38
CA VAL E 72 46.41 10.68 12.68
C VAL E 72 46.98 9.28 12.73
N LYS E 73 47.51 8.90 13.90
CA LYS E 73 48.00 7.55 14.12
C LYS E 73 46.84 6.60 14.33
N LEU E 74 46.87 5.43 13.68
CA LEU E 74 45.78 4.48 13.81
C LEU E 74 46.30 3.12 14.27
N THR E 75 45.44 2.40 14.99
CA THR E 75 45.75 1.07 15.48
C THR E 75 44.45 0.34 15.76
N PRO E 76 44.41 -0.98 15.56
CA PRO E 76 43.23 -1.74 15.99
C PRO E 76 43.17 -1.98 17.50
N HIS E 77 44.24 -1.68 18.24
CA HIS E 77 44.37 -2.07 19.64
C HIS E 77 44.04 -0.88 20.55
N ASN E 78 42.93 -0.98 21.28
CA ASN E 78 42.53 0.09 22.19
C ASN E 78 43.56 0.32 23.28
N LYS E 79 44.29 -0.71 23.70
CA LYS E 79 45.33 -0.50 24.71
C LYS E 79 46.39 0.46 24.21
N GLU E 80 46.74 0.38 22.93
CA GLU E 80 47.78 1.26 22.39
C GLU E 80 47.33 2.71 22.41
N THR E 81 46.06 2.96 22.07
CA THR E 81 45.53 4.33 22.18
C THR E 81 45.64 4.83 23.62
N VAL E 82 45.30 3.98 24.59
CA VAL E 82 45.36 4.38 25.99
C VAL E 82 46.79 4.74 26.38
N GLN E 83 47.75 3.93 25.94
CA GLN E 83 49.15 4.19 26.27
C GLN E 83 49.68 5.45 25.61
N HIS E 84 49.19 5.77 24.41
CA HIS E 84 49.60 7.00 23.71
C HIS E 84 49.07 8.26 24.37
N SER E 85 47.90 8.18 25.00
CA SER E 85 47.09 9.36 25.25
C SER E 85 47.28 9.92 26.66
N ASP E 86 47.15 11.25 26.75
CA ASP E 86 46.88 11.93 28.01
C ASP E 86 45.38 12.20 28.16
N VAL E 87 44.79 12.86 27.16
CA VAL E 87 43.35 13.06 27.08
C VAL E 87 42.79 11.94 26.21
N LEU E 88 41.86 11.15 26.76
CA LEU E 88 41.31 9.97 26.09
C LEU E 88 39.83 10.20 25.84
N PHE E 89 39.45 10.37 24.57
CA PHE E 89 38.05 10.48 24.17
C PHE E 89 37.46 9.10 23.95
N LEU E 90 36.29 8.85 24.52
CA LEU E 90 35.51 7.66 24.24
C LEU E 90 34.48 8.02 23.17
N ALA E 91 34.66 7.51 21.97
CA ALA E 91 33.81 7.86 20.84
C ALA E 91 33.26 6.61 20.16
N VAL E 92 32.84 5.64 20.96
CA VAL E 92 32.12 4.49 20.47
C VAL E 92 30.64 4.67 20.76
N LYS E 93 29.81 3.85 20.12
CA LYS E 93 28.38 3.89 20.38
C LYS E 93 28.11 3.62 21.86
N PRO E 94 27.04 4.20 22.42
CA PRO E 94 26.82 4.08 23.87
C PRO E 94 26.80 2.65 24.42
N HIS E 95 26.19 1.70 23.72
CA HIS E 95 26.15 0.35 24.29
C HIS E 95 27.52 -0.33 24.31
N ILE E 96 28.52 0.22 23.62
CA ILE E 96 29.86 -0.36 23.63
C ILE E 96 30.72 0.24 24.74
N ILE E 97 30.31 1.38 25.33
CA ILE E 97 31.08 1.99 26.41
C ILE E 97 31.41 1.01 27.53
N PRO E 98 30.46 0.25 28.09
CA PRO E 98 30.84 -0.67 29.19
C PRO E 98 31.85 -1.72 28.75
N PHE E 99 31.74 -2.19 27.51
CA PHE E 99 32.70 -3.16 27.00
C PHE E 99 34.11 -2.60 26.95
N ILE E 100 34.28 -1.37 26.45
CA ILE E 100 35.65 -0.88 26.34
C ILE E 100 36.18 -0.41 27.70
N LEU E 101 35.30 -0.01 28.62
CA LEU E 101 35.77 0.32 29.97
C LEU E 101 36.32 -0.93 30.65
N ASP E 102 35.65 -2.06 30.50
CA ASP E 102 36.18 -3.32 31.01
C ASP E 102 37.50 -3.68 30.36
N GLU E 103 37.65 -3.36 29.07
CA GLU E 103 38.87 -3.74 28.35
C GLU E 103 40.07 -2.89 28.76
N ILE E 104 39.86 -1.58 28.93
CA ILE E 104 40.97 -0.65 29.16
C ILE E 104 41.12 -0.24 30.62
N GLY E 105 40.20 -0.64 31.50
CA GLY E 105 40.23 -0.13 32.87
C GLY E 105 41.56 -0.36 33.57
N ALA E 106 42.17 -1.52 33.37
CA ALA E 106 43.44 -1.80 34.05
C ALA E 106 44.59 -0.99 33.48
N ASP E 107 44.38 -0.27 32.38
CA ASP E 107 45.41 0.53 31.72
C ASP E 107 45.27 2.02 31.98
N ILE E 108 44.21 2.45 32.68
CA ILE E 108 44.10 3.87 33.03
C ILE E 108 45.13 4.20 34.09
N GLU E 109 45.83 5.32 33.90
CA GLU E 109 46.88 5.80 34.79
C GLU E 109 46.45 7.08 35.49
N ASP E 110 47.31 7.53 36.41
CA ASP E 110 47.07 8.78 37.12
C ASP E 110 46.93 9.95 36.13
N ARG E 111 47.68 9.91 35.04
CA ARG E 111 47.75 11.03 34.10
C ARG E 111 46.52 11.16 33.20
N HIS E 112 45.66 10.15 33.15
CA HIS E 112 44.61 10.12 32.13
C HIS E 112 43.42 11.00 32.50
N ILE E 113 42.95 11.77 31.52
CA ILE E 113 41.63 12.38 31.57
C ILE E 113 40.76 11.64 30.56
N VAL E 114 39.72 10.97 31.06
CA VAL E 114 38.82 10.18 30.23
C VAL E 114 37.62 11.07 29.90
N VAL E 115 37.41 11.35 28.61
CA VAL E 115 36.33 12.22 28.15
C VAL E 115 35.33 11.35 27.40
N SER E 116 34.18 11.09 28.01
CA SER E 116 33.15 10.31 27.33
C SER E 116 32.30 11.24 26.48
N CYS E 117 32.20 10.93 25.18
CA CYS E 117 31.30 11.67 24.30
C CYS E 117 29.99 10.94 24.08
N ALA E 118 29.79 9.78 24.72
CA ALA E 118 28.68 8.91 24.37
C ALA E 118 27.36 9.51 24.84
N ALA E 119 26.37 9.53 23.96
CA ALA E 119 25.05 10.00 24.35
C ALA E 119 24.50 9.18 25.50
N GLY E 120 23.93 9.87 26.49
CA GLY E 120 23.18 9.24 27.55
C GLY E 120 24.00 8.66 28.69
N VAL E 121 25.24 8.23 28.42
CA VAL E 121 26.01 7.45 29.39
C VAL E 121 26.46 8.36 30.53
N THR E 122 26.11 7.99 31.76
CA THR E 122 26.39 8.84 32.92
C THR E 122 27.82 8.73 33.43
N ILE E 123 28.29 9.83 34.02
CA ILE E 123 29.58 9.84 34.70
C ILE E 123 29.63 8.77 35.77
N SER E 124 28.53 8.61 36.52
CA SER E 124 28.44 7.59 37.55
C SER E 124 28.78 6.20 36.99
N SER E 125 28.12 5.82 35.89
CA SER E 125 28.34 4.49 35.33
C SER E 125 29.78 4.31 34.86
N ILE E 126 30.39 5.36 34.31
CA ILE E 126 31.78 5.26 33.87
C ILE E 126 32.72 5.15 35.06
N GLU E 127 32.56 6.04 36.05
CA GLU E 127 33.43 5.97 37.23
C GLU E 127 33.28 4.65 37.96
N LYS E 128 32.08 4.06 37.95
CA LYS E 128 31.89 2.79 38.63
C LYS E 128 32.70 1.68 37.97
N LYS E 129 32.65 1.61 36.63
CA LYS E 129 33.43 0.60 35.90
C LYS E 129 34.92 0.82 36.08
N LEU E 130 35.40 2.07 35.94
CA LEU E 130 36.83 2.30 35.98
C LEU E 130 37.40 2.16 37.40
N SER E 131 36.59 2.47 38.41
CA SER E 131 37.08 2.43 39.79
C SER E 131 37.29 1.02 40.29
N ALA E 132 36.67 0.02 39.64
CA ALA E 132 36.93 -1.37 39.95
C ALA E 132 38.37 -1.76 39.66
N PHE E 133 39.04 -1.05 38.74
CA PHE E 133 40.43 -1.32 38.42
C PHE E 133 41.39 -0.42 39.19
N ARG E 134 41.07 0.86 39.31
CA ARG E 134 41.99 1.81 39.88
C ARG E 134 41.18 2.97 40.43
N PRO E 135 41.41 3.39 41.68
CA PRO E 135 40.57 4.44 42.26
C PRO E 135 40.81 5.79 41.60
N ALA E 136 39.83 6.66 41.75
CA ALA E 136 39.90 8.05 41.33
C ALA E 136 40.15 8.27 39.84
N PRO E 137 39.42 7.61 38.94
CA PRO E 137 39.52 7.99 37.52
C PRO E 137 39.03 9.42 37.33
N ARG E 138 39.77 10.19 36.51
CA ARG E 138 39.41 11.56 36.14
C ARG E 138 38.52 11.51 34.90
N VAL E 139 37.23 11.78 35.07
CA VAL E 139 36.23 11.59 34.04
C VAL E 139 35.52 12.90 33.77
N ILE E 140 35.33 13.20 32.49
CA ILE E 140 34.54 14.33 32.02
C ILE E 140 33.57 13.76 30.99
N ARG E 141 32.32 14.20 31.06
CA ARG E 141 31.32 13.81 30.08
C ARG E 141 31.00 15.02 29.20
N CYS E 142 30.91 14.81 27.90
CA CYS E 142 30.56 15.92 27.05
C CYS E 142 29.47 15.51 26.08
N MET E 143 28.82 16.52 25.51
CA MET E 143 27.93 16.32 24.39
C MET E 143 28.30 17.39 23.40
N THR E 144 28.53 17.00 22.15
CA THR E 144 29.01 17.94 21.16
C THR E 144 28.12 17.71 19.94
N ASN E 145 28.59 18.10 18.76
CA ASN E 145 27.82 17.79 17.54
C ASN E 145 28.77 17.82 16.35
N THR E 146 28.27 17.34 15.22
CA THR E 146 29.16 17.13 14.07
C THR E 146 29.78 18.42 13.54
N PRO E 147 29.16 19.61 13.65
CA PRO E 147 29.81 20.81 13.10
C PRO E 147 31.15 21.19 13.73
N VAL E 148 31.64 20.44 14.74
CA VAL E 148 33.04 20.63 15.11
C VAL E 148 33.96 20.42 13.92
N VAL E 149 33.50 19.68 12.89
CA VAL E 149 34.30 19.43 11.71
C VAL E 149 34.60 20.72 10.95
N VAL E 150 33.77 21.75 11.09
CA VAL E 150 34.03 23.06 10.52
C VAL E 150 34.25 24.11 11.61
N ARG E 151 34.64 23.66 12.81
CA ARG E 151 34.99 24.54 13.92
C ARG E 151 33.81 25.40 14.36
N GLU E 152 32.59 24.90 14.20
CA GLU E 152 31.39 25.59 14.68
C GLU E 152 30.50 24.64 15.47
N GLY E 153 31.11 23.78 16.27
CA GLY E 153 30.36 22.90 17.13
C GLY E 153 29.70 23.63 18.27
N ALA E 154 28.81 22.90 18.95
CA ALA E 154 28.17 23.34 20.17
C ALA E 154 28.41 22.24 21.20
N THR E 155 29.18 22.54 22.24
CA THR E 155 29.66 21.51 23.14
C THR E 155 29.40 21.90 24.59
N VAL E 156 28.87 20.95 25.38
CA VAL E 156 28.81 21.14 26.82
C VAL E 156 29.55 19.99 27.48
N TYR E 157 30.03 20.24 28.70
CA TYR E 157 30.75 19.20 29.44
C TYR E 157 30.41 19.32 30.92
N ALA E 158 30.45 18.18 31.62
CA ALA E 158 30.33 18.13 33.06
C ALA E 158 31.51 17.37 33.62
N THR E 159 32.03 17.83 34.74
CA THR E 159 33.21 17.22 35.34
C THR E 159 32.82 16.17 36.36
N GLY E 160 33.61 15.10 36.43
CA GLY E 160 33.33 14.00 37.35
C GLY E 160 33.91 14.22 38.73
N THR E 161 33.73 13.17 39.56
CA THR E 161 34.07 13.24 40.97
C THR E 161 35.54 13.57 41.21
N HIS E 162 36.43 13.01 40.39
CA HIS E 162 37.86 13.12 40.63
C HIS E 162 38.56 14.01 39.61
N ALA E 163 37.81 14.64 38.71
CA ALA E 163 38.41 15.59 37.80
C ALA E 163 38.97 16.77 38.59
N GLN E 164 40.22 17.14 38.32
CA GLN E 164 40.76 18.33 38.96
C GLN E 164 40.22 19.57 38.27
N VAL E 165 40.36 20.71 38.95
CA VAL E 165 39.82 21.96 38.42
C VAL E 165 40.46 22.29 37.08
N GLU E 166 41.76 22.04 36.94
CA GLU E 166 42.42 22.29 35.65
C GLU E 166 41.98 21.32 34.57
N ASP E 167 41.41 20.17 34.93
CA ASP E 167 40.91 19.25 33.90
C ASP E 167 39.73 19.87 33.15
N GLY E 168 38.81 20.51 33.88
CA GLY E 168 37.72 21.20 33.22
C GLY E 168 38.22 22.33 32.35
N ARG E 169 39.17 23.12 32.86
CA ARG E 169 39.70 24.24 32.08
C ARG E 169 40.41 23.76 30.83
N LEU E 170 41.23 22.70 30.94
CA LEU E 170 41.89 22.14 29.78
C LEU E 170 40.87 21.70 28.73
N MET E 171 39.84 20.98 29.16
CA MET E 171 38.85 20.50 28.20
C MET E 171 38.08 21.64 27.57
N GLU E 172 37.73 22.67 28.35
CA GLU E 172 37.05 23.81 27.74
C GLU E 172 37.95 24.53 26.73
N GLN E 173 39.25 24.62 27.03
CA GLN E 173 40.16 25.27 26.09
C GLN E 173 40.26 24.47 24.80
N LEU E 174 40.39 23.14 24.91
CA LEU E 174 40.44 22.28 23.73
C LEU E 174 39.16 22.36 22.90
N LEU E 175 38.01 22.16 23.53
CA LEU E 175 36.76 22.10 22.77
C LEU E 175 36.34 23.47 22.26
N SER E 176 36.77 24.55 22.93
CA SER E 176 36.49 25.89 22.42
C SER E 176 37.18 26.16 21.09
N SER E 177 38.23 25.40 20.77
CA SER E 177 38.90 25.61 19.50
C SER E 177 38.06 25.16 18.31
N VAL E 178 37.00 24.38 18.55
CA VAL E 178 36.17 23.86 17.47
C VAL E 178 34.72 24.30 17.58
N GLY E 179 34.44 25.32 18.38
CA GLY E 179 33.08 25.83 18.50
C GLY E 179 32.80 26.38 19.89
N PHE E 180 31.51 26.56 20.17
CA PHE E 180 31.06 26.99 21.47
C PHE E 180 31.28 25.88 22.47
N CYS E 181 31.68 26.23 23.69
CA CYS E 181 31.87 25.21 24.72
C CYS E 181 31.62 25.85 26.09
N THR E 182 30.82 25.19 26.92
CA THR E 182 30.62 25.70 28.27
C THR E 182 30.38 24.53 29.23
N GLU E 183 30.69 24.75 30.50
CA GLU E 183 30.41 23.74 31.51
C GLU E 183 28.92 23.78 31.89
N VAL E 184 28.35 22.59 32.14
CA VAL E 184 26.98 22.46 32.63
C VAL E 184 26.96 21.43 33.75
N GLU E 185 25.88 21.46 34.53
CA GLU E 185 25.54 20.32 35.38
C GLU E 185 25.18 19.12 34.52
N GLU E 186 25.58 17.92 34.98
CA GLU E 186 25.34 16.74 34.16
C GLU E 186 23.85 16.55 33.88
N ASP E 187 22.97 16.96 34.78
CA ASP E 187 21.57 16.67 34.53
C ASP E 187 20.98 17.51 33.40
N LEU E 188 21.75 18.41 32.78
CA LEU E 188 21.29 19.12 31.58
C LEU E 188 21.67 18.42 30.29
N ILE E 189 22.55 17.42 30.33
CA ILE E 189 23.19 16.98 29.09
C ILE E 189 22.21 16.25 28.17
N ASP E 190 21.28 15.47 28.72
CA ASP E 190 20.33 14.77 27.84
C ASP E 190 19.43 15.74 27.09
N ALA E 191 19.08 16.87 27.72
CA ALA E 191 18.30 17.90 27.02
C ALA E 191 19.15 18.61 25.97
N VAL E 192 20.43 18.90 26.29
CA VAL E 192 21.34 19.45 25.30
C VAL E 192 21.44 18.51 24.11
N THR E 193 21.49 17.20 24.38
CA THR E 193 21.55 16.21 23.31
C THR E 193 20.38 16.39 22.35
N GLY E 194 19.19 16.65 22.88
CA GLY E 194 18.00 16.78 22.05
C GLY E 194 17.96 18.07 21.26
N LEU E 195 18.67 19.09 21.75
CA LEU E 195 18.68 20.41 21.11
C LEU E 195 19.87 20.51 20.16
N SER E 196 21.09 20.63 20.68
CA SER E 196 22.24 20.84 19.79
C SER E 196 22.87 19.55 19.29
N GLY E 197 22.68 18.41 19.97
CA GLY E 197 23.22 17.18 19.45
C GLY E 197 22.48 16.72 18.20
N SER E 198 21.15 16.60 18.29
CA SER E 198 20.31 16.31 17.14
C SER E 198 20.09 17.52 16.25
N GLY E 199 20.30 18.72 16.78
CA GLY E 199 20.09 19.96 16.04
C GLY E 199 20.50 20.02 14.59
N PRO E 200 21.72 19.61 14.26
CA PRO E 200 22.15 19.65 12.84
C PRO E 200 21.21 18.89 11.93
N ALA E 201 20.68 17.75 12.37
CA ALA E 201 19.75 17.01 11.52
C ALA E 201 18.46 17.80 11.27
N TYR E 202 17.96 18.52 12.28
CA TYR E 202 16.78 19.36 12.04
C TYR E 202 17.10 20.40 10.98
N ALA E 203 18.30 20.98 11.04
CA ALA E 203 18.71 22.00 10.08
C ALA E 203 18.90 21.41 8.68
N PHE E 204 19.50 20.22 8.58
CA PHE E 204 19.64 19.58 7.27
C PHE E 204 18.28 19.29 6.64
N THR E 205 17.32 18.83 7.46
CA THR E 205 15.96 18.59 6.97
C THR E 205 15.34 19.89 6.49
N ALA E 206 15.44 20.95 7.30
CA ALA E 206 14.91 22.25 6.92
C ALA E 206 15.54 22.78 5.65
N LEU E 207 16.88 22.63 5.51
CA LEU E 207 17.56 23.17 4.33
C LEU E 207 17.16 22.40 3.07
N ASP E 208 17.02 21.08 3.17
CA ASP E 208 16.53 20.30 2.03
C ASP E 208 15.15 20.77 1.59
N ALA E 209 14.25 21.00 2.55
CA ALA E 209 12.89 21.45 2.24
C ALA E 209 12.87 22.88 1.72
N LEU E 210 13.67 23.78 2.31
CA LEU E 210 13.76 25.14 1.78
C LEU E 210 14.24 25.13 0.35
N ALA E 211 15.22 24.27 0.05
CA ALA E 211 15.70 24.15 -1.33
C ALA E 211 14.60 23.66 -2.26
N ASP E 212 13.81 22.66 -1.82
CA ASP E 212 12.65 22.19 -2.60
C ASP E 212 11.68 23.33 -2.89
N GLY E 213 11.45 24.20 -1.90
CA GLY E 213 10.61 25.36 -2.13
C GLY E 213 11.20 26.31 -3.15
N GLY E 214 12.50 26.61 -3.02
CA GLY E 214 13.17 27.41 -4.05
C GLY E 214 13.05 26.81 -5.43
N VAL E 215 13.25 25.49 -5.52
CA VAL E 215 13.12 24.82 -6.82
C VAL E 215 11.70 24.90 -7.34
N LYS E 216 10.70 24.70 -6.45
CA LYS E 216 9.31 24.80 -6.89
C LYS E 216 9.04 26.16 -7.51
N MET E 217 9.63 27.21 -6.98
CA MET E 217 9.39 28.56 -7.46
C MET E 217 10.33 28.99 -8.58
N GLY E 218 11.15 28.07 -9.10
CA GLY E 218 11.88 28.33 -10.32
C GLY E 218 13.39 28.44 -10.19
N LEU E 219 13.97 28.22 -8.99
CA LEU E 219 15.42 28.32 -8.81
C LEU E 219 16.11 27.00 -9.14
N PRO E 220 17.27 27.04 -9.78
CA PRO E 220 18.09 25.83 -9.88
C PRO E 220 18.43 25.30 -8.49
N ARG E 221 18.53 23.97 -8.41
CA ARG E 221 18.75 23.31 -7.13
CA ARG E 221 18.75 23.32 -7.12
C ARG E 221 20.02 23.82 -6.44
N ARG E 222 21.12 23.88 -7.17
CA ARG E 222 22.39 24.28 -6.54
C ARG E 222 22.30 25.69 -5.95
N LEU E 223 21.66 26.61 -6.68
CA LEU E 223 21.49 27.96 -6.15
C LEU E 223 20.55 27.97 -4.95
N ALA E 224 19.46 27.20 -5.02
CA ALA E 224 18.52 27.16 -3.91
C ALA E 224 19.17 26.62 -2.65
N VAL E 225 19.99 25.58 -2.78
CA VAL E 225 20.70 25.02 -1.62
C VAL E 225 21.65 26.05 -1.03
N ARG E 226 22.42 26.71 -1.90
CA ARG E 226 23.41 27.69 -1.47
C ARG E 226 22.75 28.85 -0.75
N LEU E 227 21.67 29.39 -1.33
CA LEU E 227 20.99 30.53 -0.71
C LEU E 227 20.32 30.16 0.59
N GLY E 228 19.68 28.99 0.65
CA GLY E 228 19.01 28.57 1.87
C GLY E 228 19.99 28.38 3.02
N ALA E 229 21.10 27.69 2.75
CA ALA E 229 22.12 27.49 3.78
C ALA E 229 22.71 28.83 4.22
N GLN E 230 23.00 29.72 3.27
CA GLN E 230 23.55 31.03 3.62
C GLN E 230 22.57 31.82 4.48
N ALA E 231 21.27 31.77 4.12
CA ALA E 231 20.25 32.46 4.92
C ALA E 231 20.21 31.93 6.35
N LEU E 232 20.27 30.61 6.50
CA LEU E 232 20.26 30.02 7.84
C LEU E 232 21.51 30.40 8.61
N LEU E 233 22.68 30.32 7.96
CA LEU E 233 23.92 30.68 8.62
C LEU E 233 23.89 32.13 9.07
N GLY E 234 23.53 33.04 8.16
CA GLY E 234 23.52 34.45 8.50
C GLY E 234 22.55 34.76 9.62
N ALA E 235 21.36 34.15 9.58
CA ALA E 235 20.36 34.41 10.61
C ALA E 235 20.85 33.95 11.97
N ALA E 236 21.44 32.75 12.02
CA ALA E 236 22.00 32.25 13.27
C ALA E 236 23.10 33.16 13.78
N LYS E 237 23.98 33.63 12.88
CA LYS E 237 25.04 34.52 13.32
C LYS E 237 24.47 35.84 13.83
N MET E 238 23.45 36.38 13.17
CA MET E 238 22.79 37.59 13.65
C MET E 238 22.29 37.41 15.09
N LEU E 239 21.66 36.28 15.35
CA LEU E 239 21.10 36.05 16.68
C LEU E 239 22.22 35.94 17.72
N LEU E 240 23.30 35.22 17.38
CA LEU E 240 24.42 35.10 18.31
C LEU E 240 25.06 36.45 18.62
N HIS E 241 25.08 37.37 17.65
CA HIS E 241 25.71 38.67 17.85
C HIS E 241 24.75 39.75 18.33
N SER E 242 23.47 39.46 18.48
CA SER E 242 22.50 40.48 18.84
C SER E 242 22.11 40.37 20.31
N GLU E 243 21.71 41.50 20.88
CA GLU E 243 21.15 41.52 22.21
C GLU E 243 19.63 41.37 22.20
N GLN E 244 19.03 41.28 21.01
CA GLN E 244 17.59 41.33 20.88
C GLN E 244 16.97 39.93 20.83
N HIS E 245 15.71 39.87 21.22
CA HIS E 245 14.98 38.62 21.20
C HIS E 245 14.78 38.15 19.75
N PRO E 246 14.86 36.84 19.49
CA PRO E 246 14.57 36.35 18.13
C PRO E 246 13.24 36.85 17.57
N GLY E 247 12.24 37.05 18.42
CA GLY E 247 10.99 37.64 17.94
C GLY E 247 11.15 39.07 17.44
N GLN E 248 12.04 39.84 18.07
CA GLN E 248 12.31 41.20 17.60
C GLN E 248 13.04 41.17 16.28
N LEU E 249 14.01 40.26 16.12
CA LEU E 249 14.69 40.13 14.83
C LEU E 249 13.72 39.68 13.76
N LYS E 250 12.81 38.78 14.10
CA LYS E 250 11.76 38.37 13.17
C LYS E 250 10.87 39.55 12.81
N ASP E 251 10.49 40.36 13.81
CA ASP E 251 9.67 41.55 13.55
C ASP E 251 10.36 42.49 12.57
N ASN E 252 11.68 42.65 12.69
CA ASN E 252 12.42 43.53 11.79
C ASN E 252 12.41 43.02 10.36
N VAL E 253 12.29 41.70 10.15
CA VAL E 253 12.24 41.17 8.79
C VAL E 253 10.87 41.45 8.14
N SER E 254 9.81 41.43 8.94
CA SER E 254 8.43 41.39 8.41
C SER E 254 7.93 42.80 8.11
N SER E 255 7.96 43.18 6.83
CA SER E 255 7.31 44.44 6.47
C SER E 255 5.78 44.29 6.43
N PRO E 256 5.05 45.33 6.80
CA PRO E 256 3.58 45.24 6.85
C PRO E 256 3.00 44.92 5.48
N GLY E 257 2.12 43.92 5.46
CA GLY E 257 1.47 43.43 4.26
C GLY E 257 2.37 42.64 3.35
N GLY E 258 3.62 42.41 3.75
CA GLY E 258 4.65 41.99 2.84
C GLY E 258 4.80 40.48 2.70
N ALA E 259 5.85 40.12 1.94
CA ALA E 259 6.07 38.73 1.59
C ALA E 259 6.40 37.88 2.82
N THR E 260 7.29 38.36 3.68
CA THR E 260 7.72 37.57 4.83
C THR E 260 6.55 37.29 5.78
N ILE E 261 5.75 38.29 6.10
CA ILE E 261 4.67 38.06 7.05
C ILE E 261 3.64 37.10 6.46
N HIS E 262 3.41 37.14 5.14
CA HIS E 262 2.57 36.12 4.52
C HIS E 262 3.16 34.72 4.68
N ALA E 263 4.47 34.58 4.52
CA ALA E 263 5.10 33.27 4.67
C ALA E 263 5.08 32.81 6.12
N LEU E 264 5.31 33.73 7.07
CA LEU E 264 5.24 33.33 8.48
C LEU E 264 3.85 32.81 8.84
N HIS E 265 2.80 33.40 8.26
CA HIS E 265 1.46 32.91 8.55
C HIS E 265 1.30 31.43 8.17
N VAL E 266 1.80 31.03 6.98
CA VAL E 266 1.59 29.63 6.61
C VAL E 266 2.42 28.70 7.48
N LEU E 267 3.59 29.14 7.95
CA LEU E 267 4.31 28.36 8.96
C LEU E 267 3.46 28.19 10.21
N GLU E 268 2.92 29.29 10.75
CA GLU E 268 2.08 29.21 11.94
C GLU E 268 0.87 28.31 11.73
N SER E 269 0.26 28.37 10.54
CA SER E 269 -0.94 27.56 10.35
C SER E 269 -0.65 26.07 10.39
N GLY E 270 0.58 25.67 10.08
CA GLY E 270 0.97 24.27 10.22
C GLY E 270 1.54 23.90 11.56
N GLY E 271 1.55 24.81 12.53
CA GLY E 271 2.15 24.48 13.81
C GLY E 271 3.65 24.25 13.74
N PHE E 272 4.34 24.96 12.83
CA PHE E 272 5.79 24.87 12.68
C PHE E 272 6.51 24.87 14.01
N ARG E 273 6.20 25.84 14.87
CA ARG E 273 6.91 25.94 16.15
C ARG E 273 6.72 24.68 16.98
N SER E 274 5.48 24.17 17.02
CA SER E 274 5.23 22.97 17.82
C SER E 274 6.02 21.76 17.31
N LEU E 275 6.28 21.67 16.00
CA LEU E 275 7.03 20.53 15.50
C LEU E 275 8.47 20.53 16.03
N LEU E 276 9.09 21.70 16.07
CA LEU E 276 10.46 21.78 16.58
C LEU E 276 10.51 21.53 18.09
N ILE E 277 9.51 21.98 18.83
CA ILE E 277 9.41 21.60 20.25
C ILE E 277 9.27 20.09 20.37
N ASN E 278 8.36 19.50 19.58
CA ASN E 278 8.18 18.05 19.58
C ASN E 278 9.50 17.33 19.34
N ALA E 279 10.32 17.87 18.43
CA ALA E 279 11.56 17.21 18.07
C ALA E 279 12.57 17.21 19.22
N VAL E 280 12.81 18.38 19.84
CA VAL E 280 13.76 18.44 20.96
C VAL E 280 13.32 17.49 22.05
N GLU E 281 12.02 17.51 22.36
CA GLU E 281 11.45 16.64 23.37
C GLU E 281 11.65 15.17 23.02
N ALA E 282 11.36 14.79 21.77
CA ALA E 282 11.45 13.39 21.39
C ALA E 282 12.88 12.89 21.47
N SER E 283 13.84 13.69 21.02
CA SER E 283 15.25 13.29 21.11
C SER E 283 15.69 13.20 22.56
N CYS E 284 15.31 14.17 23.39
CA CYS E 284 15.68 14.12 24.80
C CYS E 284 15.08 12.91 25.49
N ILE E 285 13.80 12.64 25.24
CA ILE E 285 13.13 11.51 25.87
C ILE E 285 13.75 10.19 25.42
N ARG E 286 14.03 10.06 24.13
CA ARG E 286 14.66 8.84 23.66
C ARG E 286 16.03 8.65 24.29
N THR E 287 16.79 9.74 24.41
CA THR E 287 18.11 9.67 25.07
C THR E 287 17.97 9.15 26.49
N ARG E 288 17.00 9.67 27.24
CA ARG E 288 16.80 9.20 28.62
C ARG E 288 16.33 7.75 28.65
N GLU E 289 15.44 7.36 27.73
CA GLU E 289 14.94 6.00 27.68
C GLU E 289 16.06 5.00 27.35
N LEU E 290 16.96 5.35 26.44
CA LEU E 290 18.04 4.45 26.09
C LEU E 290 18.97 4.22 27.27
N GLN E 291 19.25 5.29 28.03
CA GLN E 291 20.11 5.12 29.20
C GLN E 291 19.41 4.34 30.30
N SER E 292 18.09 4.50 30.44
CA SER E 292 17.35 3.68 31.39
C SER E 292 17.45 2.21 31.04
N MET E 293 17.38 1.86 29.76
CA MET E 293 17.57 0.47 29.36
C MET E 293 18.98 -0.01 29.69
N ALA E 294 19.99 0.81 29.42
CA ALA E 294 21.36 0.43 29.75
C ALA E 294 21.52 0.20 31.25
N ASP E 295 20.98 1.12 32.07
CA ASP E 295 21.11 0.99 33.52
C ASP E 295 20.45 -0.29 34.03
N GLN E 296 19.29 -0.65 33.47
CA GLN E 296 18.66 -1.92 33.84
C GLN E 296 19.59 -3.09 33.53
N GLU E 297 20.27 -3.05 32.39
CA GLU E 297 21.24 -4.08 32.01
C GLU E 297 22.57 -3.88 32.74
#